data_2JV2
#
_entry.id   2JV2
#
_cell.length_a   1.000
_cell.length_b   1.000
_cell.length_c   1.000
_cell.angle_alpha   90.00
_cell.angle_beta   90.00
_cell.angle_gamma   90.00
#
_symmetry.space_group_name_H-M   'P 1'
#
_entity_poly.entity_id   1
_entity_poly.type   'polypeptide(L)'
_entity_poly.pdbx_seq_one_letter_code
;HHHHHHMEGVIMSELKLKPLPKVELPPDFVDVIRIKLQGKTVRTGDVIGISILGKEVKFKVVQAYPSPLRVEDRTKITLV
THP
;
_entity_poly.pdbx_strand_id   A
#
# COMPACT_ATOMS: atom_id res chain seq x y z
N GLU A 8 7.75 -8.65 27.21
CA GLU A 8 6.82 -8.23 26.12
C GLU A 8 7.60 -8.09 24.81
N GLY A 9 7.07 -8.64 23.73
CA GLY A 9 7.76 -8.55 22.41
C GLY A 9 7.35 -7.25 21.69
N VAL A 10 8.03 -6.91 20.63
CA VAL A 10 7.68 -5.67 19.86
C VAL A 10 6.68 -6.04 18.75
N ILE A 11 5.68 -5.21 18.55
CA ILE A 11 4.65 -5.48 17.50
C ILE A 11 4.85 -4.50 16.33
N MET A 12 4.85 -5.01 15.12
CA MET A 12 4.99 -4.13 13.91
C MET A 12 4.17 -4.68 12.74
N SER A 13 3.23 -3.90 12.25
CA SER A 13 2.39 -4.36 11.10
C SER A 13 2.90 -3.73 9.80
N GLU A 14 2.62 -4.38 8.68
CA GLU A 14 3.16 -3.88 7.36
C GLU A 14 2.24 -4.32 6.22
N LEU A 15 2.18 -3.53 5.16
CA LEU A 15 1.47 -3.94 3.92
C LEU A 15 2.41 -3.83 2.71
N LYS A 16 2.48 -4.87 1.91
CA LYS A 16 3.33 -4.84 0.68
C LYS A 16 2.45 -4.68 -0.56
N LEU A 17 2.80 -3.76 -1.43
CA LEU A 17 1.94 -3.45 -2.62
C LEU A 17 2.76 -3.54 -3.91
N LYS A 18 2.13 -3.84 -5.01
CA LYS A 18 2.83 -3.82 -6.34
C LYS A 18 1.98 -3.07 -7.38
N PRO A 19 2.56 -2.09 -8.08
CA PRO A 19 1.84 -1.44 -9.21
C PRO A 19 1.68 -2.43 -10.38
N LEU A 20 0.54 -2.42 -11.03
CA LEU A 20 0.33 -3.29 -12.23
C LEU A 20 0.98 -2.72 -13.53
N PRO A 21 0.80 -1.44 -13.91
CA PRO A 21 1.65 -0.88 -15.00
C PRO A 21 3.10 -0.74 -14.52
N LYS A 22 4.03 -0.66 -15.44
CA LYS A 22 5.48 -0.53 -15.05
C LYS A 22 5.82 0.92 -14.74
N VAL A 23 5.73 1.31 -13.48
CA VAL A 23 6.07 2.71 -13.08
C VAL A 23 6.67 2.71 -11.66
N GLU A 24 7.66 3.55 -11.43
CA GLU A 24 8.27 3.68 -10.07
C GLU A 24 8.06 5.10 -9.54
N LEU A 25 7.38 5.23 -8.42
CA LEU A 25 7.07 6.58 -7.86
C LEU A 25 8.14 6.99 -6.84
N PRO A 26 8.49 8.28 -6.77
CA PRO A 26 9.47 8.76 -5.75
C PRO A 26 8.99 8.46 -4.32
N PRO A 27 9.90 8.54 -3.35
CA PRO A 27 9.58 8.14 -1.94
C PRO A 27 8.54 9.05 -1.27
N ASP A 28 8.17 10.16 -1.89
CA ASP A 28 7.12 11.05 -1.27
C ASP A 28 5.72 10.47 -1.49
N PHE A 29 5.52 9.71 -2.56
CA PHE A 29 4.17 9.13 -2.85
C PHE A 29 3.69 8.22 -1.70
N VAL A 30 4.57 7.38 -1.19
CA VAL A 30 4.14 6.33 -0.20
C VAL A 30 3.50 6.99 1.05
N ASP A 31 3.98 8.16 1.41
CA ASP A 31 3.40 8.90 2.59
C ASP A 31 2.00 9.41 2.23
N VAL A 32 1.83 9.93 1.04
CA VAL A 32 0.49 10.51 0.63
C VAL A 32 -0.54 9.38 0.49
N ILE A 33 -0.13 8.25 -0.05
CA ILE A 33 -1.05 7.07 -0.19
C ILE A 33 -1.46 6.57 1.21
N ARG A 34 -0.53 6.49 2.13
CA ARG A 34 -0.84 6.03 3.53
C ARG A 34 -1.89 6.94 4.19
N ILE A 35 -1.78 8.24 4.00
CA ILE A 35 -2.75 9.21 4.63
C ILE A 35 -4.15 9.00 4.02
N LYS A 36 -4.23 8.83 2.72
CA LYS A 36 -5.56 8.62 2.05
C LYS A 36 -6.20 7.29 2.49
N LEU A 37 -5.41 6.25 2.59
CA LEU A 37 -5.99 4.87 2.75
C LEU A 37 -6.19 4.50 4.21
N GLN A 38 -5.35 5.03 5.10
CA GLN A 38 -5.39 4.61 6.56
C GLN A 38 -6.79 4.69 7.16
N GLY A 39 -7.10 3.80 8.09
CA GLY A 39 -8.49 3.70 8.64
C GLY A 39 -9.27 2.59 7.93
N LYS A 40 -8.92 2.28 6.68
CA LYS A 40 -9.56 1.15 5.97
C LYS A 40 -8.80 -0.15 6.22
N THR A 41 -9.46 -1.28 6.11
CA THR A 41 -8.79 -2.59 6.33
C THR A 41 -8.42 -3.23 4.99
N VAL A 42 -7.33 -3.98 4.96
CA VAL A 42 -6.83 -4.56 3.68
C VAL A 42 -6.56 -6.07 3.83
N ARG A 43 -6.81 -6.82 2.79
CA ARG A 43 -6.46 -8.28 2.79
C ARG A 43 -5.75 -8.65 1.49
N THR A 44 -4.85 -9.61 1.54
CA THR A 44 -4.06 -10.01 0.32
C THR A 44 -4.99 -10.39 -0.84
N GLY A 45 -4.66 -9.95 -2.04
CA GLY A 45 -5.47 -10.35 -3.25
C GLY A 45 -6.46 -9.24 -3.65
N ASP A 46 -6.76 -8.31 -2.76
CA ASP A 46 -7.68 -7.17 -3.12
C ASP A 46 -7.06 -6.30 -4.21
N VAL A 47 -7.89 -5.67 -5.02
CA VAL A 47 -7.39 -4.76 -6.09
C VAL A 47 -8.21 -3.46 -6.06
N ILE A 48 -7.55 -2.33 -6.08
CA ILE A 48 -8.26 -1.01 -6.07
C ILE A 48 -7.62 -0.03 -7.06
N GLY A 49 -8.40 0.87 -7.62
CA GLY A 49 -7.87 1.82 -8.64
C GLY A 49 -7.76 3.22 -8.04
N ILE A 50 -6.70 3.93 -8.34
CA ILE A 50 -6.53 5.34 -7.87
C ILE A 50 -6.25 6.25 -9.08
N SER A 51 -6.96 7.34 -9.18
CA SER A 51 -6.64 8.37 -10.22
C SER A 51 -5.63 9.38 -9.68
N ILE A 52 -4.49 9.50 -10.32
CA ILE A 52 -3.42 10.44 -9.84
C ILE A 52 -2.96 11.32 -11.01
N LEU A 53 -2.96 12.63 -10.82
CA LEU A 53 -2.42 13.59 -11.84
C LEU A 53 -3.03 13.35 -13.23
N GLY A 54 -4.27 12.91 -13.28
CA GLY A 54 -4.97 12.70 -14.58
C GLY A 54 -4.51 11.39 -15.24
N LYS A 55 -4.01 10.45 -14.46
CA LYS A 55 -3.57 9.13 -15.03
C LYS A 55 -4.09 7.98 -14.18
N GLU A 56 -4.74 7.02 -14.78
CA GLU A 56 -5.32 5.88 -13.99
C GLU A 56 -4.24 4.84 -13.70
N VAL A 57 -4.07 4.49 -12.44
CA VAL A 57 -3.11 3.40 -12.05
C VAL A 57 -3.84 2.36 -11.19
N LYS A 58 -3.66 1.09 -11.51
CA LYS A 58 -4.25 0.00 -10.67
C LYS A 58 -3.20 -0.54 -9.70
N PHE A 59 -3.56 -0.70 -8.44
CA PHE A 59 -2.62 -1.27 -7.44
C PHE A 59 -3.15 -2.61 -6.91
N LYS A 60 -2.32 -3.63 -6.88
CA LYS A 60 -2.72 -4.93 -6.28
C LYS A 60 -2.07 -5.10 -4.90
N VAL A 61 -2.79 -5.65 -3.96
CA VAL A 61 -2.21 -5.92 -2.60
C VAL A 61 -1.47 -7.26 -2.62
N VAL A 62 -0.16 -7.22 -2.43
CA VAL A 62 0.66 -8.46 -2.59
C VAL A 62 0.52 -9.33 -1.33
N GLN A 63 0.57 -8.71 -0.17
CA GLN A 63 0.49 -9.47 1.11
C GLN A 63 0.14 -8.54 2.28
N ALA A 64 -0.77 -8.96 3.13
CA ALA A 64 -1.07 -8.19 4.37
C ALA A 64 -0.48 -8.92 5.59
N TYR A 65 0.23 -8.21 6.43
CA TYR A 65 0.86 -8.84 7.63
C TYR A 65 0.50 -8.06 8.91
N PRO A 66 -0.22 -8.65 9.85
CA PRO A 66 -1.03 -9.90 9.66
C PRO A 66 -2.29 -9.60 8.84
N SER A 67 -2.93 -10.61 8.30
CA SER A 67 -4.21 -10.40 7.56
C SER A 67 -5.41 -10.82 8.44
N PRO A 68 -6.51 -10.08 8.43
CA PRO A 68 -6.59 -8.68 7.90
C PRO A 68 -5.89 -7.70 8.85
N LEU A 69 -5.58 -6.51 8.36
CA LEU A 69 -5.11 -5.41 9.27
C LEU A 69 -5.66 -4.06 8.80
N ARG A 70 -5.76 -3.11 9.69
CA ARG A 70 -6.08 -1.71 9.28
C ARG A 70 -4.78 -0.92 9.08
N VAL A 71 -4.77 -0.05 8.09
CA VAL A 71 -3.52 0.74 7.79
C VAL A 71 -3.49 1.99 8.68
N GLU A 72 -2.41 2.17 9.40
CA GLU A 72 -2.27 3.39 10.27
C GLU A 72 -0.90 4.05 10.03
N ASP A 73 -0.71 5.24 10.54
CA ASP A 73 0.62 5.95 10.38
C ASP A 73 1.77 5.13 10.98
N ARG A 74 1.48 4.29 11.96
CA ARG A 74 2.54 3.42 12.56
C ARG A 74 2.80 2.16 11.70
N THR A 75 1.85 1.79 10.85
CA THR A 75 2.06 0.61 9.95
C THR A 75 2.98 1.00 8.78
N LYS A 76 3.96 0.19 8.48
CA LYS A 76 4.93 0.50 7.39
C LYS A 76 4.40 -0.02 6.05
N ILE A 77 4.64 0.70 4.97
CA ILE A 77 4.22 0.24 3.62
C ILE A 77 5.42 0.24 2.67
N THR A 78 5.58 -0.80 1.89
CA THR A 78 6.75 -0.91 0.97
C THR A 78 6.29 -1.19 -0.46
N LEU A 79 6.92 -0.56 -1.42
CA LEU A 79 6.57 -0.80 -2.86
C LEU A 79 7.56 -1.79 -3.49
N VAL A 80 7.05 -2.84 -4.09
CA VAL A 80 7.94 -3.84 -4.76
C VAL A 80 8.07 -3.52 -6.25
N THR A 81 9.26 -3.62 -6.78
CA THR A 81 9.46 -3.47 -8.26
C THR A 81 10.61 -4.36 -8.74
N HIS A 82 10.71 -4.57 -10.03
CA HIS A 82 11.80 -5.42 -10.59
C HIS A 82 12.93 -4.55 -11.14
N PRO A 83 14.15 -5.08 -11.18
CA PRO A 83 15.30 -4.30 -11.70
C PRO A 83 15.16 -4.05 -13.20
N GLU A 8 5.92 -13.86 22.89
CA GLU A 8 5.35 -12.67 22.18
C GLU A 8 6.13 -11.40 22.56
N GLY A 9 6.22 -10.46 21.65
CA GLY A 9 6.97 -9.20 21.91
C GLY A 9 6.35 -8.06 21.10
N VAL A 10 7.18 -7.19 20.55
CA VAL A 10 6.66 -6.05 19.73
C VAL A 10 6.56 -6.48 18.27
N ILE A 11 5.44 -6.24 17.64
CA ILE A 11 5.25 -6.63 16.20
C ILE A 11 4.97 -5.37 15.36
N MET A 12 5.77 -5.15 14.34
CA MET A 12 5.49 -4.03 13.39
C MET A 12 4.55 -4.50 12.27
N SER A 13 3.38 -3.90 12.18
CA SER A 13 2.42 -4.26 11.09
C SER A 13 2.86 -3.63 9.77
N GLU A 14 2.58 -4.28 8.66
CA GLU A 14 3.10 -3.81 7.34
C GLU A 14 2.18 -4.26 6.20
N LEU A 15 2.14 -3.49 5.13
CA LEU A 15 1.43 -3.94 3.89
C LEU A 15 2.37 -3.83 2.69
N LYS A 16 2.48 -4.89 1.91
CA LYS A 16 3.33 -4.85 0.68
C LYS A 16 2.46 -4.75 -0.57
N LEU A 17 2.80 -3.84 -1.46
CA LEU A 17 1.94 -3.56 -2.66
C LEU A 17 2.78 -3.66 -3.93
N LYS A 18 2.14 -3.97 -5.04
CA LYS A 18 2.85 -3.96 -6.37
C LYS A 18 2.01 -3.19 -7.41
N PRO A 19 2.61 -2.24 -8.12
CA PRO A 19 1.89 -1.54 -9.20
C PRO A 19 1.74 -2.46 -10.42
N LEU A 20 0.61 -2.41 -11.09
CA LEU A 20 0.39 -3.24 -12.32
C LEU A 20 1.02 -2.61 -13.61
N PRO A 21 0.81 -1.31 -13.94
CA PRO A 21 1.65 -0.70 -15.01
C PRO A 21 3.10 -0.56 -14.54
N LYS A 22 4.02 -0.40 -15.47
CA LYS A 22 5.47 -0.27 -15.11
C LYS A 22 5.78 1.19 -14.73
N VAL A 23 5.80 1.49 -13.45
CA VAL A 23 6.10 2.87 -12.99
C VAL A 23 6.88 2.83 -11.66
N GLU A 24 7.84 3.73 -11.50
CA GLU A 24 8.61 3.80 -10.23
C GLU A 24 8.29 5.11 -9.49
N LEU A 25 7.61 5.02 -8.37
CA LEU A 25 7.19 6.25 -7.61
C LEU A 25 8.24 6.60 -6.54
N PRO A 26 8.71 7.85 -6.53
CA PRO A 26 9.71 8.27 -5.49
C PRO A 26 9.15 8.07 -4.06
N PRO A 27 10.03 8.15 -3.06
CA PRO A 27 9.65 7.80 -1.66
C PRO A 27 8.61 8.77 -1.06
N ASP A 28 8.31 9.87 -1.71
CA ASP A 28 7.28 10.81 -1.17
C ASP A 28 5.86 10.26 -1.40
N PHE A 29 5.67 9.49 -2.46
CA PHE A 29 4.29 8.96 -2.78
C PHE A 29 3.77 8.07 -1.65
N VAL A 30 4.60 7.19 -1.12
CA VAL A 30 4.10 6.16 -0.15
C VAL A 30 3.48 6.84 1.09
N ASP A 31 3.99 7.99 1.48
CA ASP A 31 3.41 8.74 2.64
C ASP A 31 2.05 9.30 2.26
N VAL A 32 1.91 9.84 1.06
CA VAL A 32 0.62 10.47 0.64
C VAL A 32 -0.45 9.38 0.47
N ILE A 33 -0.07 8.24 -0.07
CA ILE A 33 -1.04 7.09 -0.23
C ILE A 33 -1.48 6.60 1.17
N ARG A 34 -0.56 6.48 2.10
CA ARG A 34 -0.90 6.04 3.49
C ARG A 34 -1.94 6.97 4.14
N ILE A 35 -1.80 8.26 3.94
CA ILE A 35 -2.77 9.25 4.54
C ILE A 35 -4.16 9.07 3.90
N LYS A 36 -4.21 8.88 2.62
CA LYS A 36 -5.53 8.67 1.92
C LYS A 36 -6.19 7.37 2.36
N LEU A 37 -5.42 6.31 2.49
CA LEU A 37 -6.01 4.94 2.65
C LEU A 37 -6.23 4.59 4.12
N GLN A 38 -5.43 5.11 5.02
CA GLN A 38 -5.48 4.70 6.48
C GLN A 38 -6.91 4.76 7.05
N GLY A 39 -7.22 3.88 7.96
CA GLY A 39 -8.61 3.76 8.48
C GLY A 39 -9.37 2.64 7.75
N LYS A 40 -9.00 2.34 6.52
CA LYS A 40 -9.63 1.20 5.78
C LYS A 40 -8.87 -0.09 6.05
N THR A 41 -9.53 -1.22 5.91
CA THR A 41 -8.88 -2.54 6.16
C THR A 41 -8.45 -3.17 4.83
N VAL A 42 -7.36 -3.91 4.85
CA VAL A 42 -6.81 -4.50 3.59
C VAL A 42 -6.51 -6.00 3.78
N ARG A 43 -6.74 -6.78 2.76
CA ARG A 43 -6.38 -8.23 2.80
C ARG A 43 -5.69 -8.65 1.48
N THR A 44 -4.80 -9.61 1.54
CA THR A 44 -4.03 -10.04 0.31
C THR A 44 -4.98 -10.45 -0.82
N GLY A 45 -4.67 -10.03 -2.04
CA GLY A 45 -5.48 -10.45 -3.22
C GLY A 45 -6.48 -9.34 -3.62
N ASP A 46 -6.76 -8.40 -2.75
CA ASP A 46 -7.67 -7.26 -3.13
C ASP A 46 -7.05 -6.40 -4.25
N VAL A 47 -7.87 -5.79 -5.05
CA VAL A 47 -7.36 -4.88 -6.14
C VAL A 47 -8.17 -3.57 -6.12
N ILE A 48 -7.50 -2.45 -6.12
CA ILE A 48 -8.21 -1.13 -6.08
C ILE A 48 -7.54 -0.14 -7.06
N GLY A 49 -8.30 0.79 -7.58
CA GLY A 49 -7.75 1.78 -8.56
C GLY A 49 -7.64 3.15 -7.90
N ILE A 50 -6.58 3.87 -8.18
CA ILE A 50 -6.42 5.26 -7.67
C ILE A 50 -6.21 6.23 -8.84
N SER A 51 -6.90 7.35 -8.82
CA SER A 51 -6.63 8.44 -9.82
C SER A 51 -5.56 9.40 -9.29
N ILE A 52 -4.45 9.51 -9.99
CA ILE A 52 -3.35 10.43 -9.55
C ILE A 52 -2.99 11.38 -10.70
N LEU A 53 -3.05 12.67 -10.46
CA LEU A 53 -2.64 13.70 -11.49
C LEU A 53 -3.32 13.45 -12.86
N GLY A 54 -4.53 12.93 -12.84
CA GLY A 54 -5.28 12.69 -14.11
C GLY A 54 -4.78 11.42 -14.81
N LYS A 55 -4.19 10.49 -14.08
CA LYS A 55 -3.69 9.22 -14.68
C LYS A 55 -4.20 8.02 -13.87
N GLU A 56 -4.80 7.06 -14.54
CA GLU A 56 -5.33 5.86 -13.83
C GLU A 56 -4.22 4.85 -13.54
N VAL A 57 -4.06 4.47 -12.29
CA VAL A 57 -3.07 3.40 -11.93
C VAL A 57 -3.78 2.30 -11.09
N LYS A 58 -3.57 1.06 -11.45
CA LYS A 58 -4.15 -0.07 -10.66
C LYS A 58 -3.10 -0.62 -9.68
N PHE A 59 -3.49 -0.82 -8.44
CA PHE A 59 -2.56 -1.41 -7.43
C PHE A 59 -3.12 -2.75 -6.92
N LYS A 60 -2.29 -3.78 -6.90
CA LYS A 60 -2.71 -5.08 -6.29
C LYS A 60 -2.05 -5.25 -4.92
N VAL A 61 -2.78 -5.78 -3.96
CA VAL A 61 -2.21 -6.04 -2.60
C VAL A 61 -1.46 -7.38 -2.61
N VAL A 62 -0.16 -7.35 -2.40
CA VAL A 62 0.67 -8.59 -2.54
C VAL A 62 0.54 -9.42 -1.27
N GLN A 63 0.58 -8.78 -0.12
CA GLN A 63 0.48 -9.53 1.17
C GLN A 63 0.17 -8.56 2.33
N ALA A 64 -0.79 -8.91 3.16
CA ALA A 64 -1.06 -8.11 4.39
C ALA A 64 -0.50 -8.84 5.62
N TYR A 65 0.20 -8.12 6.48
CA TYR A 65 0.83 -8.76 7.67
C TYR A 65 0.45 -7.98 8.95
N PRO A 66 -0.27 -8.59 9.89
CA PRO A 66 -1.06 -9.85 9.68
C PRO A 66 -2.33 -9.54 8.88
N SER A 67 -2.96 -10.56 8.32
CA SER A 67 -4.24 -10.35 7.57
C SER A 67 -5.43 -10.79 8.45
N PRO A 68 -6.54 -10.07 8.44
CA PRO A 68 -6.64 -8.67 7.90
C PRO A 68 -5.96 -7.67 8.84
N LEU A 69 -5.64 -6.49 8.35
CA LEU A 69 -5.20 -5.38 9.25
C LEU A 69 -5.74 -4.04 8.73
N ARG A 70 -5.87 -3.07 9.61
CA ARG A 70 -6.19 -1.68 9.16
C ARG A 70 -4.89 -0.89 8.96
N VAL A 71 -4.87 -0.03 7.96
CA VAL A 71 -3.63 0.77 7.66
C VAL A 71 -3.58 1.99 8.58
N GLU A 72 -2.44 2.22 9.21
CA GLU A 72 -2.30 3.37 10.15
C GLU A 72 -1.02 4.16 9.83
N ASP A 73 -0.91 5.37 10.33
CA ASP A 73 0.32 6.20 10.07
C ASP A 73 1.58 5.51 10.61
N ARG A 74 1.44 4.71 11.64
CA ARG A 74 2.61 3.94 12.19
C ARG A 74 2.84 2.65 11.39
N THR A 75 1.85 2.17 10.67
CA THR A 75 2.03 0.93 9.85
C THR A 75 2.97 1.22 8.67
N LYS A 76 3.90 0.33 8.41
CA LYS A 76 4.89 0.55 7.31
C LYS A 76 4.34 0.03 5.98
N ILE A 77 4.56 0.76 4.91
CA ILE A 77 4.12 0.30 3.56
C ILE A 77 5.31 0.31 2.59
N THR A 78 5.49 -0.75 1.85
CA THR A 78 6.68 -0.88 0.95
C THR A 78 6.24 -1.20 -0.48
N LEU A 79 6.89 -0.61 -1.46
CA LEU A 79 6.58 -0.91 -2.88
C LEU A 79 7.57 -1.93 -3.45
N VAL A 80 7.09 -2.99 -4.04
CA VAL A 80 7.98 -4.02 -4.64
C VAL A 80 8.19 -3.73 -6.13
N THR A 81 9.41 -3.84 -6.60
CA THR A 81 9.69 -3.73 -8.06
C THR A 81 10.87 -4.62 -8.45
N HIS A 82 11.01 -4.90 -9.72
CA HIS A 82 12.15 -5.75 -10.20
C HIS A 82 12.87 -5.08 -11.39
N PRO A 83 13.91 -4.31 -11.11
CA PRO A 83 14.66 -3.62 -12.20
C PRO A 83 15.36 -4.64 -13.11
N GLU A 8 0.71 -8.92 23.99
CA GLU A 8 1.35 -8.74 22.65
C GLU A 8 2.29 -7.53 22.66
N GLY A 9 1.95 -6.51 23.41
CA GLY A 9 2.80 -5.29 23.49
C GLY A 9 2.71 -4.52 22.18
N VAL A 10 3.83 -3.99 21.71
CA VAL A 10 3.84 -3.23 20.42
C VAL A 10 4.13 -4.21 19.27
N ILE A 11 3.34 -4.15 18.22
CA ILE A 11 3.53 -5.07 17.05
C ILE A 11 3.89 -4.25 15.80
N MET A 12 4.83 -4.72 15.02
CA MET A 12 5.15 -4.05 13.73
C MET A 12 4.25 -4.58 12.60
N SER A 13 3.36 -3.75 12.11
CA SER A 13 2.46 -4.16 10.99
C SER A 13 2.97 -3.58 9.66
N GLU A 14 2.68 -4.26 8.57
CA GLU A 14 3.23 -3.84 7.24
C GLU A 14 2.26 -4.23 6.11
N LEU A 15 2.23 -3.44 5.06
CA LEU A 15 1.46 -3.84 3.84
C LEU A 15 2.37 -3.73 2.60
N LYS A 16 2.46 -4.79 1.83
CA LYS A 16 3.28 -4.75 0.59
C LYS A 16 2.39 -4.71 -0.65
N LEU A 17 2.69 -3.81 -1.57
CA LEU A 17 1.82 -3.62 -2.78
C LEU A 17 2.67 -3.74 -4.05
N LYS A 18 2.06 -4.19 -5.13
CA LYS A 18 2.76 -4.21 -6.46
C LYS A 18 1.95 -3.37 -7.48
N PRO A 19 2.60 -2.44 -8.17
CA PRO A 19 1.90 -1.67 -9.23
C PRO A 19 1.70 -2.55 -10.47
N LEU A 20 0.54 -2.48 -11.08
CA LEU A 20 0.27 -3.26 -12.33
C LEU A 20 0.95 -2.66 -13.59
N PRO A 21 0.85 -1.35 -13.91
CA PRO A 21 1.74 -0.78 -14.97
C PRO A 21 3.19 -0.75 -14.47
N LYS A 22 4.13 -0.79 -15.39
CA LYS A 22 5.58 -0.77 -14.99
C LYS A 22 6.05 0.68 -14.76
N VAL A 23 5.97 1.14 -13.53
CA VAL A 23 6.41 2.53 -13.20
C VAL A 23 6.99 2.57 -11.77
N GLU A 24 8.02 3.36 -11.57
CA GLU A 24 8.61 3.52 -10.21
C GLU A 24 8.22 4.87 -9.61
N LEU A 25 7.56 4.86 -8.47
CA LEU A 25 7.07 6.12 -7.85
C LEU A 25 8.11 6.64 -6.82
N PRO A 26 8.52 7.91 -6.94
CA PRO A 26 9.48 8.49 -5.96
C PRO A 26 8.93 8.43 -4.51
N PRO A 27 9.79 8.65 -3.53
CA PRO A 27 9.42 8.40 -2.10
C PRO A 27 8.31 9.33 -1.59
N ASP A 28 7.93 10.34 -2.35
CA ASP A 28 6.81 11.23 -1.90
C ASP A 28 5.45 10.54 -2.08
N PHE A 29 5.33 9.68 -3.07
CA PHE A 29 4.01 8.99 -3.34
C PHE A 29 3.56 8.17 -2.14
N VAL A 30 4.46 7.38 -1.56
CA VAL A 30 4.05 6.40 -0.49
C VAL A 30 3.39 7.14 0.70
N ASP A 31 3.82 8.34 0.97
CA ASP A 31 3.21 9.14 2.09
C ASP A 31 1.79 9.57 1.69
N VAL A 32 1.60 9.99 0.46
CA VAL A 32 0.24 10.48 0.02
C VAL A 32 -0.73 9.29 -0.04
N ILE A 33 -0.28 8.16 -0.52
CA ILE A 33 -1.15 6.92 -0.57
C ILE A 33 -1.56 6.51 0.85
N ARG A 34 -0.61 6.51 1.78
CA ARG A 34 -0.94 6.12 3.20
C ARG A 34 -1.99 7.05 3.81
N ILE A 35 -1.89 8.33 3.55
CA ILE A 35 -2.87 9.32 4.14
C ILE A 35 -4.27 9.08 3.56
N LYS A 36 -4.35 8.82 2.27
CA LYS A 36 -5.69 8.57 1.62
C LYS A 36 -6.31 7.27 2.15
N LEU A 37 -5.53 6.22 2.27
CA LEU A 37 -6.10 4.85 2.46
C LEU A 37 -6.28 4.52 3.94
N GLN A 38 -5.49 5.10 4.82
CA GLN A 38 -5.51 4.72 6.29
C GLN A 38 -6.94 4.76 6.87
N GLY A 39 -7.24 3.88 7.80
CA GLY A 39 -8.62 3.74 8.33
C GLY A 39 -9.37 2.61 7.61
N LYS A 40 -9.00 2.31 6.38
CA LYS A 40 -9.63 1.16 5.64
C LYS A 40 -8.86 -0.12 5.91
N THR A 41 -9.51 -1.26 5.78
CA THR A 41 -8.84 -2.56 6.06
C THR A 41 -8.38 -3.22 4.75
N VAL A 42 -7.29 -3.94 4.80
CA VAL A 42 -6.72 -4.57 3.56
C VAL A 42 -6.43 -6.05 3.80
N ARG A 43 -6.71 -6.87 2.80
CA ARG A 43 -6.38 -8.32 2.89
C ARG A 43 -5.76 -8.80 1.56
N THR A 44 -4.91 -9.80 1.62
CA THR A 44 -4.16 -10.26 0.39
C THR A 44 -5.12 -10.60 -0.76
N GLY A 45 -4.79 -10.18 -1.96
CA GLY A 45 -5.60 -10.55 -3.16
C GLY A 45 -6.57 -9.43 -3.56
N ASP A 46 -6.84 -8.48 -2.68
CA ASP A 46 -7.75 -7.34 -3.03
C ASP A 46 -7.13 -6.49 -4.14
N VAL A 47 -7.95 -5.82 -4.93
CA VAL A 47 -7.43 -4.91 -6.00
C VAL A 47 -8.20 -3.58 -5.93
N ILE A 48 -7.48 -2.48 -5.92
CA ILE A 48 -8.15 -1.13 -5.84
C ILE A 48 -7.45 -0.14 -6.78
N GLY A 49 -8.20 0.77 -7.34
CA GLY A 49 -7.62 1.77 -8.30
C GLY A 49 -7.59 3.15 -7.64
N ILE A 50 -6.51 3.89 -7.84
CA ILE A 50 -6.42 5.28 -7.29
C ILE A 50 -6.02 6.23 -8.43
N SER A 51 -6.72 7.34 -8.56
CA SER A 51 -6.31 8.39 -9.53
C SER A 51 -5.34 9.39 -8.87
N ILE A 52 -4.17 9.54 -9.43
CA ILE A 52 -3.17 10.51 -8.86
C ILE A 52 -2.67 11.44 -9.98
N LEU A 53 -2.67 12.74 -9.72
CA LEU A 53 -2.12 13.74 -10.72
C LEU A 53 -2.74 13.56 -12.12
N GLY A 54 -3.98 13.12 -12.17
CA GLY A 54 -4.70 12.99 -13.48
C GLY A 54 -4.26 11.70 -14.21
N LYS A 55 -3.78 10.71 -13.49
CA LYS A 55 -3.38 9.42 -14.12
C LYS A 55 -3.85 8.24 -13.27
N GLU A 56 -4.59 7.32 -13.86
CA GLU A 56 -5.12 6.15 -13.08
C GLU A 56 -4.04 5.07 -12.95
N VAL A 57 -3.82 4.58 -11.75
CA VAL A 57 -2.91 3.43 -11.53
C VAL A 57 -3.61 2.34 -10.70
N LYS A 58 -3.53 1.10 -11.15
CA LYS A 58 -4.16 -0.03 -10.39
C LYS A 58 -3.12 -0.67 -9.47
N PHE A 59 -3.46 -0.89 -8.22
CA PHE A 59 -2.53 -1.55 -7.26
C PHE A 59 -3.12 -2.87 -6.78
N LYS A 60 -2.32 -3.93 -6.81
CA LYS A 60 -2.77 -5.23 -6.23
C LYS A 60 -2.12 -5.43 -4.86
N VAL A 61 -2.88 -5.94 -3.90
CA VAL A 61 -2.33 -6.16 -2.52
C VAL A 61 -1.56 -7.49 -2.51
N VAL A 62 -0.26 -7.43 -2.34
CA VAL A 62 0.60 -8.65 -2.49
C VAL A 62 0.53 -9.47 -1.20
N GLN A 63 0.60 -8.81 -0.07
CA GLN A 63 0.55 -9.54 1.24
C GLN A 63 0.26 -8.57 2.39
N ALA A 64 -0.69 -8.93 3.23
CA ALA A 64 -0.96 -8.12 4.46
C ALA A 64 -0.36 -8.82 5.69
N TYR A 65 0.31 -8.09 6.54
CA TYR A 65 0.93 -8.68 7.77
C TYR A 65 0.52 -7.86 9.01
N PRO A 66 -0.21 -8.43 9.97
CA PRO A 66 -0.99 -9.71 9.79
C PRO A 66 -2.21 -9.46 8.90
N SER A 67 -2.80 -10.52 8.38
CA SER A 67 -4.01 -10.37 7.53
C SER A 67 -5.29 -10.71 8.33
N PRO A 68 -6.40 -10.02 8.11
CA PRO A 68 -6.43 -8.63 7.55
C PRO A 68 -5.90 -7.62 8.58
N LEU A 69 -5.55 -6.42 8.13
CA LEU A 69 -5.17 -5.33 9.09
C LEU A 69 -5.69 -3.98 8.59
N ARG A 70 -5.88 -3.03 9.48
CA ARG A 70 -6.20 -1.64 9.06
C ARG A 70 -4.90 -0.84 8.88
N VAL A 71 -4.85 0.00 7.87
CA VAL A 71 -3.61 0.79 7.58
C VAL A 71 -3.57 2.01 8.52
N GLU A 72 -2.47 2.20 9.22
CA GLU A 72 -2.34 3.35 10.16
C GLU A 72 -1.01 4.06 9.93
N ASP A 73 -0.84 5.23 10.49
CA ASP A 73 0.46 5.98 10.36
C ASP A 73 1.64 5.17 10.94
N ARG A 74 1.36 4.32 11.90
CA ARG A 74 2.43 3.44 12.49
C ARG A 74 2.71 2.22 11.59
N THR A 75 1.79 1.85 10.73
CA THR A 75 2.02 0.69 9.81
C THR A 75 2.90 1.12 8.63
N LYS A 76 3.94 0.37 8.35
CA LYS A 76 4.87 0.73 7.23
C LYS A 76 4.39 0.12 5.92
N ILE A 77 4.62 0.80 4.81
CA ILE A 77 4.20 0.27 3.48
C ILE A 77 5.40 0.25 2.53
N THR A 78 5.53 -0.81 1.75
CA THR A 78 6.70 -0.96 0.83
C THR A 78 6.24 -1.25 -0.60
N LEU A 79 6.91 -0.69 -1.57
CA LEU A 79 6.56 -0.95 -3.00
C LEU A 79 7.49 -2.01 -3.59
N VAL A 80 6.93 -3.02 -4.23
CA VAL A 80 7.76 -4.09 -4.86
C VAL A 80 7.98 -3.77 -6.34
N THR A 81 9.16 -4.07 -6.86
CA THR A 81 9.41 -3.92 -8.33
C THR A 81 10.40 -4.99 -8.80
N HIS A 82 11.51 -5.14 -8.11
CA HIS A 82 12.55 -6.13 -8.51
C HIS A 82 12.52 -7.35 -7.58
N PRO A 83 12.04 -8.49 -8.06
CA PRO A 83 12.01 -9.72 -7.21
C PRO A 83 13.43 -10.17 -6.84
N GLU A 8 4.54 -5.10 28.14
CA GLU A 8 4.06 -5.69 26.84
C GLU A 8 4.95 -5.21 25.68
N GLY A 9 5.16 -6.06 24.70
CA GLY A 9 6.03 -5.69 23.54
C GLY A 9 5.26 -4.75 22.61
N VAL A 10 5.46 -4.89 21.31
CA VAL A 10 4.77 -4.01 20.32
C VAL A 10 4.47 -4.81 19.06
N ILE A 11 3.32 -4.57 18.44
CA ILE A 11 2.94 -5.32 17.21
C ILE A 11 3.33 -4.49 15.97
N MET A 12 4.24 -5.01 15.17
CA MET A 12 4.61 -4.32 13.89
C MET A 12 3.66 -4.76 12.76
N SER A 13 2.92 -3.83 12.20
CA SER A 13 2.04 -4.14 11.03
C SER A 13 2.65 -3.58 9.74
N GLU A 14 2.47 -4.27 8.64
CA GLU A 14 3.12 -3.85 7.35
C GLU A 14 2.29 -4.34 6.15
N LEU A 15 2.30 -3.58 5.07
CA LEU A 15 1.60 -4.00 3.83
C LEU A 15 2.56 -3.96 2.63
N LYS A 16 2.59 -5.01 1.85
CA LYS A 16 3.40 -5.02 0.59
C LYS A 16 2.51 -4.80 -0.62
N LEU A 17 2.76 -3.75 -1.37
CA LEU A 17 1.92 -3.43 -2.56
C LEU A 17 2.76 -3.52 -3.84
N LYS A 18 2.14 -3.79 -4.96
CA LYS A 18 2.85 -3.77 -6.27
C LYS A 18 2.00 -3.02 -7.33
N PRO A 19 2.59 -2.09 -8.07
CA PRO A 19 1.84 -1.41 -9.16
C PRO A 19 1.70 -2.35 -10.37
N LEU A 20 0.56 -2.33 -11.02
CA LEU A 20 0.36 -3.17 -12.25
C LEU A 20 1.01 -2.57 -13.52
N PRO A 21 0.84 -1.28 -13.89
CA PRO A 21 1.71 -0.69 -14.95
C PRO A 21 3.15 -0.58 -14.47
N LYS A 22 4.09 -0.53 -15.38
CA LYS A 22 5.54 -0.44 -14.98
C LYS A 22 5.92 1.02 -14.70
N VAL A 23 5.86 1.43 -13.45
CA VAL A 23 6.23 2.82 -13.07
C VAL A 23 6.88 2.84 -11.67
N GLU A 24 7.88 3.67 -11.49
CA GLU A 24 8.54 3.80 -10.16
C GLU A 24 8.26 5.19 -9.56
N LEU A 25 7.57 5.23 -8.45
CA LEU A 25 7.20 6.55 -7.82
C LEU A 25 8.27 6.97 -6.79
N PRO A 26 8.59 8.26 -6.71
CA PRO A 26 9.56 8.75 -5.69
C PRO A 26 9.09 8.43 -4.25
N PRO A 27 9.98 8.53 -3.28
CA PRO A 27 9.68 8.12 -1.88
C PRO A 27 8.61 9.02 -1.22
N ASP A 28 8.23 10.13 -1.83
CA ASP A 28 7.18 11.01 -1.22
C ASP A 28 5.78 10.42 -1.44
N PHE A 29 5.59 9.66 -2.51
CA PHE A 29 4.24 9.06 -2.80
C PHE A 29 3.77 8.16 -1.65
N VAL A 30 4.66 7.34 -1.12
CA VAL A 30 4.23 6.29 -0.11
C VAL A 30 3.57 6.95 1.11
N ASP A 31 4.02 8.13 1.48
CA ASP A 31 3.39 8.87 2.63
C ASP A 31 2.00 9.35 2.23
N VAL A 32 1.85 9.86 1.02
CA VAL A 32 0.51 10.41 0.59
C VAL A 32 -0.50 9.26 0.45
N ILE A 33 -0.06 8.13 -0.06
CA ILE A 33 -0.96 6.93 -0.18
C ILE A 33 -1.39 6.45 1.23
N ARG A 34 -0.45 6.43 2.17
CA ARG A 34 -0.78 6.01 3.57
C ARG A 34 -1.87 6.91 4.18
N ILE A 35 -1.79 8.20 3.95
CA ILE A 35 -2.81 9.16 4.52
C ILE A 35 -4.18 8.90 3.88
N LYS A 36 -4.22 8.68 2.58
CA LYS A 36 -5.52 8.42 1.88
C LYS A 36 -6.15 7.11 2.36
N LEU A 37 -5.35 6.07 2.52
CA LEU A 37 -5.91 4.70 2.72
C LEU A 37 -6.14 4.39 4.21
N GLN A 38 -5.33 4.95 5.09
CA GLN A 38 -5.38 4.58 6.55
C GLN A 38 -6.80 4.65 7.13
N GLY A 39 -7.12 3.79 8.07
CA GLY A 39 -8.51 3.69 8.60
C GLY A 39 -9.29 2.57 7.90
N LYS A 40 -8.93 2.25 6.67
CA LYS A 40 -9.58 1.11 5.95
C LYS A 40 -8.82 -0.19 6.21
N THR A 41 -9.49 -1.32 6.10
CA THR A 41 -8.82 -2.63 6.33
C THR A 41 -8.44 -3.28 4.99
N VAL A 42 -7.36 -4.02 4.97
CA VAL A 42 -6.85 -4.60 3.70
C VAL A 42 -6.56 -6.10 3.87
N ARG A 43 -6.79 -6.88 2.83
CA ARG A 43 -6.40 -8.33 2.85
C ARG A 43 -5.73 -8.70 1.53
N THR A 44 -4.83 -9.66 1.55
CA THR A 44 -4.06 -10.04 0.32
C THR A 44 -5.00 -10.41 -0.84
N GLY A 45 -4.68 -9.98 -2.04
CA GLY A 45 -5.49 -10.36 -3.24
C GLY A 45 -6.48 -9.24 -3.62
N ASP A 46 -6.76 -8.31 -2.73
CA ASP A 46 -7.67 -7.17 -3.08
C ASP A 46 -7.05 -6.29 -4.17
N VAL A 47 -7.88 -5.65 -4.97
CA VAL A 47 -7.37 -4.72 -6.02
C VAL A 47 -8.17 -3.41 -5.98
N ILE A 48 -7.50 -2.29 -6.01
CA ILE A 48 -8.21 -0.96 -5.98
C ILE A 48 -7.56 0.01 -6.97
N GLY A 49 -8.34 0.92 -7.51
CA GLY A 49 -7.81 1.89 -8.52
C GLY A 49 -7.69 3.28 -7.89
N ILE A 50 -6.63 4.00 -8.21
CA ILE A 50 -6.47 5.40 -7.71
C ILE A 50 -6.25 6.34 -8.91
N SER A 51 -6.92 7.48 -8.90
CA SER A 51 -6.65 8.53 -9.94
C SER A 51 -5.54 9.47 -9.45
N ILE A 52 -4.45 9.55 -10.18
CA ILE A 52 -3.32 10.46 -9.79
C ILE A 52 -2.90 11.31 -11.00
N LEU A 53 -2.83 12.62 -10.82
CA LEU A 53 -2.34 13.54 -11.91
C LEU A 53 -3.08 13.32 -13.24
N GLY A 54 -4.34 12.93 -13.17
CA GLY A 54 -5.16 12.76 -14.40
C GLY A 54 -4.81 11.44 -15.10
N LYS A 55 -4.27 10.47 -14.37
CA LYS A 55 -3.90 9.17 -15.00
C LYS A 55 -4.35 8.00 -14.10
N GLU A 56 -4.97 7.00 -14.69
CA GLU A 56 -5.47 5.84 -13.87
C GLU A 56 -4.33 4.87 -13.58
N VAL A 57 -4.14 4.50 -12.33
CA VAL A 57 -3.16 3.44 -11.96
C VAL A 57 -3.85 2.36 -11.11
N LYS A 58 -3.66 1.11 -11.44
CA LYS A 58 -4.22 -0.01 -10.63
C LYS A 58 -3.16 -0.55 -9.66
N PHE A 59 -3.52 -0.70 -8.41
CA PHE A 59 -2.58 -1.29 -7.41
C PHE A 59 -3.13 -2.62 -6.88
N LYS A 60 -2.31 -3.65 -6.86
CA LYS A 60 -2.72 -4.95 -6.26
C LYS A 60 -2.05 -5.14 -4.89
N VAL A 61 -2.76 -5.72 -3.95
CA VAL A 61 -2.16 -6.00 -2.60
C VAL A 61 -1.44 -7.35 -2.65
N VAL A 62 -0.14 -7.35 -2.47
CA VAL A 62 0.67 -8.60 -2.62
C VAL A 62 0.52 -9.45 -1.35
N GLN A 63 0.58 -8.82 -0.20
CA GLN A 63 0.44 -9.57 1.10
C GLN A 63 0.18 -8.60 2.25
N ALA A 64 -0.79 -8.90 3.08
CA ALA A 64 -1.02 -8.10 4.33
C ALA A 64 -0.47 -8.86 5.55
N TYR A 65 0.24 -8.17 6.41
CA TYR A 65 0.84 -8.83 7.61
C TYR A 65 0.47 -8.04 8.89
N PRO A 66 -0.23 -8.64 9.84
CA PRO A 66 -1.02 -9.90 9.67
C PRO A 66 -2.31 -9.61 8.89
N SER A 67 -2.95 -10.63 8.37
CA SER A 67 -4.25 -10.43 7.65
C SER A 67 -5.42 -10.83 8.55
N PRO A 68 -6.55 -10.11 8.52
CA PRO A 68 -6.63 -8.72 7.97
C PRO A 68 -5.96 -7.71 8.91
N LEU A 69 -5.64 -6.54 8.41
CA LEU A 69 -5.18 -5.42 9.31
C LEU A 69 -5.72 -4.07 8.82
N ARG A 70 -5.82 -3.12 9.70
CA ARG A 70 -6.12 -1.71 9.27
C ARG A 70 -4.82 -0.94 9.05
N VAL A 71 -4.80 -0.09 8.04
CA VAL A 71 -3.55 0.68 7.72
C VAL A 71 -3.49 1.92 8.64
N GLU A 72 -2.35 2.16 9.24
CA GLU A 72 -2.19 3.32 10.16
C GLU A 72 -0.92 4.11 9.80
N ASP A 73 -0.81 5.33 10.28
CA ASP A 73 0.42 6.17 10.02
C ASP A 73 1.68 5.48 10.55
N ARG A 74 1.55 4.71 11.60
CA ARG A 74 2.71 3.94 12.16
C ARG A 74 2.96 2.64 11.36
N THR A 75 1.96 2.15 10.66
CA THR A 75 2.15 0.91 9.82
C THR A 75 3.10 1.19 8.65
N LYS A 76 4.02 0.30 8.41
CA LYS A 76 5.02 0.52 7.31
C LYS A 76 4.49 -0.02 5.99
N ILE A 77 4.69 0.71 4.91
CA ILE A 77 4.23 0.22 3.56
C ILE A 77 5.42 0.25 2.59
N THR A 78 5.61 -0.81 1.85
CA THR A 78 6.77 -0.91 0.92
C THR A 78 6.30 -1.19 -0.52
N LEU A 79 6.94 -0.59 -1.49
CA LEU A 79 6.61 -0.86 -2.92
C LEU A 79 7.59 -1.88 -3.51
N VAL A 80 7.08 -2.95 -4.08
CA VAL A 80 7.96 -4.00 -4.68
C VAL A 80 8.16 -3.72 -6.18
N THR A 81 9.39 -3.82 -6.64
CA THR A 81 9.66 -3.72 -8.10
C THR A 81 10.85 -4.61 -8.49
N HIS A 82 11.06 -4.81 -9.76
CA HIS A 82 12.20 -5.67 -10.23
C HIS A 82 13.32 -4.79 -10.81
N PRO A 83 14.56 -5.29 -10.79
CA PRO A 83 15.70 -4.49 -11.34
C PRO A 83 15.58 -4.36 -12.85
N GLU A 8 3.12 -1.86 27.28
CA GLU A 8 2.92 -3.05 26.39
C GLU A 8 4.05 -3.11 25.35
N GLY A 9 4.25 -4.26 24.76
CA GLY A 9 5.32 -4.42 23.74
C GLY A 9 4.96 -3.64 22.47
N VAL A 10 5.53 -4.01 21.35
CA VAL A 10 5.25 -3.28 20.06
C VAL A 10 5.29 -4.28 18.90
N ILE A 11 4.32 -4.21 18.03
CA ILE A 11 4.29 -5.12 16.84
C ILE A 11 4.43 -4.29 15.56
N MET A 12 5.34 -4.68 14.69
CA MET A 12 5.49 -3.98 13.37
C MET A 12 4.52 -4.59 12.33
N SER A 13 3.57 -3.80 11.89
CA SER A 13 2.65 -4.24 10.80
C SER A 13 3.10 -3.64 9.46
N GLU A 14 2.78 -4.30 8.37
CA GLU A 14 3.30 -3.87 7.04
C GLU A 14 2.30 -4.21 5.92
N LEU A 15 2.25 -3.40 4.89
CA LEU A 15 1.44 -3.72 3.68
C LEU A 15 2.32 -3.68 2.43
N LYS A 16 2.40 -4.78 1.72
CA LYS A 16 3.25 -4.82 0.47
C LYS A 16 2.36 -4.76 -0.77
N LEU A 17 2.58 -3.77 -1.61
CA LEU A 17 1.79 -3.63 -2.87
C LEU A 17 2.68 -3.83 -4.09
N LYS A 18 2.10 -4.25 -5.20
CA LYS A 18 2.84 -4.29 -6.49
C LYS A 18 2.07 -3.48 -7.56
N PRO A 19 2.76 -2.58 -8.27
CA PRO A 19 2.08 -1.82 -9.35
C PRO A 19 1.87 -2.70 -10.59
N LEU A 20 0.71 -2.62 -11.19
CA LEU A 20 0.44 -3.40 -12.45
C LEU A 20 0.98 -2.71 -13.73
N PRO A 21 0.74 -1.41 -14.00
CA PRO A 21 1.50 -0.73 -15.09
C PRO A 21 2.97 -0.57 -14.68
N LYS A 22 3.83 -0.32 -15.64
CA LYS A 22 5.29 -0.10 -15.33
C LYS A 22 5.53 1.34 -14.92
N VAL A 23 5.57 1.61 -13.63
CA VAL A 23 5.78 3.01 -13.13
C VAL A 23 6.61 2.99 -11.84
N GLU A 24 7.49 3.96 -11.69
CA GLU A 24 8.31 4.06 -10.44
C GLU A 24 8.01 5.39 -9.73
N LEU A 25 7.35 5.34 -8.61
CA LEU A 25 6.96 6.60 -7.90
C LEU A 25 8.03 6.98 -6.84
N PRO A 26 8.39 8.26 -6.75
CA PRO A 26 9.37 8.71 -5.71
C PRO A 26 8.86 8.40 -4.29
N PRO A 27 9.75 8.48 -3.31
CA PRO A 27 9.41 8.08 -1.91
C PRO A 27 8.35 9.01 -1.26
N ASP A 28 8.01 10.12 -1.88
CA ASP A 28 6.97 11.02 -1.29
C ASP A 28 5.56 10.46 -1.52
N PHE A 29 5.36 9.71 -2.59
CA PHE A 29 3.99 9.15 -2.89
C PHE A 29 3.51 8.23 -1.76
N VAL A 30 4.37 7.36 -1.27
CA VAL A 30 3.92 6.31 -0.30
C VAL A 30 3.30 6.94 0.96
N ASP A 31 3.79 8.10 1.35
CA ASP A 31 3.21 8.81 2.53
C ASP A 31 1.83 9.36 2.19
N VAL A 32 1.66 9.91 1.01
CA VAL A 32 0.34 10.51 0.62
C VAL A 32 -0.70 9.40 0.45
N ILE A 33 -0.31 8.28 -0.12
CA ILE A 33 -1.26 7.11 -0.28
C ILE A 33 -1.66 6.59 1.11
N ARG A 34 -0.72 6.49 2.03
CA ARG A 34 -1.03 5.99 3.42
C ARG A 34 -2.07 6.91 4.11
N ILE A 35 -1.95 8.20 3.93
CA ILE A 35 -2.92 9.16 4.56
C ILE A 35 -4.32 8.96 3.96
N LYS A 36 -4.40 8.79 2.66
CA LYS A 36 -5.74 8.57 2.01
C LYS A 36 -6.38 7.24 2.46
N LEU A 37 -5.58 6.20 2.55
CA LEU A 37 -6.16 4.82 2.73
C LEU A 37 -6.34 4.47 4.21
N GLN A 38 -5.51 5.00 5.08
CA GLN A 38 -5.52 4.60 6.54
C GLN A 38 -6.93 4.67 7.16
N GLY A 39 -7.22 3.81 8.10
CA GLY A 39 -8.61 3.71 8.66
C GLY A 39 -9.38 2.58 7.97
N LYS A 40 -9.05 2.26 6.73
CA LYS A 40 -9.71 1.11 6.04
C LYS A 40 -8.94 -0.19 6.30
N THR A 41 -9.60 -1.31 6.21
CA THR A 41 -8.93 -2.63 6.44
C THR A 41 -8.56 -3.28 5.11
N VAL A 42 -7.49 -4.04 5.09
CA VAL A 42 -6.97 -4.64 3.81
C VAL A 42 -6.72 -6.14 4.00
N ARG A 43 -6.97 -6.91 2.96
CA ARG A 43 -6.60 -8.36 2.96
C ARG A 43 -5.92 -8.74 1.64
N THR A 44 -5.00 -9.67 1.67
CA THR A 44 -4.22 -10.05 0.44
C THR A 44 -5.16 -10.45 -0.72
N GLY A 45 -4.84 -10.03 -1.92
CA GLY A 45 -5.66 -10.41 -3.12
C GLY A 45 -6.63 -9.28 -3.52
N ASP A 46 -6.89 -8.33 -2.65
CA ASP A 46 -7.76 -7.17 -3.03
C ASP A 46 -7.11 -6.33 -4.12
N VAL A 47 -7.90 -5.67 -4.94
CA VAL A 47 -7.35 -4.80 -6.03
C VAL A 47 -8.11 -3.47 -6.04
N ILE A 48 -7.38 -2.37 -6.05
CA ILE A 48 -8.03 -1.01 -6.05
C ILE A 48 -7.32 -0.07 -7.03
N GLY A 49 -8.06 0.80 -7.66
CA GLY A 49 -7.44 1.76 -8.63
C GLY A 49 -7.46 3.18 -8.04
N ILE A 50 -6.39 3.91 -8.22
CA ILE A 50 -6.33 5.32 -7.71
C ILE A 50 -5.92 6.24 -8.87
N SER A 51 -6.66 7.31 -9.07
CA SER A 51 -6.26 8.35 -10.08
C SER A 51 -5.37 9.40 -9.44
N ILE A 52 -4.17 9.60 -9.96
CA ILE A 52 -3.24 10.63 -9.40
C ILE A 52 -2.73 11.52 -10.55
N LEU A 53 -2.79 12.83 -10.38
CA LEU A 53 -2.26 13.80 -11.40
C LEU A 53 -2.80 13.50 -12.81
N GLY A 54 -4.02 13.02 -12.89
CA GLY A 54 -4.67 12.77 -14.22
C GLY A 54 -4.13 11.47 -14.85
N LYS A 55 -3.63 10.56 -14.05
CA LYS A 55 -3.15 9.25 -14.60
C LYS A 55 -3.63 8.10 -13.72
N GLU A 56 -4.30 7.12 -14.30
CA GLU A 56 -4.84 5.97 -13.50
C GLU A 56 -3.74 4.93 -13.27
N VAL A 57 -3.59 4.49 -12.03
CA VAL A 57 -2.65 3.37 -11.73
C VAL A 57 -3.37 2.28 -10.90
N LYS A 58 -3.25 1.05 -11.32
CA LYS A 58 -3.88 -0.09 -10.56
C LYS A 58 -2.88 -0.70 -9.58
N PHE A 59 -3.28 -0.88 -8.35
CA PHE A 59 -2.38 -1.53 -7.33
C PHE A 59 -3.00 -2.82 -6.82
N LYS A 60 -2.22 -3.89 -6.80
CA LYS A 60 -2.70 -5.17 -6.19
C LYS A 60 -2.06 -5.36 -4.81
N VAL A 61 -2.83 -5.81 -3.85
CA VAL A 61 -2.28 -6.09 -2.49
C VAL A 61 -1.56 -7.44 -2.50
N VAL A 62 -0.25 -7.44 -2.38
CA VAL A 62 0.54 -8.70 -2.53
C VAL A 62 0.43 -9.51 -1.23
N GLN A 63 0.53 -8.85 -0.10
CA GLN A 63 0.43 -9.56 1.22
C GLN A 63 0.19 -8.56 2.35
N ALA A 64 -0.77 -8.85 3.20
CA ALA A 64 -0.99 -8.03 4.43
C ALA A 64 -0.41 -8.75 5.65
N TYR A 65 0.28 -8.04 6.50
CA TYR A 65 0.90 -8.67 7.72
C TYR A 65 0.53 -7.87 8.98
N PRO A 66 -0.16 -8.46 9.95
CA PRO A 66 -0.93 -9.73 9.79
C PRO A 66 -2.21 -9.47 8.98
N SER A 67 -2.83 -10.51 8.47
CA SER A 67 -4.13 -10.35 7.75
C SER A 67 -5.30 -10.79 8.67
N PRO A 68 -6.43 -10.10 8.64
CA PRO A 68 -6.56 -8.71 8.08
C PRO A 68 -5.90 -7.69 9.02
N LEU A 69 -5.61 -6.51 8.51
CA LEU A 69 -5.17 -5.38 9.41
C LEU A 69 -5.73 -4.05 8.91
N ARG A 70 -5.86 -3.08 9.79
CA ARG A 70 -6.19 -1.69 9.35
C ARG A 70 -4.90 -0.91 9.11
N VAL A 71 -4.90 -0.07 8.09
CA VAL A 71 -3.66 0.71 7.75
C VAL A 71 -3.58 1.95 8.64
N GLU A 72 -2.44 2.16 9.28
CA GLU A 72 -2.27 3.32 10.19
C GLU A 72 -0.97 4.05 9.88
N ASP A 73 -0.81 5.26 10.39
CA ASP A 73 0.47 6.04 10.19
C ASP A 73 1.67 5.27 10.75
N ARG A 74 1.46 4.44 11.75
CA ARG A 74 2.57 3.61 12.32
C ARG A 74 2.84 2.36 11.47
N THR A 75 1.87 1.94 10.66
CA THR A 75 2.10 0.75 9.76
C THR A 75 2.94 1.17 8.55
N LYS A 76 3.95 0.39 8.23
CA LYS A 76 4.87 0.74 7.10
C LYS A 76 4.33 0.16 5.79
N ILE A 77 4.50 0.88 4.70
CA ILE A 77 4.04 0.36 3.37
C ILE A 77 5.22 0.42 2.38
N THR A 78 5.37 -0.62 1.59
CA THR A 78 6.53 -0.71 0.64
C THR A 78 6.05 -1.03 -0.78
N LEU A 79 6.70 -0.48 -1.77
CA LEU A 79 6.38 -0.80 -3.19
C LEU A 79 7.37 -1.84 -3.73
N VAL A 80 6.87 -2.96 -4.20
CA VAL A 80 7.76 -4.03 -4.76
C VAL A 80 7.88 -3.85 -6.28
N THR A 81 9.07 -4.02 -6.81
CA THR A 81 9.25 -4.01 -8.29
C THR A 81 10.39 -4.94 -8.70
N HIS A 82 10.53 -5.21 -9.97
CA HIS A 82 11.61 -6.12 -10.46
C HIS A 82 12.65 -5.33 -11.28
N PRO A 83 13.75 -4.94 -10.65
CA PRO A 83 14.80 -4.18 -11.38
C PRO A 83 15.45 -5.06 -12.47
N GLU A 8 3.22 -2.87 26.42
CA GLU A 8 4.40 -3.69 25.99
C GLU A 8 4.02 -4.57 24.79
N GLY A 9 2.79 -5.03 24.74
CA GLY A 9 2.33 -5.88 23.60
C GLY A 9 2.05 -5.00 22.37
N VAL A 10 3.09 -4.45 21.78
CA VAL A 10 2.92 -3.60 20.57
C VAL A 10 2.97 -4.48 19.31
N ILE A 11 2.10 -4.22 18.35
CA ILE A 11 2.04 -5.07 17.12
C ILE A 11 2.64 -4.27 15.94
N MET A 12 3.63 -4.84 15.28
CA MET A 12 4.19 -4.21 14.04
C MET A 12 3.40 -4.67 12.81
N SER A 13 2.74 -3.76 12.14
CA SER A 13 1.94 -4.12 10.93
C SER A 13 2.62 -3.59 9.67
N GLU A 14 2.46 -4.30 8.56
CA GLU A 14 3.12 -3.88 7.29
C GLU A 14 2.30 -4.33 6.08
N LEU A 15 2.35 -3.58 5.01
CA LEU A 15 1.66 -3.99 3.74
C LEU A 15 2.63 -3.91 2.56
N LYS A 16 2.69 -4.97 1.76
CA LYS A 16 3.52 -4.94 0.52
C LYS A 16 2.62 -4.79 -0.71
N LEU A 17 2.93 -3.84 -1.57
CA LEU A 17 2.05 -3.54 -2.73
C LEU A 17 2.84 -3.66 -4.04
N LYS A 18 2.17 -3.97 -5.13
CA LYS A 18 2.83 -3.96 -6.47
C LYS A 18 1.96 -3.19 -7.49
N PRO A 19 2.54 -2.23 -8.20
CA PRO A 19 1.78 -1.53 -9.27
C PRO A 19 1.65 -2.45 -10.50
N LEU A 20 0.51 -2.42 -11.15
CA LEU A 20 0.31 -3.24 -12.39
C LEU A 20 0.98 -2.61 -13.66
N PRO A 21 0.79 -1.32 -13.99
CA PRO A 21 1.66 -0.71 -15.03
C PRO A 21 3.10 -0.57 -14.52
N LYS A 22 4.05 -0.47 -15.43
CA LYS A 22 5.49 -0.35 -15.00
C LYS A 22 5.83 1.11 -14.69
N VAL A 23 5.78 1.47 -13.42
CA VAL A 23 6.11 2.87 -13.00
C VAL A 23 6.80 2.87 -11.63
N GLU A 24 7.76 3.75 -11.45
CA GLU A 24 8.45 3.86 -10.13
C GLU A 24 8.08 5.18 -9.45
N LEU A 25 7.44 5.11 -8.29
CA LEU A 25 6.99 6.35 -7.59
C LEU A 25 8.06 6.78 -6.56
N PRO A 26 8.46 8.05 -6.58
CA PRO A 26 9.46 8.55 -5.58
C PRO A 26 8.96 8.38 -4.13
N PRO A 27 9.86 8.52 -3.16
CA PRO A 27 9.52 8.19 -1.74
C PRO A 27 8.46 9.13 -1.15
N ASP A 28 8.10 10.19 -1.82
CA ASP A 28 7.03 11.12 -1.29
C ASP A 28 5.64 10.48 -1.46
N PHE A 29 5.44 9.68 -2.48
CA PHE A 29 4.10 9.06 -2.75
C PHE A 29 3.65 8.20 -1.57
N VAL A 30 4.53 7.35 -1.06
CA VAL A 30 4.11 6.34 -0.02
C VAL A 30 3.51 7.03 1.22
N ASP A 31 3.99 8.22 1.54
CA ASP A 31 3.43 8.98 2.70
C ASP A 31 2.03 9.48 2.36
N VAL A 32 1.83 9.97 1.16
CA VAL A 32 0.49 10.53 0.76
C VAL A 32 -0.54 9.39 0.68
N ILE A 33 -0.14 8.26 0.15
CA ILE A 33 -1.08 7.07 0.06
C ILE A 33 -1.47 6.61 1.47
N ARG A 34 -0.52 6.53 2.38
CA ARG A 34 -0.82 6.11 3.79
C ARG A 34 -1.85 7.05 4.44
N ILE A 35 -1.70 8.34 4.24
CA ILE A 35 -2.63 9.34 4.87
C ILE A 35 -4.05 9.18 4.31
N LYS A 36 -4.17 8.96 3.03
CA LYS A 36 -5.53 8.74 2.41
C LYS A 36 -6.15 7.43 2.91
N LEU A 37 -5.37 6.38 3.00
CA LEU A 37 -5.95 5.00 3.15
C LEU A 37 -6.19 4.63 4.62
N GLN A 38 -5.47 5.24 5.55
CA GLN A 38 -5.57 4.85 7.01
C GLN A 38 -7.03 4.78 7.50
N GLY A 39 -7.33 3.84 8.38
CA GLY A 39 -8.73 3.64 8.86
C GLY A 39 -9.42 2.52 8.05
N LYS A 40 -8.99 2.29 6.82
CA LYS A 40 -9.58 1.17 6.00
C LYS A 40 -8.82 -0.13 6.24
N THR A 41 -9.48 -1.25 6.06
CA THR A 41 -8.82 -2.58 6.27
C THR A 41 -8.39 -3.18 4.94
N VAL A 42 -7.34 -3.98 4.95
CA VAL A 42 -6.80 -4.56 3.68
C VAL A 42 -6.50 -6.05 3.86
N ARG A 43 -6.72 -6.83 2.83
CA ARG A 43 -6.34 -8.28 2.85
C ARG A 43 -5.66 -8.66 1.53
N THR A 44 -4.74 -9.59 1.56
CA THR A 44 -3.98 -10.00 0.33
C THR A 44 -4.93 -10.41 -0.80
N GLY A 45 -4.64 -9.99 -2.02
CA GLY A 45 -5.48 -10.38 -3.19
C GLY A 45 -6.49 -9.28 -3.56
N ASP A 46 -6.76 -8.35 -2.66
CA ASP A 46 -7.68 -7.21 -3.01
C ASP A 46 -7.08 -6.33 -4.11
N VAL A 47 -7.91 -5.68 -4.88
CA VAL A 47 -7.42 -4.76 -5.95
C VAL A 47 -8.20 -3.44 -5.88
N ILE A 48 -7.51 -2.32 -5.94
CA ILE A 48 -8.19 -0.98 -5.89
C ILE A 48 -7.58 -0.04 -6.93
N GLY A 49 -8.36 0.92 -7.39
CA GLY A 49 -7.87 1.86 -8.45
C GLY A 49 -7.67 3.25 -7.86
N ILE A 50 -6.63 3.94 -8.27
CA ILE A 50 -6.40 5.34 -7.81
C ILE A 50 -6.17 6.25 -9.04
N SER A 51 -6.72 7.43 -9.02
CA SER A 51 -6.41 8.44 -10.08
C SER A 51 -5.21 9.29 -9.68
N ILE A 52 -4.14 9.23 -10.44
CA ILE A 52 -2.90 9.99 -10.10
C ILE A 52 -2.50 10.89 -11.28
N LEU A 53 -2.33 12.17 -11.03
CA LEU A 53 -1.87 13.15 -12.09
C LEU A 53 -2.71 13.04 -13.37
N GLY A 54 -3.97 12.72 -13.24
CA GLY A 54 -4.87 12.62 -14.43
C GLY A 54 -4.63 11.30 -15.19
N LYS A 55 -4.08 10.29 -14.54
CA LYS A 55 -3.84 8.98 -15.21
C LYS A 55 -4.31 7.83 -14.31
N GLU A 56 -4.98 6.86 -14.89
CA GLU A 56 -5.52 5.72 -14.07
C GLU A 56 -4.41 4.70 -13.79
N VAL A 57 -4.20 4.38 -12.53
CA VAL A 57 -3.21 3.32 -12.16
C VAL A 57 -3.90 2.26 -11.29
N LYS A 58 -3.72 1.01 -11.61
CA LYS A 58 -4.30 -0.10 -10.78
C LYS A 58 -3.25 -0.64 -9.80
N PHE A 59 -3.62 -0.84 -8.57
CA PHE A 59 -2.67 -1.38 -7.54
C PHE A 59 -3.21 -2.71 -6.98
N LYS A 60 -2.37 -3.72 -6.93
CA LYS A 60 -2.77 -5.01 -6.30
C LYS A 60 -2.07 -5.20 -4.95
N VAL A 61 -2.76 -5.74 -3.98
CA VAL A 61 -2.14 -6.01 -2.64
C VAL A 61 -1.41 -7.36 -2.69
N VAL A 62 -0.12 -7.34 -2.52
CA VAL A 62 0.71 -8.59 -2.69
C VAL A 62 0.58 -9.44 -1.42
N GLN A 63 0.64 -8.82 -0.26
CA GLN A 63 0.54 -9.58 1.02
C GLN A 63 0.26 -8.61 2.19
N ALA A 64 -0.72 -8.93 3.00
CA ALA A 64 -0.97 -8.15 4.25
C ALA A 64 -0.43 -8.91 5.46
N TYR A 65 0.28 -8.22 6.34
CA TYR A 65 0.88 -8.89 7.53
C TYR A 65 0.53 -8.12 8.82
N PRO A 66 -0.18 -8.72 9.77
CA PRO A 66 -0.99 -9.97 9.57
C PRO A 66 -2.28 -9.65 8.83
N SER A 67 -2.94 -10.64 8.29
CA SER A 67 -4.23 -10.41 7.58
C SER A 67 -5.42 -10.83 8.49
N PRO A 68 -6.52 -10.09 8.48
CA PRO A 68 -6.61 -8.69 7.94
C PRO A 68 -5.93 -7.70 8.89
N LEU A 69 -5.59 -6.53 8.39
CA LEU A 69 -5.11 -5.43 9.29
C LEU A 69 -5.63 -4.08 8.79
N ARG A 70 -5.73 -3.11 9.68
CA ARG A 70 -6.10 -1.71 9.26
C ARG A 70 -4.83 -0.90 9.02
N VAL A 71 -4.87 0.01 8.06
CA VAL A 71 -3.68 0.87 7.76
C VAL A 71 -3.59 2.00 8.79
N GLU A 72 -2.42 2.18 9.38
CA GLU A 72 -2.21 3.26 10.38
C GLU A 72 -0.95 4.06 10.05
N ASP A 73 -0.80 5.23 10.62
CA ASP A 73 0.44 6.06 10.39
C ASP A 73 1.71 5.32 10.82
N ARG A 74 1.59 4.43 11.80
CA ARG A 74 2.77 3.62 12.24
C ARG A 74 2.99 2.40 11.32
N THR A 75 1.98 1.99 10.59
CA THR A 75 2.13 0.78 9.70
C THR A 75 3.12 1.08 8.56
N LYS A 76 4.04 0.18 8.32
CA LYS A 76 5.07 0.40 7.26
C LYS A 76 4.55 -0.11 5.90
N ILE A 77 4.72 0.66 4.85
CA ILE A 77 4.25 0.24 3.50
C ILE A 77 5.41 0.32 2.50
N THR A 78 5.60 -0.72 1.73
CA THR A 78 6.75 -0.77 0.77
C THR A 78 6.24 -1.07 -0.66
N LEU A 79 6.80 -0.40 -1.64
CA LEU A 79 6.41 -0.65 -3.06
C LEU A 79 7.46 -1.54 -3.74
N VAL A 80 7.01 -2.60 -4.38
CA VAL A 80 7.96 -3.52 -5.12
C VAL A 80 8.05 -3.08 -6.58
N THR A 81 9.25 -3.03 -7.11
CA THR A 81 9.45 -2.77 -8.58
C THR A 81 10.69 -3.50 -9.08
N HIS A 82 10.99 -4.66 -8.53
CA HIS A 82 12.19 -5.43 -8.94
C HIS A 82 11.78 -6.79 -9.55
N PRO A 83 11.69 -6.86 -10.87
CA PRO A 83 11.32 -8.14 -11.54
C PRO A 83 12.44 -9.16 -11.37
N GLU A 8 2.31 0.67 27.22
CA GLU A 8 1.66 -0.18 26.18
C GLU A 8 2.69 -1.13 25.55
N GLY A 9 2.24 -2.26 25.06
CA GLY A 9 3.18 -3.24 24.44
C GLY A 9 3.61 -2.74 23.05
N VAL A 10 4.52 -3.45 22.41
CA VAL A 10 5.02 -3.02 21.07
C VAL A 10 4.15 -3.64 19.97
N ILE A 11 3.74 -2.86 19.01
CA ILE A 11 2.92 -3.38 17.87
C ILE A 11 3.64 -3.10 16.55
N MET A 12 3.54 -3.99 15.59
CA MET A 12 4.23 -3.80 14.27
C MET A 12 3.38 -4.38 13.14
N SER A 13 2.95 -3.54 12.22
CA SER A 13 2.16 -4.02 11.04
C SER A 13 2.75 -3.44 9.75
N GLU A 14 2.55 -4.11 8.64
CA GLU A 14 3.13 -3.65 7.34
C GLU A 14 2.27 -4.13 6.17
N LEU A 15 2.25 -3.38 5.08
CA LEU A 15 1.54 -3.81 3.85
C LEU A 15 2.45 -3.64 2.63
N LYS A 16 2.55 -4.66 1.81
CA LYS A 16 3.39 -4.58 0.57
C LYS A 16 2.50 -4.51 -0.68
N LEU A 17 2.81 -3.60 -1.58
CA LEU A 17 1.97 -3.43 -2.81
C LEU A 17 2.84 -3.54 -4.06
N LYS A 18 2.25 -3.93 -5.17
CA LYS A 18 2.99 -3.92 -6.48
C LYS A 18 2.15 -3.19 -7.55
N PRO A 19 2.79 -2.39 -8.40
CA PRO A 19 2.04 -1.69 -9.47
C PRO A 19 1.68 -2.66 -10.61
N LEU A 20 0.49 -2.55 -11.14
CA LEU A 20 0.09 -3.39 -12.31
C LEU A 20 0.60 -2.83 -13.68
N PRO A 21 0.41 -1.53 -14.02
CA PRO A 21 1.14 -0.99 -15.20
C PRO A 21 2.64 -0.89 -14.91
N LYS A 22 3.45 -0.69 -15.92
CA LYS A 22 4.93 -0.60 -15.71
C LYS A 22 5.30 0.83 -15.28
N VAL A 23 5.25 1.10 -13.99
CA VAL A 23 5.60 2.46 -13.47
C VAL A 23 6.26 2.33 -12.08
N GLU A 24 7.25 3.14 -11.81
CA GLU A 24 7.89 3.16 -10.46
C GLU A 24 7.72 4.52 -9.80
N LEU A 25 7.05 4.55 -8.66
CA LEU A 25 6.79 5.87 -7.98
C LEU A 25 7.90 6.17 -6.95
N PRO A 26 8.34 7.42 -6.87
CA PRO A 26 9.36 7.82 -5.84
C PRO A 26 8.85 7.54 -4.41
N PRO A 27 9.76 7.52 -3.45
CA PRO A 27 9.41 7.12 -2.04
C PRO A 27 8.45 8.12 -1.36
N ASP A 28 8.19 9.28 -1.95
CA ASP A 28 7.25 10.25 -1.33
C ASP A 28 5.78 9.81 -1.54
N PHE A 29 5.51 9.12 -2.64
CA PHE A 29 4.11 8.68 -2.93
C PHE A 29 3.55 7.80 -1.81
N VAL A 30 4.34 6.85 -1.33
CA VAL A 30 3.81 5.82 -0.36
C VAL A 30 3.25 6.50 0.90
N ASP A 31 3.83 7.61 1.30
CA ASP A 31 3.33 8.36 2.49
C ASP A 31 1.98 9.02 2.16
N VAL A 32 1.86 9.59 0.98
CA VAL A 32 0.60 10.31 0.60
C VAL A 32 -0.54 9.29 0.43
N ILE A 33 -0.24 8.15 -0.15
CA ILE A 33 -1.28 7.06 -0.29
C ILE A 33 -1.72 6.57 1.09
N ARG A 34 -0.79 6.39 2.01
CA ARG A 34 -1.14 5.94 3.40
C ARG A 34 -2.10 6.94 4.07
N ILE A 35 -1.88 8.22 3.90
CA ILE A 35 -2.76 9.27 4.53
C ILE A 35 -4.18 9.18 3.95
N LYS A 36 -4.29 9.01 2.65
CA LYS A 36 -5.63 8.89 1.99
C LYS A 36 -6.36 7.61 2.44
N LEU A 37 -5.66 6.51 2.49
CA LEU A 37 -6.33 5.16 2.62
C LEU A 37 -6.47 4.73 4.08
N GLN A 38 -5.64 5.23 4.98
CA GLN A 38 -5.64 4.75 6.42
C GLN A 38 -7.04 4.76 7.04
N GLY A 39 -7.28 3.86 7.96
CA GLY A 39 -8.67 3.67 8.51
C GLY A 39 -9.39 2.53 7.78
N LYS A 40 -9.03 2.25 6.55
CA LYS A 40 -9.63 1.09 5.81
C LYS A 40 -8.81 -0.18 6.07
N THR A 41 -9.42 -1.34 5.95
CA THR A 41 -8.70 -2.62 6.18
C THR A 41 -8.31 -3.26 4.84
N VAL A 42 -7.22 -4.00 4.83
CA VAL A 42 -6.71 -4.60 3.56
C VAL A 42 -6.43 -6.09 3.75
N ARG A 43 -6.67 -6.88 2.72
CA ARG A 43 -6.28 -8.32 2.74
C ARG A 43 -5.58 -8.69 1.43
N THR A 44 -4.64 -9.62 1.49
CA THR A 44 -3.86 -10.03 0.26
C THR A 44 -4.80 -10.45 -0.88
N GLY A 45 -4.50 -10.04 -2.10
CA GLY A 45 -5.30 -10.46 -3.28
C GLY A 45 -6.31 -9.37 -3.69
N ASP A 46 -6.61 -8.42 -2.82
CA ASP A 46 -7.57 -7.32 -3.19
C ASP A 46 -6.99 -6.45 -4.32
N VAL A 47 -7.85 -5.86 -5.11
CA VAL A 47 -7.39 -4.93 -6.20
C VAL A 47 -8.17 -3.61 -6.09
N ILE A 48 -7.47 -2.50 -6.09
CA ILE A 48 -8.16 -1.16 -6.03
C ILE A 48 -7.48 -0.17 -6.99
N GLY A 49 -8.26 0.75 -7.53
CA GLY A 49 -7.70 1.74 -8.51
C GLY A 49 -7.68 3.13 -7.86
N ILE A 50 -6.62 3.88 -8.08
CA ILE A 50 -6.55 5.28 -7.54
C ILE A 50 -6.15 6.23 -8.68
N SER A 51 -6.83 7.35 -8.80
CA SER A 51 -6.43 8.41 -9.77
C SER A 51 -5.43 9.38 -9.12
N ILE A 52 -4.27 9.55 -9.70
CA ILE A 52 -3.26 10.51 -9.15
C ILE A 52 -2.78 11.44 -10.26
N LEU A 53 -2.80 12.74 -10.02
CA LEU A 53 -2.29 13.75 -11.01
C LEU A 53 -2.89 13.56 -12.41
N GLY A 54 -4.12 13.09 -12.47
CA GLY A 54 -4.81 12.91 -13.79
C GLY A 54 -4.33 11.64 -14.49
N LYS A 55 -3.83 10.67 -13.75
CA LYS A 55 -3.38 9.39 -14.37
C LYS A 55 -3.87 8.19 -13.54
N GLU A 56 -4.55 7.27 -14.16
CA GLU A 56 -5.11 6.09 -13.42
C GLU A 56 -4.01 5.04 -13.20
N VAL A 57 -3.85 4.58 -11.98
CA VAL A 57 -2.92 3.44 -11.70
C VAL A 57 -3.66 2.32 -10.95
N LYS A 58 -3.49 1.10 -11.40
CA LYS A 58 -4.10 -0.07 -10.68
C LYS A 58 -3.08 -0.66 -9.70
N PHE A 59 -3.48 -0.83 -8.46
CA PHE A 59 -2.55 -1.38 -7.42
C PHE A 59 -3.02 -2.76 -6.95
N LYS A 60 -2.13 -3.72 -6.91
CA LYS A 60 -2.46 -5.07 -6.38
C LYS A 60 -1.90 -5.22 -4.96
N VAL A 61 -2.70 -5.73 -4.05
CA VAL A 61 -2.19 -6.00 -2.65
C VAL A 61 -1.38 -7.30 -2.67
N VAL A 62 -0.09 -7.20 -2.47
CA VAL A 62 0.81 -8.39 -2.63
C VAL A 62 0.72 -9.25 -1.36
N GLN A 63 0.77 -8.61 -0.21
CA GLN A 63 0.72 -9.38 1.09
C GLN A 63 0.36 -8.45 2.24
N ALA A 64 -0.54 -8.88 3.10
CA ALA A 64 -0.86 -8.11 4.33
C ALA A 64 -0.26 -8.82 5.55
N TYR A 65 0.42 -8.08 6.40
CA TYR A 65 1.04 -8.68 7.62
C TYR A 65 0.65 -7.86 8.87
N PRO A 66 -0.05 -8.43 9.84
CA PRO A 66 -0.83 -9.71 9.69
C PRO A 66 -2.10 -9.46 8.87
N SER A 67 -2.72 -10.51 8.38
CA SER A 67 -4.02 -10.35 7.63
C SER A 67 -5.20 -10.73 8.54
N PRO A 68 -6.33 -10.04 8.46
CA PRO A 68 -6.42 -8.65 7.90
C PRO A 68 -5.77 -7.63 8.83
N LEU A 69 -5.46 -6.46 8.32
CA LEU A 69 -5.01 -5.34 9.21
C LEU A 69 -5.58 -4.00 8.72
N ARG A 70 -5.70 -3.04 9.60
CA ARG A 70 -6.07 -1.65 9.18
C ARG A 70 -4.80 -0.83 8.97
N VAL A 71 -4.82 0.05 7.98
CA VAL A 71 -3.60 0.87 7.66
C VAL A 71 -3.58 2.11 8.57
N GLU A 72 -2.49 2.31 9.29
CA GLU A 72 -2.34 3.51 10.16
C GLU A 72 -0.99 4.18 9.91
N ASP A 73 -0.80 5.39 10.39
CA ASP A 73 0.50 6.12 10.20
C ASP A 73 1.68 5.34 10.78
N ARG A 74 1.42 4.52 11.79
CA ARG A 74 2.52 3.69 12.39
C ARG A 74 2.81 2.43 11.56
N THR A 75 1.89 2.01 10.71
CA THR A 75 2.14 0.82 9.83
C THR A 75 3.05 1.20 8.66
N LYS A 76 4.02 0.37 8.36
CA LYS A 76 4.98 0.68 7.25
C LYS A 76 4.43 0.15 5.92
N ILE A 77 4.55 0.92 4.87
CA ILE A 77 4.08 0.45 3.52
C ILE A 77 5.25 0.53 2.53
N THR A 78 5.46 -0.51 1.76
CA THR A 78 6.63 -0.57 0.84
C THR A 78 6.17 -0.89 -0.59
N LEU A 79 6.80 -0.26 -1.56
CA LEU A 79 6.48 -0.57 -3.00
C LEU A 79 7.54 -1.52 -3.58
N VAL A 80 7.11 -2.62 -4.16
CA VAL A 80 8.07 -3.60 -4.76
C VAL A 80 8.23 -3.30 -6.26
N THR A 81 9.45 -3.28 -6.74
CA THR A 81 9.70 -3.16 -8.21
C THR A 81 10.97 -3.93 -8.59
N HIS A 82 11.09 -4.30 -9.85
CA HIS A 82 12.31 -5.03 -10.31
C HIS A 82 12.74 -4.52 -11.71
N PRO A 83 13.68 -3.59 -11.74
CA PRO A 83 14.17 -3.06 -13.05
C PRO A 83 14.95 -4.15 -13.81
N GLU A 8 2.01 -8.32 26.41
CA GLU A 8 3.46 -8.02 26.32
C GLU A 8 4.00 -8.40 24.94
N GLY A 9 4.91 -7.61 24.41
CA GLY A 9 5.49 -7.89 23.06
C GLY A 9 4.96 -6.86 22.05
N VAL A 10 5.85 -6.28 21.27
CA VAL A 10 5.42 -5.26 20.26
C VAL A 10 5.11 -5.96 18.93
N ILE A 11 4.06 -5.55 18.26
CA ILE A 11 3.68 -6.18 16.96
C ILE A 11 3.96 -5.18 15.83
N MET A 12 4.82 -5.55 14.90
CA MET A 12 5.06 -4.70 13.69
C MET A 12 4.06 -5.04 12.58
N SER A 13 3.24 -4.08 12.20
CA SER A 13 2.28 -4.30 11.07
C SER A 13 2.83 -3.70 9.78
N GLU A 14 2.58 -4.34 8.65
CA GLU A 14 3.19 -3.89 7.36
C GLU A 14 2.28 -4.23 6.18
N LEU A 15 2.32 -3.41 5.15
CA LEU A 15 1.53 -3.68 3.91
C LEU A 15 2.45 -3.64 2.68
N LYS A 16 2.51 -4.72 1.94
CA LYS A 16 3.37 -4.75 0.70
C LYS A 16 2.49 -4.66 -0.54
N LEU A 17 2.85 -3.80 -1.47
CA LEU A 17 2.00 -3.56 -2.68
C LEU A 17 2.83 -3.70 -3.96
N LYS A 18 2.18 -4.02 -5.05
CA LYS A 18 2.88 -4.03 -6.38
C LYS A 18 2.03 -3.24 -7.41
N PRO A 19 2.64 -2.29 -8.12
CA PRO A 19 1.90 -1.57 -9.19
C PRO A 19 1.74 -2.45 -10.43
N LEU A 20 0.60 -2.40 -11.06
CA LEU A 20 0.37 -3.19 -12.31
C LEU A 20 1.01 -2.54 -13.58
N PRO A 21 0.83 -1.23 -13.87
CA PRO A 21 1.68 -0.60 -14.93
C PRO A 21 3.13 -0.49 -14.44
N LYS A 22 4.07 -0.41 -15.36
CA LYS A 22 5.51 -0.31 -14.97
C LYS A 22 5.88 1.14 -14.67
N VAL A 23 5.88 1.52 -13.40
CA VAL A 23 6.26 2.91 -13.01
C VAL A 23 6.98 2.90 -11.66
N GLU A 24 8.00 3.72 -11.51
CA GLU A 24 8.73 3.82 -10.21
C GLU A 24 8.37 5.14 -9.52
N LEU A 25 7.72 5.06 -8.38
CA LEU A 25 7.26 6.29 -7.67
C LEU A 25 8.31 6.71 -6.61
N PRO A 26 8.75 7.97 -6.63
CA PRO A 26 9.73 8.45 -5.60
C PRO A 26 9.18 8.30 -4.18
N PRO A 27 10.05 8.43 -3.18
CA PRO A 27 9.67 8.11 -1.78
C PRO A 27 8.60 9.06 -1.20
N ASP A 28 8.27 10.13 -1.89
CA ASP A 28 7.20 11.06 -1.38
C ASP A 28 5.80 10.45 -1.59
N PHE A 29 5.63 9.65 -2.63
CA PHE A 29 4.29 9.06 -2.92
C PHE A 29 3.79 8.19 -1.76
N VAL A 30 4.64 7.35 -1.23
CA VAL A 30 4.19 6.33 -0.21
C VAL A 30 3.56 7.02 1.01
N ASP A 31 4.05 8.19 1.36
CA ASP A 31 3.46 8.96 2.50
C ASP A 31 2.06 9.47 2.14
N VAL A 32 1.90 9.97 0.94
CA VAL A 32 0.58 10.55 0.52
C VAL A 32 -0.46 9.41 0.39
N ILE A 33 -0.06 8.28 -0.14
CA ILE A 33 -0.99 7.10 -0.26
C ILE A 33 -1.41 6.62 1.14
N ARG A 34 -0.47 6.54 2.06
CA ARG A 34 -0.80 6.08 3.46
C ARG A 34 -1.82 7.03 4.12
N ILE A 35 -1.67 8.31 3.93
CA ILE A 35 -2.61 9.31 4.57
C ILE A 35 -4.03 9.15 3.99
N LYS A 36 -4.13 8.94 2.69
CA LYS A 36 -5.48 8.75 2.06
C LYS A 36 -6.11 7.43 2.52
N LEU A 37 -5.34 6.38 2.59
CA LEU A 37 -5.93 5.00 2.72
C LEU A 37 -6.15 4.60 4.18
N GLN A 38 -5.37 5.14 5.11
CA GLN A 38 -5.44 4.72 6.56
C GLN A 38 -6.89 4.74 7.10
N GLY A 39 -7.20 3.83 7.99
CA GLY A 39 -8.61 3.69 8.50
C GLY A 39 -9.35 2.60 7.71
N LYS A 40 -8.95 2.32 6.49
CA LYS A 40 -9.57 1.20 5.71
C LYS A 40 -8.84 -0.12 6.01
N THR A 41 -9.52 -1.23 5.85
CA THR A 41 -8.89 -2.56 6.12
C THR A 41 -8.45 -3.22 4.81
N VAL A 42 -7.39 -3.99 4.86
CA VAL A 42 -6.82 -4.60 3.61
C VAL A 42 -6.59 -6.11 3.82
N ARG A 43 -6.85 -6.90 2.80
CA ARG A 43 -6.49 -8.34 2.84
C ARG A 43 -5.82 -8.75 1.51
N THR A 44 -4.87 -9.66 1.57
CA THR A 44 -4.07 -10.04 0.35
C THR A 44 -4.99 -10.46 -0.82
N GLY A 45 -4.68 -10.01 -2.01
CA GLY A 45 -5.48 -10.42 -3.21
C GLY A 45 -6.49 -9.33 -3.61
N ASP A 46 -6.80 -8.40 -2.72
CA ASP A 46 -7.72 -7.27 -3.10
C ASP A 46 -7.09 -6.39 -4.18
N VAL A 47 -7.90 -5.76 -4.98
CA VAL A 47 -7.38 -4.83 -6.04
C VAL A 47 -8.18 -3.51 -6.00
N ILE A 48 -7.49 -2.40 -6.00
CA ILE A 48 -8.19 -1.07 -5.95
C ILE A 48 -7.54 -0.09 -6.94
N GLY A 49 -8.30 0.86 -7.44
CA GLY A 49 -7.78 1.83 -8.44
C GLY A 49 -7.63 3.22 -7.79
N ILE A 50 -6.57 3.92 -8.11
CA ILE A 50 -6.39 5.33 -7.61
C ILE A 50 -6.22 6.27 -8.81
N SER A 51 -6.88 7.42 -8.75
CA SER A 51 -6.63 8.48 -9.78
C SER A 51 -5.49 9.40 -9.32
N ILE A 52 -4.44 9.50 -10.10
CA ILE A 52 -3.30 10.40 -9.74
C ILE A 52 -2.95 11.29 -10.95
N LEU A 53 -2.91 12.59 -10.76
CA LEU A 53 -2.48 13.55 -11.84
C LEU A 53 -3.26 13.33 -13.15
N GLY A 54 -4.49 12.90 -13.06
CA GLY A 54 -5.34 12.69 -14.27
C GLY A 54 -4.96 11.38 -14.98
N LYS A 55 -4.39 10.43 -14.26
CA LYS A 55 -3.99 9.14 -14.89
C LYS A 55 -4.44 7.96 -14.01
N GLU A 56 -5.08 6.97 -14.59
CA GLU A 56 -5.56 5.80 -13.80
C GLU A 56 -4.42 4.81 -13.54
N VAL A 57 -4.23 4.43 -12.31
CA VAL A 57 -3.23 3.36 -11.97
C VAL A 57 -3.90 2.27 -11.11
N LYS A 58 -3.70 1.02 -11.45
CA LYS A 58 -4.25 -0.10 -10.64
C LYS A 58 -3.17 -0.63 -9.68
N PHE A 59 -3.52 -0.80 -8.43
CA PHE A 59 -2.57 -1.39 -7.44
C PHE A 59 -3.11 -2.71 -6.89
N LYS A 60 -2.28 -3.74 -6.86
CA LYS A 60 -2.69 -5.03 -6.24
C LYS A 60 -2.06 -5.18 -4.85
N VAL A 61 -2.82 -5.69 -3.90
CA VAL A 61 -2.27 -5.93 -2.52
C VAL A 61 -1.50 -7.25 -2.53
N VAL A 62 -0.21 -7.18 -2.33
CA VAL A 62 0.66 -8.41 -2.48
C VAL A 62 0.56 -9.26 -1.21
N GLN A 63 0.61 -8.63 -0.06
CA GLN A 63 0.57 -9.38 1.24
C GLN A 63 0.24 -8.43 2.40
N ALA A 64 -0.72 -8.80 3.22
CA ALA A 64 -1.00 -8.05 4.47
C ALA A 64 -0.42 -8.81 5.67
N TYR A 65 0.26 -8.11 6.56
CA TYR A 65 0.86 -8.77 7.76
C TYR A 65 0.45 -8.01 9.05
N PRO A 66 -0.30 -8.61 9.95
CA PRO A 66 -1.08 -9.88 9.71
C PRO A 66 -2.29 -9.59 8.83
N SER A 67 -2.89 -10.61 8.27
CA SER A 67 -4.11 -10.42 7.42
C SER A 67 -5.37 -10.80 8.21
N PRO A 68 -6.48 -10.09 8.05
CA PRO A 68 -6.51 -8.68 7.53
C PRO A 68 -5.97 -7.71 8.58
N LEU A 69 -5.61 -6.51 8.15
CA LEU A 69 -5.20 -5.44 9.12
C LEU A 69 -5.72 -4.07 8.65
N ARG A 70 -5.88 -3.14 9.55
CA ARG A 70 -6.21 -1.73 9.16
C ARG A 70 -4.91 -0.93 8.98
N VAL A 71 -4.88 -0.06 7.99
CA VAL A 71 -3.63 0.73 7.71
C VAL A 71 -3.58 1.95 8.65
N GLU A 72 -2.43 2.22 9.21
CA GLU A 72 -2.28 3.40 10.13
C GLU A 72 -1.06 4.22 9.74
N ASP A 73 -0.89 5.37 10.35
CA ASP A 73 0.41 6.13 10.22
C ASP A 73 1.58 5.31 10.77
N ARG A 74 1.33 4.45 11.74
CA ARG A 74 2.42 3.61 12.33
C ARG A 74 2.69 2.36 11.48
N THR A 75 1.74 1.95 10.66
CA THR A 75 1.96 0.76 9.77
C THR A 75 2.97 1.10 8.67
N LYS A 76 3.95 0.25 8.46
CA LYS A 76 4.99 0.51 7.41
C LYS A 76 4.52 -0.03 6.06
N ILE A 77 4.76 0.70 5.00
CA ILE A 77 4.33 0.24 3.64
C ILE A 77 5.54 0.24 2.69
N THR A 78 5.65 -0.78 1.87
CA THR A 78 6.83 -0.91 0.96
C THR A 78 6.38 -1.21 -0.47
N LEU A 79 7.06 -0.65 -1.45
CA LEU A 79 6.73 -0.94 -2.88
C LEU A 79 7.67 -2.00 -3.43
N VAL A 80 7.12 -3.08 -3.95
CA VAL A 80 7.97 -4.19 -4.50
C VAL A 80 8.10 -4.02 -6.02
N THR A 81 9.22 -4.45 -6.56
CA THR A 81 9.39 -4.47 -8.05
C THR A 81 10.22 -5.68 -8.47
N HIS A 82 10.11 -6.10 -9.71
CA HIS A 82 10.87 -7.29 -10.21
C HIS A 82 11.60 -6.95 -11.51
N PRO A 83 12.88 -6.61 -11.43
CA PRO A 83 13.67 -6.31 -12.65
C PRO A 83 13.88 -7.58 -13.48
N GLU A 8 3.16 -5.33 26.77
CA GLU A 8 4.20 -6.12 26.01
C GLU A 8 5.01 -5.19 25.10
N GLY A 9 4.36 -4.25 24.47
CA GLY A 9 5.08 -3.29 23.57
C GLY A 9 4.18 -2.91 22.39
N VAL A 10 4.73 -2.25 21.40
CA VAL A 10 3.92 -1.82 20.21
C VAL A 10 3.96 -2.92 19.14
N ILE A 11 2.87 -3.10 18.42
CA ILE A 11 2.82 -4.15 17.35
C ILE A 11 3.24 -3.53 16.01
N MET A 12 4.24 -4.08 15.38
CA MET A 12 4.66 -3.60 14.03
C MET A 12 3.85 -4.31 12.92
N SER A 13 3.05 -3.56 12.20
CA SER A 13 2.30 -4.13 11.03
C SER A 13 2.82 -3.53 9.73
N GLU A 14 2.60 -4.21 8.62
CA GLU A 14 3.15 -3.75 7.31
C GLU A 14 2.26 -4.23 6.16
N LEU A 15 2.22 -3.47 5.08
CA LEU A 15 1.50 -3.91 3.85
C LEU A 15 2.42 -3.81 2.63
N LYS A 16 2.51 -4.86 1.85
CA LYS A 16 3.32 -4.82 0.59
C LYS A 16 2.40 -4.71 -0.63
N LEU A 17 2.69 -3.78 -1.51
CA LEU A 17 1.79 -3.52 -2.68
C LEU A 17 2.59 -3.55 -3.98
N LYS A 18 1.93 -3.89 -5.07
CA LYS A 18 2.60 -3.84 -6.41
C LYS A 18 1.71 -3.09 -7.42
N PRO A 19 2.29 -2.11 -8.12
CA PRO A 19 1.53 -1.44 -9.22
C PRO A 19 1.49 -2.32 -10.46
N LEU A 20 0.36 -2.38 -11.14
CA LEU A 20 0.25 -3.18 -12.40
C LEU A 20 0.98 -2.51 -13.62
N PRO A 21 0.78 -1.22 -13.93
CA PRO A 21 1.69 -0.57 -14.93
C PRO A 21 3.09 -0.40 -14.32
N LYS A 22 4.12 -0.45 -15.15
CA LYS A 22 5.52 -0.31 -14.65
C LYS A 22 5.86 1.17 -14.41
N VAL A 23 6.00 1.56 -13.15
CA VAL A 23 6.35 2.98 -12.82
C VAL A 23 7.20 3.04 -11.55
N GLU A 24 8.16 3.94 -11.51
CA GLU A 24 8.99 4.13 -10.28
C GLU A 24 8.64 5.47 -9.62
N LEU A 25 7.94 5.43 -8.51
CA LEU A 25 7.47 6.69 -7.85
C LEU A 25 8.49 7.14 -6.78
N PRO A 26 8.78 8.44 -6.72
CA PRO A 26 9.71 8.97 -5.66
C PRO A 26 9.17 8.68 -4.25
N PRO A 27 10.03 8.84 -3.24
CA PRO A 27 9.66 8.46 -1.84
C PRO A 27 8.54 9.33 -1.26
N ASP A 28 8.16 10.41 -1.92
CA ASP A 28 7.04 11.27 -1.38
C ASP A 28 5.67 10.62 -1.62
N PHE A 29 5.55 9.83 -2.68
CA PHE A 29 4.23 9.18 -2.99
C PHE A 29 3.76 8.28 -1.84
N VAL A 30 4.65 7.50 -1.27
CA VAL A 30 4.23 6.45 -0.27
C VAL A 30 3.53 7.12 0.94
N ASP A 31 3.95 8.32 1.28
CA ASP A 31 3.29 9.06 2.42
C ASP A 31 1.88 9.50 2.01
N VAL A 32 1.73 9.98 0.79
CA VAL A 32 0.38 10.49 0.32
C VAL A 32 -0.58 9.30 0.19
N ILE A 33 -0.11 8.18 -0.33
CA ILE A 33 -0.98 6.96 -0.45
C ILE A 33 -1.39 6.47 0.95
N ARG A 34 -0.47 6.46 1.89
CA ARG A 34 -0.79 6.01 3.30
C ARG A 34 -1.90 6.88 3.92
N ILE A 35 -1.86 8.18 3.68
CA ILE A 35 -2.91 9.10 4.25
C ILE A 35 -4.28 8.78 3.61
N LYS A 36 -4.31 8.56 2.32
CA LYS A 36 -5.59 8.22 1.61
C LYS A 36 -6.16 6.89 2.11
N LEU A 37 -5.31 5.90 2.32
CA LEU A 37 -5.79 4.50 2.54
C LEU A 37 -6.05 4.24 4.03
N GLN A 38 -5.27 4.84 4.91
CA GLN A 38 -5.36 4.51 6.39
C GLN A 38 -6.80 4.60 6.93
N GLY A 39 -7.13 3.73 7.87
CA GLY A 39 -8.54 3.64 8.38
C GLY A 39 -9.29 2.53 7.65
N LYS A 40 -8.91 2.21 6.42
CA LYS A 40 -9.57 1.07 5.70
C LYS A 40 -8.81 -0.24 5.98
N THR A 41 -9.48 -1.36 5.85
CA THR A 41 -8.84 -2.68 6.13
C THR A 41 -8.40 -3.33 4.81
N VAL A 42 -7.32 -4.09 4.85
CA VAL A 42 -6.78 -4.71 3.60
C VAL A 42 -6.55 -6.21 3.81
N ARG A 43 -6.85 -7.01 2.81
CA ARG A 43 -6.58 -8.47 2.87
C ARG A 43 -5.94 -8.94 1.56
N THR A 44 -5.15 -9.98 1.61
CA THR A 44 -4.36 -10.43 0.40
C THR A 44 -5.27 -10.68 -0.81
N GLY A 45 -4.88 -10.20 -1.96
CA GLY A 45 -5.62 -10.51 -3.22
C GLY A 45 -6.58 -9.37 -3.61
N ASP A 46 -6.90 -8.48 -2.69
CA ASP A 46 -7.83 -7.34 -3.03
C ASP A 46 -7.22 -6.44 -4.12
N VAL A 47 -8.06 -5.79 -4.90
CA VAL A 47 -7.56 -4.86 -5.95
C VAL A 47 -8.36 -3.54 -5.87
N ILE A 48 -7.67 -2.42 -5.89
CA ILE A 48 -8.37 -1.09 -5.83
C ILE A 48 -7.71 -0.11 -6.80
N GLY A 49 -8.48 0.83 -7.31
CA GLY A 49 -7.94 1.81 -8.31
C GLY A 49 -7.79 3.19 -7.66
N ILE A 50 -6.72 3.87 -7.94
CA ILE A 50 -6.51 5.26 -7.41
C ILE A 50 -6.20 6.21 -8.58
N SER A 51 -6.79 7.39 -8.55
CA SER A 51 -6.42 8.45 -9.55
C SER A 51 -5.28 9.32 -8.99
N ILE A 52 -4.13 9.30 -9.64
CA ILE A 52 -2.98 10.13 -9.16
C ILE A 52 -2.39 10.92 -10.34
N LEU A 53 -2.06 12.17 -10.12
CA LEU A 53 -1.32 13.01 -11.14
C LEU A 53 -2.03 12.99 -12.51
N GLY A 54 -3.35 12.88 -12.49
CA GLY A 54 -4.13 12.94 -13.76
C GLY A 54 -4.02 11.60 -14.52
N LYS A 55 -3.69 10.52 -13.84
CA LYS A 55 -3.52 9.20 -14.53
C LYS A 55 -4.11 8.07 -13.67
N GLU A 56 -4.81 7.15 -14.28
CA GLU A 56 -5.40 6.00 -13.52
C GLU A 56 -4.34 4.93 -13.29
N VAL A 57 -4.17 4.51 -12.05
CA VAL A 57 -3.23 3.38 -11.72
C VAL A 57 -3.97 2.32 -10.90
N LYS A 58 -3.84 1.06 -11.28
CA LYS A 58 -4.43 -0.05 -10.49
C LYS A 58 -3.38 -0.66 -9.56
N PHE A 59 -3.71 -0.83 -8.30
CA PHE A 59 -2.77 -1.45 -7.32
C PHE A 59 -3.32 -2.79 -6.82
N LYS A 60 -2.49 -3.82 -6.84
CA LYS A 60 -2.89 -5.13 -6.24
C LYS A 60 -2.23 -5.30 -4.86
N VAL A 61 -2.97 -5.84 -3.91
CA VAL A 61 -2.39 -6.08 -2.54
C VAL A 61 -1.63 -7.41 -2.55
N VAL A 62 -0.33 -7.35 -2.40
CA VAL A 62 0.53 -8.56 -2.57
C VAL A 62 0.47 -9.40 -1.29
N GLN A 63 0.57 -8.76 -0.14
CA GLN A 63 0.58 -9.51 1.16
C GLN A 63 0.32 -8.55 2.33
N ALA A 64 -0.60 -8.92 3.20
CA ALA A 64 -0.84 -8.11 4.44
C ALA A 64 -0.26 -8.84 5.66
N TYR A 65 0.42 -8.12 6.52
CA TYR A 65 1.01 -8.73 7.76
C TYR A 65 0.60 -7.92 9.01
N PRO A 66 -0.12 -8.50 9.96
CA PRO A 66 -0.88 -9.79 9.79
C PRO A 66 -2.12 -9.56 8.93
N SER A 67 -2.71 -10.62 8.43
CA SER A 67 -3.94 -10.49 7.59
C SER A 67 -5.19 -10.84 8.41
N PRO A 68 -6.31 -10.17 8.19
CA PRO A 68 -6.37 -8.77 7.63
C PRO A 68 -5.85 -7.76 8.65
N LEU A 69 -5.53 -6.57 8.20
CA LEU A 69 -5.14 -5.46 9.14
C LEU A 69 -5.68 -4.11 8.64
N ARG A 70 -5.86 -3.17 9.53
CA ARG A 70 -6.17 -1.77 9.11
C ARG A 70 -4.87 -0.98 8.92
N VAL A 71 -4.82 -0.15 7.91
CA VAL A 71 -3.57 0.63 7.62
C VAL A 71 -3.53 1.88 8.52
N GLU A 72 -2.39 2.13 9.13
CA GLU A 72 -2.26 3.31 10.05
C GLU A 72 -0.99 4.11 9.70
N ASP A 73 -0.90 5.33 10.18
CA ASP A 73 0.31 6.18 9.92
C ASP A 73 1.59 5.52 10.46
N ARG A 74 1.46 4.73 11.50
CA ARG A 74 2.65 3.99 12.04
C ARG A 74 2.91 2.70 11.25
N THR A 75 1.92 2.19 10.53
CA THR A 75 2.12 0.95 9.71
C THR A 75 3.09 1.24 8.55
N LYS A 76 4.01 0.34 8.31
CA LYS A 76 5.03 0.55 7.21
C LYS A 76 4.48 0.02 5.89
N ILE A 77 4.71 0.74 4.81
CA ILE A 77 4.25 0.27 3.46
C ILE A 77 5.45 0.26 2.50
N THR A 78 5.57 -0.79 1.71
CA THR A 78 6.73 -0.90 0.77
C THR A 78 6.22 -1.17 -0.65
N LEU A 79 6.84 -0.54 -1.64
CA LEU A 79 6.45 -0.78 -3.07
C LEU A 79 7.41 -1.78 -3.71
N VAL A 80 6.87 -2.83 -4.30
CA VAL A 80 7.72 -3.87 -4.95
C VAL A 80 7.87 -3.55 -6.44
N THR A 81 9.08 -3.67 -6.96
CA THR A 81 9.30 -3.52 -8.43
C THR A 81 10.46 -4.41 -8.88
N HIS A 82 11.60 -4.27 -8.23
CA HIS A 82 12.78 -5.13 -8.56
C HIS A 82 13.37 -5.74 -7.27
N PRO A 83 12.94 -6.93 -6.90
CA PRO A 83 13.45 -7.58 -5.67
C PRO A 83 14.91 -7.99 -5.86
N GLU A 8 1.73 -5.04 27.48
CA GLU A 8 1.04 -5.47 26.22
C GLU A 8 2.07 -5.88 25.18
N GLY A 9 3.21 -5.23 25.16
CA GLY A 9 4.29 -5.57 24.18
C GLY A 9 4.26 -4.59 23.01
N VAL A 10 5.22 -4.67 22.13
CA VAL A 10 5.28 -3.74 20.96
C VAL A 10 4.52 -4.35 19.78
N ILE A 11 3.73 -3.56 19.09
CA ILE A 11 2.95 -4.06 17.92
C ILE A 11 3.49 -3.41 16.63
N MET A 12 3.61 -4.17 15.58
CA MET A 12 4.11 -3.62 14.28
C MET A 12 3.43 -4.30 13.10
N SER A 13 2.73 -3.54 12.28
CA SER A 13 2.05 -4.11 11.08
C SER A 13 2.70 -3.60 9.79
N GLU A 14 2.52 -4.30 8.70
CA GLU A 14 3.17 -3.92 7.41
C GLU A 14 2.30 -4.34 6.22
N LEU A 15 2.32 -3.57 5.15
CA LEU A 15 1.60 -3.96 3.90
C LEU A 15 2.55 -3.87 2.70
N LYS A 16 2.61 -4.93 1.91
CA LYS A 16 3.45 -4.91 0.68
C LYS A 16 2.56 -4.76 -0.56
N LEU A 17 2.90 -3.83 -1.43
CA LEU A 17 2.06 -3.53 -2.63
C LEU A 17 2.88 -3.64 -3.91
N LYS A 18 2.22 -3.92 -5.01
CA LYS A 18 2.93 -3.92 -6.34
C LYS A 18 2.09 -3.13 -7.37
N PRO A 19 2.73 -2.20 -8.10
CA PRO A 19 1.99 -1.46 -9.17
C PRO A 19 1.75 -2.37 -10.38
N LEU A 20 0.60 -2.24 -11.01
CA LEU A 20 0.31 -3.06 -12.24
C LEU A 20 0.91 -2.46 -13.54
N PRO A 21 0.75 -1.16 -13.86
CA PRO A 21 1.57 -0.58 -14.97
C PRO A 21 3.04 -0.51 -14.56
N LYS A 22 3.94 -0.45 -15.52
CA LYS A 22 5.40 -0.39 -15.21
C LYS A 22 5.82 1.06 -14.93
N VAL A 23 5.85 1.45 -13.67
CA VAL A 23 6.25 2.83 -13.30
C VAL A 23 7.00 2.82 -11.95
N GLU A 24 8.02 3.64 -11.82
CA GLU A 24 8.76 3.75 -10.52
C GLU A 24 8.43 5.08 -9.84
N LEU A 25 7.75 5.03 -8.73
CA LEU A 25 7.32 6.29 -8.03
C LEU A 25 8.37 6.71 -6.97
N PRO A 26 8.77 7.97 -6.96
CA PRO A 26 9.74 8.46 -5.92
C PRO A 26 9.19 8.26 -4.49
N PRO A 27 10.05 8.39 -3.50
CA PRO A 27 9.68 8.02 -2.09
C PRO A 27 8.58 8.94 -1.51
N ASP A 28 8.23 10.02 -2.18
CA ASP A 28 7.14 10.92 -1.64
C ASP A 28 5.75 10.28 -1.87
N PHE A 29 5.60 9.49 -2.91
CA PHE A 29 4.27 8.86 -3.22
C PHE A 29 3.79 7.99 -2.06
N VAL A 30 4.66 7.17 -1.51
CA VAL A 30 4.22 6.14 -0.49
C VAL A 30 3.56 6.83 0.72
N ASP A 31 4.02 8.01 1.07
CA ASP A 31 3.40 8.77 2.21
C ASP A 31 2.00 9.25 1.82
N VAL A 32 1.86 9.74 0.61
CA VAL A 32 0.52 10.30 0.16
C VAL A 32 -0.49 9.15 0.04
N ILE A 33 -0.06 8.03 -0.48
CA ILE A 33 -0.98 6.83 -0.58
C ILE A 33 -1.40 6.36 0.82
N ARG A 34 -0.47 6.32 1.75
CA ARG A 34 -0.80 5.92 3.17
C ARG A 34 -1.87 6.83 3.78
N ILE A 35 -1.78 8.12 3.53
CA ILE A 35 -2.79 9.09 4.09
C ILE A 35 -4.17 8.82 3.47
N LYS A 36 -4.22 8.56 2.18
CA LYS A 36 -5.52 8.25 1.50
C LYS A 36 -6.14 6.95 2.04
N LEU A 37 -5.32 5.94 2.25
CA LEU A 37 -5.86 4.56 2.50
C LEU A 37 -6.10 4.32 4.00
N GLN A 38 -5.32 4.92 4.86
CA GLN A 38 -5.39 4.61 6.34
C GLN A 38 -6.83 4.70 6.89
N GLY A 39 -7.15 3.85 7.84
CA GLY A 39 -8.56 3.76 8.34
C GLY A 39 -9.31 2.63 7.64
N LYS A 40 -8.94 2.29 6.43
CA LYS A 40 -9.59 1.15 5.70
C LYS A 40 -8.83 -0.15 5.99
N THR A 41 -9.51 -1.28 5.87
CA THR A 41 -8.86 -2.60 6.15
C THR A 41 -8.43 -3.25 4.83
N VAL A 42 -7.34 -3.99 4.86
CA VAL A 42 -6.78 -4.60 3.62
C VAL A 42 -6.50 -6.10 3.82
N ARG A 43 -6.73 -6.89 2.80
CA ARG A 43 -6.35 -8.34 2.84
C ARG A 43 -5.66 -8.74 1.54
N THR A 44 -4.77 -9.70 1.60
CA THR A 44 -3.98 -10.12 0.38
C THR A 44 -4.89 -10.48 -0.79
N GLY A 45 -4.55 -10.04 -1.99
CA GLY A 45 -5.34 -10.43 -3.20
C GLY A 45 -6.34 -9.32 -3.60
N ASP A 46 -6.66 -8.41 -2.71
CA ASP A 46 -7.60 -7.29 -3.07
C ASP A 46 -6.98 -6.40 -4.16
N VAL A 47 -7.81 -5.77 -4.96
CA VAL A 47 -7.32 -4.83 -6.02
C VAL A 47 -8.10 -3.51 -5.94
N ILE A 48 -7.42 -2.40 -5.95
CA ILE A 48 -8.11 -1.07 -5.87
C ILE A 48 -7.47 -0.08 -6.85
N GLY A 49 -8.23 0.90 -7.30
CA GLY A 49 -7.72 1.91 -8.27
C GLY A 49 -7.56 3.27 -7.59
N ILE A 50 -6.52 4.00 -7.93
CA ILE A 50 -6.35 5.38 -7.39
C ILE A 50 -6.20 6.37 -8.56
N SER A 51 -6.88 7.49 -8.49
CA SER A 51 -6.63 8.59 -9.48
C SER A 51 -5.54 9.53 -8.98
N ILE A 52 -4.47 9.67 -9.73
CA ILE A 52 -3.35 10.58 -9.32
C ILE A 52 -3.00 11.52 -10.49
N LEU A 53 -3.00 12.82 -10.24
CA LEU A 53 -2.58 13.84 -11.27
C LEU A 53 -3.33 13.63 -12.61
N GLY A 54 -4.56 13.17 -12.54
CA GLY A 54 -5.37 12.99 -13.78
C GLY A 54 -4.95 11.72 -14.53
N LYS A 55 -4.37 10.75 -13.84
CA LYS A 55 -3.93 9.49 -14.50
C LYS A 55 -4.38 8.28 -13.67
N GLU A 56 -4.99 7.30 -14.31
CA GLU A 56 -5.49 6.10 -13.58
C GLU A 56 -4.33 5.11 -13.35
N VAL A 57 -4.14 4.69 -12.11
CA VAL A 57 -3.13 3.63 -11.80
C VAL A 57 -3.79 2.50 -10.99
N LYS A 58 -3.56 1.27 -11.38
CA LYS A 58 -4.11 0.11 -10.62
C LYS A 58 -3.06 -0.44 -9.65
N PHE A 59 -3.48 -0.75 -8.43
CA PHE A 59 -2.54 -1.32 -7.41
C PHE A 59 -3.07 -2.65 -6.90
N LYS A 60 -2.24 -3.67 -6.86
CA LYS A 60 -2.64 -4.97 -6.25
C LYS A 60 -1.99 -5.13 -4.87
N VAL A 61 -2.72 -5.71 -3.93
CA VAL A 61 -2.14 -5.97 -2.57
C VAL A 61 -1.41 -7.31 -2.59
N VAL A 62 -0.11 -7.29 -2.40
CA VAL A 62 0.71 -8.53 -2.56
C VAL A 62 0.58 -9.39 -1.29
N GLN A 63 0.62 -8.76 -0.13
CA GLN A 63 0.48 -9.52 1.16
C GLN A 63 0.20 -8.56 2.31
N ALA A 64 -0.76 -8.89 3.14
CA ALA A 64 -1.01 -8.10 4.39
C ALA A 64 -0.46 -8.86 5.61
N TYR A 65 0.25 -8.16 6.48
CA TYR A 65 0.83 -8.82 7.69
C TYR A 65 0.46 -8.01 8.96
N PRO A 66 -0.23 -8.59 9.92
CA PRO A 66 -1.03 -9.84 9.77
C PRO A 66 -2.32 -9.56 8.99
N SER A 67 -2.97 -10.59 8.49
CA SER A 67 -4.25 -10.39 7.75
C SER A 67 -5.44 -10.78 8.66
N PRO A 68 -6.57 -10.08 8.58
CA PRO A 68 -6.67 -8.70 7.99
C PRO A 68 -6.02 -7.67 8.93
N LEU A 69 -5.68 -6.51 8.41
CA LEU A 69 -5.24 -5.38 9.29
C LEU A 69 -5.74 -4.05 8.74
N ARG A 70 -5.88 -3.06 9.60
CA ARG A 70 -6.19 -1.67 9.13
C ARG A 70 -4.87 -0.89 8.91
N VAL A 71 -4.84 -0.06 7.89
CA VAL A 71 -3.60 0.73 7.60
C VAL A 71 -3.56 1.96 8.50
N GLU A 72 -2.45 2.17 9.17
CA GLU A 72 -2.32 3.33 10.11
C GLU A 72 -1.01 4.08 9.83
N ASP A 73 -0.89 5.28 10.36
CA ASP A 73 0.40 6.07 10.19
C ASP A 73 1.60 5.31 10.79
N ARG A 74 1.35 4.49 11.78
CA ARG A 74 2.45 3.65 12.37
C ARG A 74 2.71 2.39 11.53
N THR A 75 1.77 1.99 10.71
CA THR A 75 1.98 0.80 9.82
C THR A 75 2.94 1.16 8.69
N LYS A 76 3.96 0.36 8.47
CA LYS A 76 4.96 0.65 7.39
C LYS A 76 4.52 0.01 6.07
N ILE A 77 4.76 0.68 4.96
CA ILE A 77 4.37 0.12 3.63
C ILE A 77 5.59 0.10 2.71
N THR A 78 5.75 -0.96 1.94
CA THR A 78 6.93 -1.09 1.04
C THR A 78 6.48 -1.35 -0.40
N LEU A 79 7.16 -0.75 -1.36
CA LEU A 79 6.81 -0.96 -2.81
C LEU A 79 7.74 -2.01 -3.43
N VAL A 80 7.16 -3.10 -3.91
CA VAL A 80 7.97 -4.17 -4.56
C VAL A 80 7.96 -3.98 -6.08
N THR A 81 9.08 -4.23 -6.74
CA THR A 81 9.11 -4.21 -8.23
C THR A 81 10.12 -5.25 -8.74
N HIS A 82 9.90 -5.75 -9.94
CA HIS A 82 10.85 -6.74 -10.54
C HIS A 82 11.20 -6.35 -11.98
N PRO A 83 12.27 -5.58 -12.17
CA PRO A 83 12.68 -5.17 -13.54
C PRO A 83 13.18 -6.37 -14.34
N GLU A 8 4.73 -5.36 25.24
CA GLU A 8 3.51 -5.78 24.51
C GLU A 8 2.55 -4.61 24.34
N GLY A 9 1.50 -4.79 23.57
CA GLY A 9 0.51 -3.69 23.34
C GLY A 9 0.81 -2.99 22.01
N VAL A 10 2.07 -2.78 21.71
CA VAL A 10 2.45 -2.17 20.39
C VAL A 10 2.66 -3.29 19.36
N ILE A 11 2.06 -3.16 18.20
CA ILE A 11 2.19 -4.21 17.14
C ILE A 11 2.83 -3.59 15.88
N MET A 12 3.83 -4.26 15.34
CA MET A 12 4.41 -3.82 14.04
C MET A 12 3.63 -4.43 12.86
N SER A 13 2.99 -3.59 12.08
CA SER A 13 2.19 -4.08 10.91
C SER A 13 2.74 -3.49 9.60
N GLU A 14 2.52 -4.17 8.50
CA GLU A 14 3.06 -3.70 7.19
C GLU A 14 2.18 -4.17 6.03
N LEU A 15 2.12 -3.40 4.97
CA LEU A 15 1.41 -3.84 3.73
C LEU A 15 2.38 -3.89 2.56
N LYS A 16 2.40 -5.00 1.84
CA LYS A 16 3.26 -5.12 0.62
C LYS A 16 2.41 -4.90 -0.64
N LEU A 17 2.70 -3.85 -1.39
CA LEU A 17 1.90 -3.54 -2.61
C LEU A 17 2.78 -3.58 -3.85
N LYS A 18 2.20 -3.87 -5.00
CA LYS A 18 2.95 -3.81 -6.29
C LYS A 18 2.12 -3.07 -7.36
N PRO A 19 2.75 -2.19 -8.12
CA PRO A 19 2.01 -1.46 -9.18
C PRO A 19 1.74 -2.37 -10.38
N LEU A 20 0.58 -2.28 -10.97
CA LEU A 20 0.26 -3.09 -12.20
C LEU A 20 0.93 -2.53 -13.49
N PRO A 21 0.85 -1.21 -13.82
CA PRO A 21 1.73 -0.70 -14.92
C PRO A 21 3.20 -0.71 -14.46
N LYS A 22 4.12 -0.76 -15.40
CA LYS A 22 5.57 -0.81 -15.05
C LYS A 22 6.11 0.61 -14.78
N VAL A 23 6.02 1.06 -13.56
CA VAL A 23 6.54 2.43 -13.20
C VAL A 23 7.07 2.43 -11.76
N GLU A 24 8.14 3.15 -11.52
CA GLU A 24 8.70 3.27 -10.14
C GLU A 24 8.36 4.65 -9.55
N LEU A 25 7.68 4.66 -8.42
CA LEU A 25 7.25 5.95 -7.79
C LEU A 25 8.30 6.42 -6.77
N PRO A 26 8.74 7.67 -6.84
CA PRO A 26 9.71 8.21 -5.83
C PRO A 26 9.14 8.14 -4.40
N PRO A 27 9.99 8.33 -3.41
CA PRO A 27 9.61 8.06 -1.98
C PRO A 27 8.52 9.02 -1.47
N ASP A 28 8.18 10.06 -2.22
CA ASP A 28 7.09 10.99 -1.76
C ASP A 28 5.70 10.35 -1.98
N PHE A 29 5.56 9.51 -2.97
CA PHE A 29 4.23 8.88 -3.28
C PHE A 29 3.74 8.05 -2.09
N VAL A 30 4.59 7.24 -1.51
CA VAL A 30 4.14 6.26 -0.46
C VAL A 30 3.47 6.99 0.72
N ASP A 31 3.93 8.18 1.03
CA ASP A 31 3.32 8.99 2.14
C ASP A 31 1.92 9.46 1.73
N VAL A 32 1.77 9.91 0.49
CA VAL A 32 0.45 10.45 0.03
C VAL A 32 -0.56 9.30 -0.06
N ILE A 33 -0.14 8.14 -0.54
CA ILE A 33 -1.05 6.95 -0.62
C ILE A 33 -1.49 6.52 0.79
N ARG A 34 -0.56 6.51 1.73
CA ARG A 34 -0.91 6.11 3.15
C ARG A 34 -1.98 7.04 3.74
N ILE A 35 -1.88 8.33 3.49
CA ILE A 35 -2.88 9.32 4.05
C ILE A 35 -4.26 9.06 3.42
N LYS A 36 -4.30 8.84 2.13
CA LYS A 36 -5.62 8.59 1.44
C LYS A 36 -6.25 7.28 1.93
N LEU A 37 -5.47 6.24 2.07
CA LEU A 37 -6.04 4.87 2.27
C LEU A 37 -6.24 4.55 3.77
N GLN A 38 -5.43 5.11 4.63
CA GLN A 38 -5.46 4.74 6.11
C GLN A 38 -6.89 4.81 6.69
N GLY A 39 -7.18 3.95 7.64
CA GLY A 39 -8.57 3.83 8.18
C GLY A 39 -9.32 2.68 7.48
N LYS A 40 -8.96 2.35 6.26
CA LYS A 40 -9.59 1.19 5.56
C LYS A 40 -8.80 -0.09 5.86
N THR A 41 -9.45 -1.23 5.76
CA THR A 41 -8.77 -2.54 6.03
C THR A 41 -8.36 -3.20 4.72
N VAL A 42 -7.27 -3.93 4.73
CA VAL A 42 -6.74 -4.56 3.48
C VAL A 42 -6.42 -6.04 3.71
N ARG A 43 -6.64 -6.86 2.72
CA ARG A 43 -6.26 -8.31 2.81
C ARG A 43 -5.58 -8.77 1.51
N THR A 44 -4.70 -9.74 1.60
CA THR A 44 -3.93 -10.20 0.39
C THR A 44 -4.87 -10.62 -0.76
N GLY A 45 -4.55 -10.21 -1.97
CA GLY A 45 -5.36 -10.63 -3.16
C GLY A 45 -6.35 -9.53 -3.57
N ASP A 46 -6.64 -8.58 -2.70
CA ASP A 46 -7.59 -7.47 -3.07
C ASP A 46 -7.01 -6.61 -4.20
N VAL A 47 -7.87 -5.99 -4.98
CA VAL A 47 -7.41 -5.03 -6.03
C VAL A 47 -8.15 -3.70 -5.85
N ILE A 48 -7.42 -2.60 -5.83
CA ILE A 48 -8.07 -1.26 -5.67
C ILE A 48 -7.43 -0.24 -6.62
N GLY A 49 -8.19 0.76 -7.01
CA GLY A 49 -7.67 1.79 -7.98
C GLY A 49 -7.50 3.13 -7.26
N ILE A 50 -6.46 3.86 -7.60
CA ILE A 50 -6.25 5.22 -7.03
C ILE A 50 -6.09 6.24 -8.17
N SER A 51 -6.75 7.37 -8.05
CA SER A 51 -6.51 8.49 -9.02
C SER A 51 -5.39 9.41 -8.50
N ILE A 52 -4.33 9.56 -9.25
CA ILE A 52 -3.20 10.45 -8.82
C ILE A 52 -2.85 11.43 -9.95
N LEU A 53 -2.86 12.72 -9.65
CA LEU A 53 -2.44 13.78 -10.65
C LEU A 53 -3.20 13.61 -11.98
N GLY A 54 -4.42 13.15 -11.93
CA GLY A 54 -5.25 13.01 -13.17
C GLY A 54 -4.82 11.76 -13.96
N LYS A 55 -4.24 10.78 -13.31
CA LYS A 55 -3.82 9.53 -14.02
C LYS A 55 -4.29 8.30 -13.23
N GLU A 56 -4.93 7.36 -13.90
CA GLU A 56 -5.43 6.14 -13.21
C GLU A 56 -4.30 5.12 -13.02
N VAL A 57 -4.10 4.65 -11.81
CA VAL A 57 -3.13 3.55 -11.56
C VAL A 57 -3.82 2.41 -10.77
N LYS A 58 -3.67 1.19 -11.22
CA LYS A 58 -4.23 0.01 -10.49
C LYS A 58 -3.16 -0.60 -9.58
N PHE A 59 -3.52 -0.90 -8.35
CA PHE A 59 -2.54 -1.50 -7.39
C PHE A 59 -3.02 -2.87 -6.91
N LYS A 60 -2.15 -3.85 -6.93
CA LYS A 60 -2.49 -5.20 -6.38
C LYS A 60 -1.91 -5.35 -4.97
N VAL A 61 -2.68 -5.91 -4.07
CA VAL A 61 -2.17 -6.17 -2.68
C VAL A 61 -1.40 -7.50 -2.66
N VAL A 62 -0.10 -7.44 -2.47
CA VAL A 62 0.75 -8.66 -2.58
C VAL A 62 0.60 -9.49 -1.30
N GLN A 63 0.63 -8.85 -0.15
CA GLN A 63 0.47 -9.57 1.14
C GLN A 63 0.16 -8.60 2.28
N ALA A 64 -0.78 -8.94 3.12
CA ALA A 64 -1.06 -8.13 4.34
C ALA A 64 -0.47 -8.83 5.57
N TYR A 65 0.23 -8.08 6.40
CA TYR A 65 0.89 -8.69 7.61
C TYR A 65 0.54 -7.87 8.87
N PRO A 66 -0.19 -8.44 9.84
CA PRO A 66 -0.98 -9.70 9.68
C PRO A 66 -2.25 -9.43 8.87
N SER A 67 -2.88 -10.46 8.37
CA SER A 67 -4.17 -10.28 7.62
C SER A 67 -5.35 -10.68 8.52
N PRO A 68 -6.46 -9.94 8.50
CA PRO A 68 -6.56 -8.56 7.90
C PRO A 68 -5.86 -7.54 8.82
N LEU A 69 -5.54 -6.38 8.28
CA LEU A 69 -5.09 -5.24 9.13
C LEU A 69 -5.63 -3.92 8.59
N ARG A 70 -5.75 -2.92 9.45
CA ARG A 70 -6.07 -1.54 8.96
C ARG A 70 -4.78 -0.75 8.74
N VAL A 71 -4.76 0.09 7.71
CA VAL A 71 -3.53 0.89 7.41
C VAL A 71 -3.52 2.14 8.30
N GLU A 72 -2.41 2.37 8.98
CA GLU A 72 -2.32 3.54 9.91
C GLU A 72 -1.03 4.32 9.64
N ASP A 73 -0.83 5.42 10.35
CA ASP A 73 0.50 6.12 10.32
C ASP A 73 1.61 5.21 10.88
N ARG A 74 1.26 4.30 11.77
CA ARG A 74 2.28 3.38 12.38
C ARG A 74 2.55 2.17 11.48
N THR A 75 1.65 1.83 10.58
CA THR A 75 1.89 0.70 9.64
C THR A 75 2.83 1.15 8.51
N LYS A 76 3.84 0.36 8.23
CA LYS A 76 4.80 0.70 7.13
C LYS A 76 4.30 0.14 5.80
N ILE A 77 4.57 0.82 4.71
CA ILE A 77 4.14 0.31 3.36
C ILE A 77 5.35 0.26 2.43
N THR A 78 5.53 -0.84 1.75
CA THR A 78 6.74 -1.02 0.86
C THR A 78 6.30 -1.34 -0.57
N LEU A 79 7.01 -0.81 -1.54
CA LEU A 79 6.71 -1.11 -2.98
C LEU A 79 7.65 -2.21 -3.48
N VAL A 80 7.10 -3.26 -4.05
CA VAL A 80 7.94 -4.39 -4.58
C VAL A 80 8.22 -4.17 -6.06
N THR A 81 9.44 -4.43 -6.48
CA THR A 81 9.78 -4.39 -7.94
C THR A 81 10.87 -5.42 -8.26
N HIS A 82 11.93 -5.44 -7.46
CA HIS A 82 13.04 -6.41 -7.69
C HIS A 82 12.92 -7.60 -6.70
N PRO A 83 13.53 -8.72 -7.03
CA PRO A 83 13.49 -9.91 -6.13
C PRO A 83 14.20 -9.61 -4.80
N GLU A 8 7.31 -5.53 26.33
CA GLU A 8 6.80 -5.60 24.92
C GLU A 8 5.82 -4.47 24.65
N GLY A 9 5.89 -3.87 23.47
CA GLY A 9 5.00 -2.73 23.13
C GLY A 9 3.96 -3.18 22.10
N VAL A 10 3.65 -2.32 21.15
CA VAL A 10 2.63 -2.67 20.11
C VAL A 10 3.33 -3.34 18.91
N ILE A 11 2.62 -4.19 18.21
CA ILE A 11 3.24 -4.92 17.04
C ILE A 11 3.34 -3.97 15.84
N MET A 12 4.45 -4.01 15.13
CA MET A 12 4.58 -3.22 13.86
C MET A 12 3.99 -4.01 12.69
N SER A 13 2.91 -3.51 12.13
CA SER A 13 2.27 -4.18 10.94
C SER A 13 2.83 -3.60 9.65
N GLU A 14 2.62 -4.29 8.54
CA GLU A 14 3.21 -3.84 7.24
C GLU A 14 2.30 -4.28 6.07
N LEU A 15 2.28 -3.48 5.02
CA LEU A 15 1.56 -3.89 3.77
C LEU A 15 2.52 -3.83 2.57
N LYS A 16 2.61 -4.90 1.83
CA LYS A 16 3.46 -4.91 0.59
C LYS A 16 2.58 -4.74 -0.64
N LEU A 17 2.77 -3.66 -1.38
CA LEU A 17 1.92 -3.38 -2.57
C LEU A 17 2.76 -3.45 -3.85
N LYS A 18 2.12 -3.72 -4.97
CA LYS A 18 2.84 -3.69 -6.29
C LYS A 18 1.99 -2.95 -7.34
N PRO A 19 2.59 -2.05 -8.11
CA PRO A 19 1.84 -1.37 -9.20
C PRO A 19 1.65 -2.32 -10.39
N LEU A 20 0.51 -2.27 -11.03
CA LEU A 20 0.26 -3.13 -12.23
C LEU A 20 0.92 -2.57 -13.54
N PRO A 21 0.77 -1.28 -13.91
CA PRO A 21 1.64 -0.75 -15.00
C PRO A 21 3.10 -0.69 -14.54
N LYS A 22 4.03 -0.70 -15.48
CA LYS A 22 5.49 -0.67 -15.11
C LYS A 22 5.93 0.76 -14.78
N VAL A 23 5.80 1.15 -13.52
CA VAL A 23 6.21 2.52 -13.09
C VAL A 23 6.82 2.48 -11.68
N GLU A 24 7.85 3.26 -11.44
CA GLU A 24 8.49 3.31 -10.09
C GLU A 24 8.18 4.67 -9.44
N LEU A 25 7.53 4.66 -8.30
CA LEU A 25 7.12 5.94 -7.63
C LEU A 25 8.20 6.36 -6.60
N PRO A 26 8.68 7.60 -6.66
CA PRO A 26 9.67 8.10 -5.66
C PRO A 26 9.12 8.00 -4.22
N PRO A 27 10.00 8.15 -3.23
CA PRO A 27 9.62 7.86 -1.81
C PRO A 27 8.57 8.83 -1.26
N ASP A 28 8.23 9.89 -1.97
CA ASP A 28 7.17 10.83 -1.47
C ASP A 28 5.77 10.22 -1.68
N PHE A 29 5.60 9.41 -2.70
CA PHE A 29 4.24 8.82 -2.99
C PHE A 29 3.74 7.97 -1.82
N VAL A 30 4.60 7.14 -1.26
CA VAL A 30 4.13 6.14 -0.23
C VAL A 30 3.50 6.86 0.97
N ASP A 31 3.99 8.04 1.30
CA ASP A 31 3.40 8.84 2.43
C ASP A 31 2.00 9.34 2.04
N VAL A 32 1.85 9.81 0.82
CA VAL A 32 0.54 10.38 0.38
C VAL A 32 -0.50 9.25 0.28
N ILE A 33 -0.10 8.10 -0.23
CA ILE A 33 -1.04 6.93 -0.32
C ILE A 33 -1.47 6.49 1.09
N ARG A 34 -0.53 6.42 2.02
CA ARG A 34 -0.87 6.01 3.44
C ARG A 34 -1.90 6.97 4.06
N ILE A 35 -1.75 8.25 3.83
CA ILE A 35 -2.70 9.27 4.42
C ILE A 35 -4.10 9.07 3.82
N LYS A 36 -4.18 8.83 2.53
CA LYS A 36 -5.52 8.60 1.88
C LYS A 36 -6.17 7.32 2.39
N LEU A 37 -5.40 6.26 2.52
CA LEU A 37 -5.99 4.89 2.70
C LEU A 37 -6.22 4.55 4.18
N GLN A 38 -5.43 5.13 5.07
CA GLN A 38 -5.49 4.75 6.54
C GLN A 38 -6.94 4.77 7.10
N GLY A 39 -7.23 3.88 8.00
CA GLY A 39 -8.63 3.72 8.51
C GLY A 39 -9.36 2.60 7.75
N LYS A 40 -8.96 2.30 6.53
CA LYS A 40 -9.56 1.16 5.78
C LYS A 40 -8.78 -0.13 6.06
N THR A 41 -9.43 -1.27 5.91
CA THR A 41 -8.74 -2.57 6.16
C THR A 41 -8.29 -3.20 4.85
N VAL A 42 -7.19 -3.91 4.86
CA VAL A 42 -6.62 -4.50 3.61
C VAL A 42 -6.28 -5.99 3.83
N ARG A 43 -6.55 -6.81 2.84
CA ARG A 43 -6.15 -8.25 2.89
C ARG A 43 -5.55 -8.68 1.55
N THR A 44 -4.63 -9.63 1.57
CA THR A 44 -3.91 -10.03 0.31
C THR A 44 -4.88 -10.42 -0.81
N GLY A 45 -4.59 -10.01 -2.02
CA GLY A 45 -5.43 -10.41 -3.20
C GLY A 45 -6.44 -9.30 -3.56
N ASP A 46 -6.71 -8.37 -2.66
CA ASP A 46 -7.63 -7.22 -3.00
C ASP A 46 -7.02 -6.35 -4.11
N VAL A 47 -7.86 -5.70 -4.88
CA VAL A 47 -7.38 -4.78 -5.95
C VAL A 47 -8.17 -3.46 -5.90
N ILE A 48 -7.48 -2.35 -5.94
CA ILE A 48 -8.18 -1.02 -5.88
C ILE A 48 -7.56 -0.05 -6.91
N GLY A 49 -8.34 0.91 -7.35
CA GLY A 49 -7.84 1.89 -8.37
C GLY A 49 -7.67 3.27 -7.73
N ILE A 50 -6.64 3.99 -8.11
CA ILE A 50 -6.45 5.38 -7.59
C ILE A 50 -6.26 6.34 -8.78
N SER A 51 -6.91 7.47 -8.75
CA SER A 51 -6.65 8.54 -9.77
C SER A 51 -5.53 9.47 -9.28
N ILE A 52 -4.44 9.56 -10.03
CA ILE A 52 -3.30 10.44 -9.62
C ILE A 52 -2.90 11.33 -10.81
N LEU A 53 -2.83 12.63 -10.60
CA LEU A 53 -2.37 13.60 -11.65
C LEU A 53 -3.11 13.40 -12.98
N GLY A 54 -4.36 13.01 -12.91
CA GLY A 54 -5.19 12.84 -14.15
C GLY A 54 -4.82 11.53 -14.87
N LYS A 55 -4.28 10.56 -14.16
CA LYS A 55 -3.92 9.26 -14.81
C LYS A 55 -4.42 8.09 -13.95
N GLU A 56 -5.05 7.12 -14.55
CA GLU A 56 -5.58 5.94 -13.79
C GLU A 56 -4.45 4.92 -13.54
N VAL A 57 -4.23 4.57 -12.30
CA VAL A 57 -3.24 3.48 -11.98
C VAL A 57 -3.94 2.38 -11.15
N LYS A 58 -3.71 1.14 -11.51
CA LYS A 58 -4.27 -0.01 -10.73
C LYS A 58 -3.21 -0.54 -9.75
N PHE A 59 -3.60 -0.77 -8.51
CA PHE A 59 -2.66 -1.32 -7.49
C PHE A 59 -3.18 -2.65 -6.96
N LYS A 60 -2.33 -3.66 -6.90
CA LYS A 60 -2.72 -4.97 -6.30
C LYS A 60 -2.04 -5.14 -4.93
N VAL A 61 -2.72 -5.74 -3.99
CA VAL A 61 -2.10 -6.01 -2.65
C VAL A 61 -1.37 -7.35 -2.68
N VAL A 62 -0.07 -7.33 -2.51
CA VAL A 62 0.75 -8.58 -2.65
C VAL A 62 0.63 -9.43 -1.38
N GLN A 63 0.68 -8.78 -0.22
CA GLN A 63 0.58 -9.52 1.07
C GLN A 63 0.29 -8.56 2.23
N ALA A 64 -0.67 -8.90 3.05
CA ALA A 64 -0.92 -8.11 4.30
C ALA A 64 -0.37 -8.85 5.52
N TYR A 65 0.32 -8.16 6.39
CA TYR A 65 0.92 -8.80 7.60
C TYR A 65 0.53 -8.02 8.87
N PRO A 66 -0.21 -8.61 9.81
CA PRO A 66 -1.01 -9.86 9.60
C PRO A 66 -2.25 -9.55 8.74
N SER A 67 -2.87 -10.56 8.19
CA SER A 67 -4.10 -10.34 7.37
C SER A 67 -5.36 -10.72 8.19
N PRO A 68 -6.46 -10.01 8.02
CA PRO A 68 -6.48 -8.59 7.51
C PRO A 68 -5.91 -7.63 8.56
N LEU A 69 -5.54 -6.44 8.15
CA LEU A 69 -5.13 -5.38 9.12
C LEU A 69 -5.64 -4.00 8.68
N ARG A 70 -5.79 -3.08 9.60
CA ARG A 70 -6.13 -1.67 9.22
C ARG A 70 -4.84 -0.87 9.03
N VAL A 71 -4.82 0.02 8.06
CA VAL A 71 -3.60 0.82 7.78
C VAL A 71 -3.57 2.04 8.71
N GLU A 72 -2.46 2.25 9.38
CA GLU A 72 -2.34 3.39 10.35
C GLU A 72 -1.05 4.17 10.09
N ASP A 73 -0.81 5.22 10.84
CA ASP A 73 0.53 5.90 10.82
C ASP A 73 1.63 4.96 11.29
N ARG A 74 1.30 4.01 12.15
CA ARG A 74 2.32 3.06 12.68
C ARG A 74 2.56 1.89 11.71
N THR A 75 1.63 1.61 10.82
CA THR A 75 1.85 0.55 9.79
C THR A 75 2.76 1.08 8.67
N LYS A 76 3.83 0.37 8.38
CA LYS A 76 4.75 0.78 7.28
C LYS A 76 4.31 0.16 5.95
N ILE A 77 4.46 0.88 4.87
CA ILE A 77 4.07 0.34 3.52
C ILE A 77 5.28 0.39 2.58
N THR A 78 5.50 -0.67 1.84
CA THR A 78 6.70 -0.75 0.95
C THR A 78 6.29 -1.10 -0.48
N LEU A 79 7.04 -0.62 -1.45
CA LEU A 79 6.78 -0.99 -2.88
C LEU A 79 7.69 -2.14 -3.30
N VAL A 80 7.11 -3.20 -3.82
CA VAL A 80 7.92 -4.39 -4.23
C VAL A 80 8.28 -4.29 -5.72
N THR A 81 9.51 -4.62 -6.06
CA THR A 81 9.91 -4.70 -7.49
C THR A 81 10.97 -5.79 -7.69
N HIS A 82 11.19 -6.20 -8.92
CA HIS A 82 12.19 -7.28 -9.20
C HIS A 82 13.31 -6.74 -10.11
N PRO A 83 14.43 -6.32 -9.52
CA PRO A 83 15.58 -5.83 -10.33
C PRO A 83 16.20 -6.99 -11.11
N GLU A 8 8.27 -8.60 23.69
CA GLU A 8 6.90 -8.13 24.04
C GLU A 8 6.81 -6.61 23.90
N GLY A 9 5.65 -6.09 23.57
CA GLY A 9 5.47 -4.61 23.42
C GLY A 9 4.54 -4.33 22.24
N VAL A 10 4.85 -3.32 21.47
CA VAL A 10 3.98 -2.96 20.30
C VAL A 10 4.44 -3.74 19.05
N ILE A 11 3.51 -4.18 18.24
CA ILE A 11 3.87 -4.98 17.03
C ILE A 11 3.92 -4.06 15.79
N MET A 12 4.97 -4.18 15.01
CA MET A 12 5.04 -3.41 13.73
C MET A 12 4.35 -4.18 12.59
N SER A 13 3.27 -3.64 12.08
CA SER A 13 2.55 -4.28 10.93
C SER A 13 2.98 -3.63 9.62
N GLU A 14 2.73 -4.31 8.51
CA GLU A 14 3.21 -3.80 7.19
C GLU A 14 2.29 -4.27 6.05
N LEU A 15 2.21 -3.50 4.99
CA LEU A 15 1.47 -3.94 3.77
C LEU A 15 2.40 -3.93 2.55
N LYS A 16 2.39 -5.00 1.80
CA LYS A 16 3.20 -5.07 0.54
C LYS A 16 2.31 -4.82 -0.68
N LEU A 17 2.59 -3.77 -1.43
CA LEU A 17 1.75 -3.45 -2.63
C LEU A 17 2.60 -3.52 -3.91
N LYS A 18 1.98 -3.78 -5.02
CA LYS A 18 2.71 -3.76 -6.34
C LYS A 18 1.88 -2.99 -7.38
N PRO A 19 2.48 -2.02 -8.06
CA PRO A 19 1.80 -1.38 -9.23
C PRO A 19 1.70 -2.36 -10.39
N LEU A 20 0.57 -2.41 -11.05
CA LEU A 20 0.39 -3.30 -12.24
C LEU A 20 1.12 -2.78 -13.52
N PRO A 21 0.98 -1.50 -13.93
CA PRO A 21 1.89 -0.98 -15.00
C PRO A 21 3.32 -0.85 -14.44
N LYS A 22 4.31 -0.84 -15.30
CA LYS A 22 5.73 -0.76 -14.84
C LYS A 22 6.12 0.70 -14.58
N VAL A 23 5.88 1.17 -13.37
CA VAL A 23 6.27 2.57 -13.00
C VAL A 23 6.65 2.63 -11.51
N GLU A 24 7.65 3.43 -11.18
CA GLU A 24 8.08 3.58 -9.75
C GLU A 24 7.84 5.01 -9.28
N LEU A 25 7.16 5.17 -8.17
CA LEU A 25 6.86 6.54 -7.63
C LEU A 25 7.95 6.96 -6.61
N PRO A 26 8.29 8.24 -6.57
CA PRO A 26 9.27 8.73 -5.56
C PRO A 26 8.81 8.44 -4.12
N PRO A 27 9.74 8.50 -3.16
CA PRO A 27 9.43 8.08 -1.76
C PRO A 27 8.41 8.99 -1.06
N ASP A 28 8.06 10.12 -1.66
CA ASP A 28 7.03 11.02 -1.03
C ASP A 28 5.62 10.47 -1.25
N PHE A 29 5.40 9.77 -2.35
CA PHE A 29 4.03 9.23 -2.66
C PHE A 29 3.54 8.29 -1.56
N VAL A 30 4.40 7.40 -1.09
CA VAL A 30 3.94 6.33 -0.15
C VAL A 30 3.33 6.93 1.13
N ASP A 31 3.82 8.09 1.54
CA ASP A 31 3.25 8.78 2.75
C ASP A 31 1.86 9.33 2.41
N VAL A 32 1.70 9.91 1.25
CA VAL A 32 0.38 10.54 0.86
C VAL A 32 -0.67 9.43 0.68
N ILE A 33 -0.28 8.32 0.08
CA ILE A 33 -1.23 7.17 -0.10
C ILE A 33 -1.63 6.61 1.28
N ARG A 34 -0.69 6.49 2.19
CA ARG A 34 -1.01 6.00 3.58
C ARG A 34 -2.06 6.89 4.26
N ILE A 35 -1.97 8.19 4.08
CA ILE A 35 -2.97 9.13 4.71
C ILE A 35 -4.36 8.89 4.09
N LYS A 36 -4.43 8.72 2.79
CA LYS A 36 -5.75 8.47 2.12
C LYS A 36 -6.37 7.13 2.58
N LEU A 37 -5.56 6.11 2.69
CA LEU A 37 -6.10 4.72 2.89
C LEU A 37 -6.30 4.38 4.37
N GLN A 38 -5.47 4.93 5.24
CA GLN A 38 -5.48 4.52 6.69
C GLN A 38 -6.89 4.58 7.31
N GLY A 39 -7.17 3.69 8.25
CA GLY A 39 -8.54 3.57 8.81
C GLY A 39 -9.33 2.46 8.12
N LYS A 40 -9.00 2.17 6.87
CA LYS A 40 -9.68 1.04 6.16
C LYS A 40 -8.91 -0.27 6.38
N THR A 41 -9.59 -1.39 6.27
CA THR A 41 -8.92 -2.71 6.48
C THR A 41 -8.55 -3.34 5.13
N VAL A 42 -7.47 -4.08 5.08
CA VAL A 42 -6.97 -4.65 3.79
C VAL A 42 -6.70 -6.16 3.95
N ARG A 43 -6.97 -6.92 2.91
CA ARG A 43 -6.63 -8.37 2.90
C ARG A 43 -5.95 -8.74 1.58
N THR A 44 -5.05 -9.70 1.61
CA THR A 44 -4.26 -10.08 0.37
C THR A 44 -5.19 -10.41 -0.80
N GLY A 45 -4.87 -9.95 -1.98
CA GLY A 45 -5.67 -10.30 -3.20
C GLY A 45 -6.63 -9.16 -3.57
N ASP A 46 -6.92 -8.25 -2.65
CA ASP A 46 -7.81 -7.09 -2.98
C ASP A 46 -7.18 -6.20 -4.05
N VAL A 47 -7.99 -5.51 -4.82
CA VAL A 47 -7.45 -4.57 -5.87
C VAL A 47 -8.20 -3.23 -5.80
N ILE A 48 -7.49 -2.14 -5.86
CA ILE A 48 -8.15 -0.79 -5.84
C ILE A 48 -7.51 0.14 -6.88
N GLY A 49 -8.26 1.11 -7.36
CA GLY A 49 -7.73 2.02 -8.42
C GLY A 49 -7.51 3.42 -7.84
N ILE A 50 -6.46 4.09 -8.24
CA ILE A 50 -6.20 5.49 -7.79
C ILE A 50 -5.96 6.38 -9.02
N SER A 51 -6.57 7.54 -9.05
CA SER A 51 -6.24 8.56 -10.10
C SER A 51 -5.11 9.48 -9.62
N ILE A 52 -4.04 9.56 -10.39
CA ILE A 52 -2.89 10.45 -10.00
C ILE A 52 -2.53 11.34 -11.20
N LEU A 53 -2.54 12.65 -11.01
CA LEU A 53 -2.10 13.62 -12.06
C LEU A 53 -2.79 13.36 -13.41
N GLY A 54 -4.02 12.91 -13.37
CA GLY A 54 -4.78 12.64 -14.63
C GLY A 54 -4.33 11.32 -15.27
N LYS A 55 -3.78 10.41 -14.49
CA LYS A 55 -3.32 9.10 -15.06
C LYS A 55 -3.85 7.95 -14.20
N GLU A 56 -4.48 6.98 -14.83
CA GLU A 56 -5.06 5.82 -14.05
C GLU A 56 -3.97 4.80 -13.72
N VAL A 57 -3.86 4.43 -12.46
CA VAL A 57 -2.95 3.31 -12.06
C VAL A 57 -3.72 2.30 -11.21
N LYS A 58 -3.59 1.03 -11.53
CA LYS A 58 -4.21 -0.05 -10.70
C LYS A 58 -3.18 -0.59 -9.70
N PHE A 59 -3.57 -0.75 -8.46
CA PHE A 59 -2.65 -1.32 -7.42
C PHE A 59 -3.21 -2.63 -6.87
N LYS A 60 -2.39 -3.66 -6.82
CA LYS A 60 -2.83 -4.95 -6.19
C LYS A 60 -2.16 -5.14 -4.84
N VAL A 61 -2.88 -5.69 -3.88
CA VAL A 61 -2.29 -5.98 -2.54
C VAL A 61 -1.57 -7.34 -2.59
N VAL A 62 -0.27 -7.34 -2.45
CA VAL A 62 0.53 -8.59 -2.63
C VAL A 62 0.42 -9.44 -1.36
N GLN A 63 0.51 -8.81 -0.21
CA GLN A 63 0.38 -9.56 1.09
C GLN A 63 0.11 -8.59 2.24
N ALA A 64 -0.83 -8.93 3.10
CA ALA A 64 -1.05 -8.13 4.35
C ALA A 64 -0.43 -8.87 5.55
N TYR A 65 0.29 -8.16 6.37
CA TYR A 65 1.01 -8.80 7.52
C TYR A 65 0.68 -8.05 8.83
N PRO A 66 0.00 -8.68 9.79
CA PRO A 66 -0.79 -9.95 9.59
C PRO A 66 -2.08 -9.66 8.84
N SER A 67 -2.71 -10.68 8.30
CA SER A 67 -4.03 -10.48 7.62
C SER A 67 -5.18 -10.96 8.55
N PRO A 68 -6.31 -10.26 8.59
CA PRO A 68 -6.46 -8.86 8.06
C PRO A 68 -5.77 -7.85 8.98
N LEU A 69 -5.50 -6.67 8.47
CA LEU A 69 -5.04 -5.54 9.35
C LEU A 69 -5.60 -4.21 8.85
N ARG A 70 -5.71 -3.24 9.74
CA ARG A 70 -6.06 -1.85 9.31
C ARG A 70 -4.78 -1.05 9.04
N VAL A 71 -4.82 -0.19 8.06
CA VAL A 71 -3.61 0.62 7.71
C VAL A 71 -3.52 1.83 8.64
N GLU A 72 -2.37 2.07 9.23
CA GLU A 72 -2.20 3.21 10.18
C GLU A 72 -0.94 4.00 9.83
N ASP A 73 -0.83 5.20 10.34
CA ASP A 73 0.40 6.05 10.07
C ASP A 73 1.68 5.36 10.57
N ARG A 74 1.57 4.54 11.58
CA ARG A 74 2.75 3.76 12.09
C ARG A 74 3.00 2.51 11.23
N THR A 75 1.99 2.03 10.51
CA THR A 75 2.18 0.83 9.64
C THR A 75 3.14 1.15 8.49
N LYS A 76 4.06 0.26 8.20
CA LYS A 76 5.04 0.49 7.09
C LYS A 76 4.45 -0.01 5.77
N ILE A 77 4.64 0.73 4.70
CA ILE A 77 4.14 0.28 3.36
C ILE A 77 5.30 0.30 2.35
N THR A 78 5.48 -0.78 1.63
CA THR A 78 6.62 -0.89 0.67
C THR A 78 6.11 -1.13 -0.75
N LEU A 79 6.72 -0.49 -1.72
CA LEU A 79 6.34 -0.71 -3.15
C LEU A 79 7.32 -1.67 -3.82
N VAL A 80 6.81 -2.77 -4.36
CA VAL A 80 7.69 -3.75 -5.06
C VAL A 80 7.68 -3.45 -6.57
N THR A 81 8.80 -3.64 -7.23
CA THR A 81 8.85 -3.50 -8.71
C THR A 81 9.85 -4.49 -9.30
N HIS A 82 9.79 -4.73 -10.60
CA HIS A 82 10.73 -5.66 -11.26
C HIS A 82 11.49 -4.93 -12.39
N PRO A 83 12.65 -4.35 -12.07
CA PRO A 83 13.44 -3.63 -13.11
C PRO A 83 14.03 -4.63 -14.11
N GLU A 8 6.92 -1.17 25.02
CA GLU A 8 6.40 -2.51 25.41
C GLU A 8 4.94 -2.66 24.95
N GLY A 9 4.56 -3.86 24.55
CA GLY A 9 3.16 -4.11 24.09
C GLY A 9 2.86 -3.30 22.81
N VAL A 10 3.46 -3.68 21.70
CA VAL A 10 3.28 -2.93 20.42
C VAL A 10 3.32 -3.90 19.25
N ILE A 11 2.46 -3.71 18.27
CA ILE A 11 2.41 -4.62 17.08
C ILE A 11 2.91 -3.86 15.84
N MET A 12 3.93 -4.37 15.20
CA MET A 12 4.41 -3.77 13.91
C MET A 12 3.65 -4.38 12.72
N SER A 13 2.87 -3.57 12.03
CA SER A 13 2.10 -4.08 10.85
C SER A 13 2.73 -3.57 9.55
N GLU A 14 2.50 -4.28 8.47
CA GLU A 14 3.15 -3.91 7.17
C GLU A 14 2.25 -4.30 5.99
N LEU A 15 2.27 -3.51 4.93
CA LEU A 15 1.54 -3.87 3.69
C LEU A 15 2.48 -3.80 2.48
N LYS A 16 2.57 -4.86 1.73
CA LYS A 16 3.40 -4.86 0.48
C LYS A 16 2.50 -4.78 -0.76
N LEU A 17 2.68 -3.77 -1.56
CA LEU A 17 1.84 -3.59 -2.79
C LEU A 17 2.70 -3.73 -4.05
N LYS A 18 2.11 -4.13 -5.15
CA LYS A 18 2.83 -4.13 -6.46
C LYS A 18 2.02 -3.34 -7.52
N PRO A 19 2.66 -2.44 -8.24
CA PRO A 19 1.95 -1.69 -9.31
C PRO A 19 1.74 -2.59 -10.54
N LEU A 20 0.58 -2.48 -11.17
CA LEU A 20 0.32 -3.26 -12.42
C LEU A 20 0.90 -2.61 -13.70
N PRO A 21 0.71 -1.30 -13.98
CA PRO A 21 1.52 -0.67 -15.07
C PRO A 21 3.00 -0.56 -14.65
N LYS A 22 3.88 -0.47 -15.61
CA LYS A 22 5.35 -0.39 -15.29
C LYS A 22 5.75 1.05 -14.97
N VAL A 23 5.72 1.41 -13.71
CA VAL A 23 6.13 2.79 -13.29
C VAL A 23 6.79 2.76 -11.91
N GLU A 24 7.79 3.60 -11.70
CA GLU A 24 8.45 3.68 -10.36
C GLU A 24 8.06 5.00 -9.67
N LEU A 25 7.46 4.91 -8.51
CA LEU A 25 6.98 6.14 -7.79
C LEU A 25 8.05 6.63 -6.80
N PRO A 26 8.43 7.90 -6.86
CA PRO A 26 9.41 8.46 -5.89
C PRO A 26 8.92 8.32 -4.43
N PRO A 27 9.82 8.52 -3.47
CA PRO A 27 9.49 8.24 -2.04
C PRO A 27 8.41 9.17 -1.48
N ASP A 28 8.02 10.21 -2.19
CA ASP A 28 6.93 11.12 -1.68
C ASP A 28 5.55 10.46 -1.83
N PHE A 29 5.39 9.61 -2.81
CA PHE A 29 4.05 8.95 -3.05
C PHE A 29 3.62 8.13 -1.82
N VAL A 30 4.52 7.35 -1.27
CA VAL A 30 4.12 6.36 -0.18
C VAL A 30 3.49 7.10 1.01
N ASP A 31 3.95 8.31 1.28
CA ASP A 31 3.35 9.11 2.40
C ASP A 31 1.93 9.55 2.04
N VAL A 32 1.74 9.97 0.81
CA VAL A 32 0.39 10.48 0.38
C VAL A 32 -0.61 9.31 0.35
N ILE A 33 -0.18 8.15 -0.13
CA ILE A 33 -1.08 6.95 -0.16
C ILE A 33 -1.47 6.54 1.27
N ARG A 34 -0.52 6.54 2.19
CA ARG A 34 -0.82 6.15 3.62
C ARG A 34 -1.87 7.10 4.24
N ILE A 35 -1.73 8.38 3.99
CA ILE A 35 -2.69 9.38 4.60
C ILE A 35 -4.10 9.17 4.02
N LYS A 36 -4.20 8.94 2.72
CA LYS A 36 -5.54 8.72 2.08
C LYS A 36 -6.17 7.41 2.58
N LEU A 37 -5.40 6.36 2.68
CA LEU A 37 -5.99 4.99 2.84
C LEU A 37 -6.20 4.62 4.31
N GLN A 38 -5.43 5.19 5.22
CA GLN A 38 -5.50 4.79 6.68
C GLN A 38 -6.94 4.78 7.22
N GLY A 39 -7.24 3.87 8.12
CA GLY A 39 -8.65 3.71 8.61
C GLY A 39 -9.36 2.58 7.84
N LYS A 40 -8.96 2.32 6.61
CA LYS A 40 -9.56 1.19 5.83
C LYS A 40 -8.78 -0.11 6.09
N THR A 41 -9.43 -1.24 5.91
CA THR A 41 -8.78 -2.55 6.15
C THR A 41 -8.32 -3.17 4.83
N VAL A 42 -7.24 -3.93 4.86
CA VAL A 42 -6.67 -4.52 3.60
C VAL A 42 -6.39 -6.02 3.81
N ARG A 43 -6.66 -6.82 2.81
CA ARG A 43 -6.31 -8.27 2.86
C ARG A 43 -5.69 -8.71 1.53
N THR A 44 -4.77 -9.65 1.57
CA THR A 44 -4.01 -10.07 0.33
C THR A 44 -4.98 -10.48 -0.80
N GLY A 45 -4.68 -10.08 -2.01
CA GLY A 45 -5.51 -10.49 -3.19
C GLY A 45 -6.50 -9.39 -3.59
N ASP A 46 -6.77 -8.43 -2.71
CA ASP A 46 -7.67 -7.28 -3.08
C ASP A 46 -7.06 -6.44 -4.20
N VAL A 47 -7.88 -5.81 -5.01
CA VAL A 47 -7.36 -4.91 -6.09
C VAL A 47 -8.15 -3.59 -6.05
N ILE A 48 -7.44 -2.48 -6.04
CA ILE A 48 -8.12 -1.14 -6.00
C ILE A 48 -7.43 -0.16 -6.95
N GLY A 49 -8.19 0.71 -7.57
CA GLY A 49 -7.61 1.70 -8.54
C GLY A 49 -7.63 3.10 -7.92
N ILE A 50 -6.57 3.85 -8.10
CA ILE A 50 -6.51 5.25 -7.57
C ILE A 50 -6.14 6.20 -8.72
N SER A 51 -6.85 7.30 -8.84
CA SER A 51 -6.47 8.35 -9.85
C SER A 51 -5.50 9.34 -9.23
N ILE A 52 -4.32 9.49 -9.81
CA ILE A 52 -3.30 10.46 -9.29
C ILE A 52 -2.80 11.35 -10.44
N LEU A 53 -2.79 12.65 -10.24
CA LEU A 53 -2.25 13.61 -11.27
C LEU A 53 -2.89 13.39 -12.65
N GLY A 54 -4.14 12.97 -12.68
CA GLY A 54 -4.87 12.79 -13.97
C GLY A 54 -4.43 11.49 -14.66
N LYS A 55 -3.93 10.53 -13.92
CA LYS A 55 -3.52 9.22 -14.53
C LYS A 55 -3.98 8.06 -13.64
N GLU A 56 -4.67 7.10 -14.21
CA GLU A 56 -5.17 5.93 -13.41
C GLU A 56 -4.05 4.91 -13.19
N VAL A 57 -3.87 4.47 -11.96
CA VAL A 57 -2.91 3.35 -11.69
C VAL A 57 -3.61 2.25 -10.88
N LYS A 58 -3.49 1.02 -11.30
CA LYS A 58 -4.08 -0.13 -10.54
C LYS A 58 -3.05 -0.72 -9.59
N PHE A 59 -3.41 -0.90 -8.34
CA PHE A 59 -2.48 -1.54 -7.36
C PHE A 59 -3.07 -2.86 -6.86
N LYS A 60 -2.28 -3.91 -6.87
CA LYS A 60 -2.72 -5.21 -6.26
C LYS A 60 -2.04 -5.41 -4.90
N VAL A 61 -2.75 -5.94 -3.95
CA VAL A 61 -2.15 -6.20 -2.60
C VAL A 61 -1.41 -7.54 -2.62
N VAL A 62 -0.12 -7.52 -2.46
CA VAL A 62 0.70 -8.77 -2.59
C VAL A 62 0.59 -9.58 -1.29
N GLN A 63 0.67 -8.92 -0.16
CA GLN A 63 0.58 -9.62 1.16
C GLN A 63 0.31 -8.62 2.29
N ALA A 64 -0.67 -8.91 3.12
CA ALA A 64 -0.90 -8.10 4.34
C ALA A 64 -0.38 -8.84 5.57
N TYR A 65 0.30 -8.15 6.46
CA TYR A 65 0.83 -8.80 7.69
C TYR A 65 0.44 -7.98 8.94
N PRO A 66 -0.29 -8.53 9.90
CA PRO A 66 -1.10 -9.79 9.73
C PRO A 66 -2.33 -9.53 8.85
N SER A 67 -2.94 -10.57 8.34
CA SER A 67 -4.17 -10.39 7.49
C SER A 67 -5.44 -10.71 8.32
N PRO A 68 -6.53 -10.00 8.11
CA PRO A 68 -6.54 -8.60 7.57
C PRO A 68 -5.98 -7.62 8.61
N LEU A 69 -5.62 -6.43 8.19
CA LEU A 69 -5.21 -5.36 9.16
C LEU A 69 -5.73 -3.99 8.71
N ARG A 70 -5.89 -3.07 9.63
CA ARG A 70 -6.21 -1.66 9.25
C ARG A 70 -4.91 -0.86 9.07
N VAL A 71 -4.89 0.01 8.09
CA VAL A 71 -3.65 0.81 7.80
C VAL A 71 -3.57 2.00 8.77
N GLU A 72 -2.43 2.18 9.40
CA GLU A 72 -2.26 3.30 10.37
C GLU A 72 -0.97 4.07 10.08
N ASP A 73 -0.82 5.24 10.64
CA ASP A 73 0.44 6.06 10.44
C ASP A 73 1.67 5.28 10.91
N ARG A 74 1.52 4.41 11.87
CA ARG A 74 2.67 3.56 12.35
C ARG A 74 2.88 2.35 11.44
N THR A 75 1.88 1.95 10.68
CA THR A 75 2.04 0.79 9.73
C THR A 75 2.99 1.17 8.59
N LYS A 76 3.96 0.33 8.32
CA LYS A 76 4.94 0.63 7.22
C LYS A 76 4.44 0.05 5.90
N ILE A 77 4.60 0.79 4.82
CA ILE A 77 4.14 0.29 3.47
C ILE A 77 5.32 0.34 2.48
N THR A 78 5.49 -0.69 1.70
CA THR A 78 6.65 -0.77 0.75
C THR A 78 6.19 -1.10 -0.66
N LEU A 79 6.85 -0.56 -1.65
CA LEU A 79 6.53 -0.89 -3.08
C LEU A 79 7.51 -1.94 -3.60
N VAL A 80 7.01 -3.02 -4.15
CA VAL A 80 7.89 -4.10 -4.68
C VAL A 80 8.12 -3.89 -6.19
N THR A 81 9.33 -4.11 -6.64
CA THR A 81 9.61 -4.07 -8.11
C THR A 81 10.71 -5.08 -8.46
N HIS A 82 10.81 -5.45 -9.71
CA HIS A 82 11.84 -6.44 -10.15
C HIS A 82 12.62 -5.89 -11.36
N PRO A 83 13.78 -5.28 -11.12
CA PRO A 83 14.61 -4.76 -12.24
C PRO A 83 15.18 -5.92 -13.05
N GLU A 8 4.32 -5.12 25.33
CA GLU A 8 3.09 -5.74 24.74
C GLU A 8 2.05 -4.65 24.45
N GLY A 9 1.05 -4.96 23.65
CA GLY A 9 -0.02 -3.97 23.31
C GLY A 9 0.30 -3.32 21.95
N VAL A 10 1.55 -3.02 21.69
CA VAL A 10 1.94 -2.43 20.37
C VAL A 10 2.28 -3.57 19.40
N ILE A 11 1.75 -3.51 18.19
CA ILE A 11 2.01 -4.58 17.18
C ILE A 11 2.72 -3.96 15.97
N MET A 12 3.70 -4.66 15.43
CA MET A 12 4.34 -4.22 14.15
C MET A 12 3.55 -4.75 12.94
N SER A 13 2.97 -3.85 12.18
CA SER A 13 2.17 -4.27 10.97
C SER A 13 2.79 -3.67 9.71
N GLU A 14 2.57 -4.31 8.57
CA GLU A 14 3.19 -3.84 7.30
C GLU A 14 2.29 -4.19 6.11
N LEU A 15 2.31 -3.37 5.08
CA LEU A 15 1.52 -3.64 3.84
C LEU A 15 2.44 -3.58 2.62
N LYS A 16 2.51 -4.65 1.86
CA LYS A 16 3.35 -4.65 0.62
C LYS A 16 2.47 -4.57 -0.64
N LEU A 17 2.83 -3.71 -1.56
CA LEU A 17 1.99 -3.47 -2.78
C LEU A 17 2.82 -3.61 -4.05
N LYS A 18 2.18 -3.95 -5.15
CA LYS A 18 2.87 -3.96 -6.47
C LYS A 18 2.00 -3.24 -7.53
N PRO A 19 2.60 -2.35 -8.31
CA PRO A 19 1.83 -1.67 -9.39
C PRO A 19 1.62 -2.63 -10.58
N LEU A 20 0.47 -2.58 -11.20
CA LEU A 20 0.20 -3.42 -12.41
C LEU A 20 0.73 -2.78 -13.74
N PRO A 21 0.45 -1.51 -14.07
CA PRO A 21 1.19 -0.87 -15.19
C PRO A 21 2.66 -0.66 -14.81
N LYS A 22 3.50 -0.32 -15.78
CA LYS A 22 4.94 -0.06 -15.48
C LYS A 22 5.13 1.38 -14.99
N VAL A 23 5.16 1.56 -13.70
CA VAL A 23 5.32 2.95 -13.12
C VAL A 23 6.14 2.88 -11.82
N GLU A 24 6.97 3.87 -11.59
CA GLU A 24 7.76 3.94 -10.31
C GLU A 24 7.63 5.33 -9.69
N LEU A 25 6.98 5.42 -8.55
CA LEU A 25 6.74 6.75 -7.90
C LEU A 25 7.87 7.07 -6.91
N PRO A 26 8.26 8.34 -6.81
CA PRO A 26 9.30 8.74 -5.80
C PRO A 26 8.85 8.40 -4.36
N PRO A 27 9.80 8.43 -3.43
CA PRO A 27 9.51 7.98 -2.03
C PRO A 27 8.52 8.92 -1.30
N ASP A 28 8.18 10.06 -1.87
CA ASP A 28 7.19 10.97 -1.19
C ASP A 28 5.76 10.46 -1.38
N PHE A 29 5.50 9.76 -2.47
CA PHE A 29 4.11 9.23 -2.74
C PHE A 29 3.65 8.29 -1.61
N VAL A 30 4.50 7.37 -1.19
CA VAL A 30 4.05 6.31 -0.23
C VAL A 30 3.51 6.93 1.07
N ASP A 31 4.05 8.06 1.47
CA ASP A 31 3.55 8.76 2.70
C ASP A 31 2.15 9.34 2.43
N VAL A 32 1.96 9.93 1.27
CA VAL A 32 0.64 10.58 0.95
C VAL A 32 -0.44 9.50 0.80
N ILE A 33 -0.11 8.38 0.19
CA ILE A 33 -1.09 7.26 0.03
C ILE A 33 -1.48 6.71 1.41
N ARG A 34 -0.52 6.53 2.30
CA ARG A 34 -0.83 6.03 3.69
C ARG A 34 -1.79 6.99 4.42
N ILE A 35 -1.58 8.27 4.29
CA ILE A 35 -2.44 9.27 5.02
C ILE A 35 -3.89 9.20 4.47
N LYS A 36 -4.05 9.07 3.18
CA LYS A 36 -5.42 8.95 2.58
C LYS A 36 -6.09 7.63 2.99
N LEU A 37 -5.34 6.55 3.00
CA LEU A 37 -5.97 5.18 3.05
C LEU A 37 -6.19 4.71 4.50
N GLN A 38 -5.44 5.24 5.45
CA GLN A 38 -5.55 4.75 6.89
C GLN A 38 -7.00 4.71 7.39
N GLY A 39 -7.31 3.76 8.24
CA GLY A 39 -8.72 3.57 8.71
C GLY A 39 -9.41 2.47 7.88
N LYS A 40 -8.98 2.24 6.66
CA LYS A 40 -9.57 1.15 5.83
C LYS A 40 -8.83 -0.18 6.09
N THR A 41 -9.52 -1.28 5.93
CA THR A 41 -8.89 -2.62 6.18
C THR A 41 -8.45 -3.26 4.87
N VAL A 42 -7.38 -4.03 4.91
CA VAL A 42 -6.81 -4.63 3.67
C VAL A 42 -6.55 -6.13 3.87
N ARG A 43 -6.80 -6.93 2.86
CA ARG A 43 -6.40 -8.36 2.88
C ARG A 43 -5.76 -8.76 1.55
N THR A 44 -4.80 -9.66 1.59
CA THR A 44 -4.02 -10.02 0.33
C THR A 44 -4.96 -10.45 -0.80
N GLY A 45 -4.67 -10.00 -2.01
CA GLY A 45 -5.49 -10.41 -3.20
C GLY A 45 -6.52 -9.32 -3.57
N ASP A 46 -6.81 -8.39 -2.68
CA ASP A 46 -7.72 -7.25 -3.02
C ASP A 46 -7.10 -6.37 -4.11
N VAL A 47 -7.92 -5.72 -4.90
CA VAL A 47 -7.40 -4.79 -5.96
C VAL A 47 -8.17 -3.46 -5.89
N ILE A 48 -7.46 -2.35 -5.94
CA ILE A 48 -8.13 -1.01 -5.89
C ILE A 48 -7.50 -0.07 -6.93
N GLY A 49 -8.26 0.90 -7.39
CA GLY A 49 -7.76 1.83 -8.45
C GLY A 49 -7.53 3.22 -7.85
N ILE A 50 -6.49 3.89 -8.28
CA ILE A 50 -6.24 5.31 -7.84
C ILE A 50 -6.01 6.18 -9.08
N SER A 51 -6.66 7.31 -9.15
CA SER A 51 -6.37 8.31 -10.23
C SER A 51 -5.28 9.28 -9.76
N ILE A 52 -4.19 9.36 -10.49
CA ILE A 52 -3.06 10.25 -10.08
C ILE A 52 -2.66 11.15 -11.27
N LEU A 53 -2.64 12.44 -11.07
CA LEU A 53 -2.15 13.41 -12.12
C LEU A 53 -2.84 13.19 -13.48
N GLY A 54 -4.08 12.76 -13.46
CA GLY A 54 -4.84 12.54 -14.73
C GLY A 54 -4.42 11.22 -15.40
N LYS A 55 -3.90 10.27 -14.65
CA LYS A 55 -3.51 8.95 -15.23
C LYS A 55 -4.01 7.82 -14.33
N GLU A 56 -4.72 6.88 -14.89
CA GLU A 56 -5.30 5.76 -14.07
C GLU A 56 -4.24 4.69 -13.81
N VAL A 57 -4.04 4.33 -12.56
CA VAL A 57 -3.11 3.21 -12.21
C VAL A 57 -3.83 2.18 -11.33
N LYS A 58 -3.69 0.91 -11.65
CA LYS A 58 -4.26 -0.18 -10.80
C LYS A 58 -3.21 -0.71 -9.82
N PHE A 59 -3.58 -0.88 -8.57
CA PHE A 59 -2.63 -1.42 -7.55
C PHE A 59 -3.16 -2.72 -6.96
N LYS A 60 -2.31 -3.73 -6.90
CA LYS A 60 -2.72 -5.03 -6.27
C LYS A 60 -2.08 -5.16 -4.88
N VAL A 61 -2.83 -5.66 -3.92
CA VAL A 61 -2.26 -5.90 -2.55
C VAL A 61 -1.47 -7.22 -2.57
N VAL A 62 -0.18 -7.15 -2.39
CA VAL A 62 0.70 -8.35 -2.56
C VAL A 62 0.60 -9.21 -1.29
N GLN A 63 0.64 -8.58 -0.14
CA GLN A 63 0.59 -9.35 1.15
C GLN A 63 0.26 -8.42 2.32
N ALA A 64 -0.68 -8.80 3.13
CA ALA A 64 -0.96 -8.06 4.41
C ALA A 64 -0.35 -8.81 5.59
N TYR A 65 0.32 -8.10 6.47
CA TYR A 65 0.94 -8.76 7.67
C TYR A 65 0.56 -8.00 8.96
N PRO A 66 -0.18 -8.61 9.88
CA PRO A 66 -0.94 -9.89 9.67
C PRO A 66 -2.18 -9.61 8.80
N SER A 67 -2.77 -10.65 8.25
CA SER A 67 -4.00 -10.46 7.42
C SER A 67 -5.25 -10.87 8.23
N PRO A 68 -6.37 -10.17 8.07
CA PRO A 68 -6.43 -8.76 7.56
C PRO A 68 -5.88 -7.78 8.61
N LEU A 69 -5.54 -6.58 8.19
CA LEU A 69 -5.14 -5.51 9.15
C LEU A 69 -5.68 -4.15 8.70
N ARG A 70 -5.85 -3.22 9.61
CA ARG A 70 -6.21 -1.81 9.23
C ARG A 70 -4.93 -0.99 9.06
N VAL A 71 -4.91 -0.11 8.09
CA VAL A 71 -3.68 0.72 7.82
C VAL A 71 -3.61 1.86 8.84
N GLU A 72 -2.46 2.03 9.47
CA GLU A 72 -2.30 3.12 10.49
C GLU A 72 -1.02 3.91 10.20
N ASP A 73 -0.88 5.07 10.81
CA ASP A 73 0.37 5.89 10.63
C ASP A 73 1.62 5.12 11.09
N ARG A 74 1.46 4.23 12.04
CA ARG A 74 2.62 3.40 12.51
C ARG A 74 2.85 2.21 11.59
N THR A 75 1.86 1.81 10.81
CA THR A 75 2.06 0.66 9.85
C THR A 75 3.02 1.07 8.73
N LYS A 76 4.01 0.24 8.46
CA LYS A 76 5.01 0.56 7.39
C LYS A 76 4.52 0.03 6.05
N ILE A 77 4.74 0.78 4.98
CA ILE A 77 4.29 0.33 3.62
C ILE A 77 5.48 0.36 2.66
N THR A 78 5.61 -0.66 1.84
CA THR A 78 6.77 -0.76 0.90
C THR A 78 6.29 -1.04 -0.52
N LEU A 79 6.91 -0.41 -1.50
CA LEU A 79 6.54 -0.65 -2.93
C LEU A 79 7.54 -1.61 -3.58
N VAL A 80 7.05 -2.63 -4.26
CA VAL A 80 7.96 -3.60 -4.94
C VAL A 80 8.17 -3.15 -6.40
N THR A 81 9.39 -3.27 -6.88
CA THR A 81 9.67 -3.00 -8.33
C THR A 81 10.80 -3.90 -8.83
N HIS A 82 11.06 -3.86 -10.13
CA HIS A 82 12.14 -4.72 -10.70
C HIS A 82 13.40 -3.87 -11.00
N PRO A 83 14.56 -4.53 -11.07
CA PRO A 83 15.82 -3.77 -11.35
C PRO A 83 15.81 -3.24 -12.78
N GLU A 8 5.85 -4.23 27.27
CA GLU A 8 4.51 -4.47 26.64
C GLU A 8 4.63 -5.45 25.48
N GLY A 9 5.75 -5.41 24.77
CA GLY A 9 5.96 -6.34 23.62
C GLY A 9 6.13 -5.53 22.33
N VAL A 10 6.84 -6.07 21.36
CA VAL A 10 7.07 -5.33 20.07
C VAL A 10 5.95 -5.69 19.08
N ILE A 11 5.32 -4.69 18.51
CA ILE A 11 4.24 -4.94 17.50
C ILE A 11 4.57 -4.17 16.21
N MET A 12 4.47 -4.82 15.07
CA MET A 12 4.78 -4.15 13.77
C MET A 12 3.86 -4.68 12.66
N SER A 13 3.08 -3.81 12.07
CA SER A 13 2.21 -4.21 10.92
C SER A 13 2.74 -3.62 9.62
N GLU A 14 2.51 -4.28 8.50
CA GLU A 14 3.05 -3.80 7.20
C GLU A 14 2.16 -4.25 6.04
N LEU A 15 2.11 -3.48 4.98
CA LEU A 15 1.39 -3.89 3.74
C LEU A 15 2.34 -3.88 2.54
N LYS A 16 2.37 -4.95 1.79
CA LYS A 16 3.21 -5.01 0.55
C LYS A 16 2.33 -4.79 -0.68
N LEU A 17 2.59 -3.74 -1.43
CA LEU A 17 1.78 -3.44 -2.65
C LEU A 17 2.66 -3.50 -3.90
N LYS A 18 2.06 -3.81 -5.04
CA LYS A 18 2.81 -3.79 -6.33
C LYS A 18 1.93 -3.15 -7.43
N PRO A 19 2.50 -2.27 -8.23
CA PRO A 19 1.71 -1.64 -9.33
C PRO A 19 1.58 -2.61 -10.51
N LEU A 20 0.44 -2.61 -11.17
CA LEU A 20 0.26 -3.45 -12.39
C LEU A 20 0.88 -2.81 -13.67
N PRO A 21 0.65 -1.53 -14.01
CA PRO A 21 1.48 -0.90 -15.08
C PRO A 21 2.91 -0.71 -14.59
N LYS A 22 3.83 -0.46 -15.50
CA LYS A 22 5.26 -0.26 -15.10
C LYS A 22 5.50 1.19 -14.69
N VAL A 23 5.46 1.46 -13.39
CA VAL A 23 5.65 2.85 -12.88
C VAL A 23 6.38 2.83 -11.53
N GLU A 24 7.26 3.77 -11.31
CA GLU A 24 7.97 3.87 -9.99
C GLU A 24 7.82 5.28 -9.40
N LEU A 25 7.14 5.39 -8.29
CA LEU A 25 6.88 6.74 -7.69
C LEU A 25 7.98 7.10 -6.67
N PRO A 26 8.38 8.37 -6.61
CA PRO A 26 9.39 8.81 -5.60
C PRO A 26 8.91 8.53 -4.16
N PRO A 27 9.82 8.61 -3.19
CA PRO A 27 9.50 8.21 -1.78
C PRO A 27 8.47 9.15 -1.12
N ASP A 28 8.12 10.26 -1.73
CA ASP A 28 7.10 11.17 -1.12
C ASP A 28 5.68 10.61 -1.34
N PHE A 29 5.46 9.87 -2.40
CA PHE A 29 4.09 9.31 -2.70
C PHE A 29 3.62 8.40 -1.56
N VAL A 30 4.48 7.52 -1.09
CA VAL A 30 4.03 6.47 -0.10
C VAL A 30 3.44 7.12 1.16
N ASP A 31 3.94 8.26 1.55
CA ASP A 31 3.38 8.99 2.74
C ASP A 31 1.98 9.54 2.41
N VAL A 32 1.81 10.08 1.24
CA VAL A 32 0.48 10.68 0.85
C VAL A 32 -0.57 9.57 0.71
N ILE A 33 -0.19 8.45 0.13
CA ILE A 33 -1.13 7.29 -0.01
C ILE A 33 -1.50 6.76 1.39
N ARG A 34 -0.54 6.65 2.28
CA ARG A 34 -0.82 6.18 3.68
C ARG A 34 -1.85 7.08 4.38
N ILE A 35 -1.73 8.38 4.21
CA ILE A 35 -2.67 9.34 4.89
C ILE A 35 -4.10 9.15 4.33
N LYS A 36 -4.22 8.98 3.03
CA LYS A 36 -5.57 8.77 2.40
C LYS A 36 -6.19 7.44 2.87
N LEU A 37 -5.40 6.39 2.94
CA LEU A 37 -5.98 5.01 3.06
C LEU A 37 -6.20 4.62 4.54
N GLN A 38 -5.41 5.16 5.45
CA GLN A 38 -5.45 4.71 6.90
C GLN A 38 -6.88 4.70 7.47
N GLY A 39 -7.17 3.76 8.33
CA GLY A 39 -8.56 3.57 8.86
C GLY A 39 -9.31 2.50 8.05
N LYS A 40 -8.93 2.27 6.82
CA LYS A 40 -9.55 1.17 6.01
C LYS A 40 -8.78 -0.13 6.21
N THR A 41 -9.43 -1.25 6.01
CA THR A 41 -8.77 -2.57 6.23
C THR A 41 -8.30 -3.16 4.90
N VAL A 42 -7.20 -3.88 4.91
CA VAL A 42 -6.63 -4.46 3.66
C VAL A 42 -6.30 -5.95 3.86
N ARG A 43 -6.58 -6.75 2.86
CA ARG A 43 -6.18 -8.20 2.90
C ARG A 43 -5.60 -8.62 1.55
N THR A 44 -4.68 -9.56 1.55
CA THR A 44 -3.97 -9.97 0.29
C THR A 44 -4.97 -10.38 -0.81
N GLY A 45 -4.71 -9.98 -2.03
CA GLY A 45 -5.59 -10.37 -3.18
C GLY A 45 -6.58 -9.26 -3.54
N ASP A 46 -6.81 -8.30 -2.66
CA ASP A 46 -7.70 -7.15 -2.99
C ASP A 46 -7.08 -6.30 -4.12
N VAL A 47 -7.91 -5.64 -4.89
CA VAL A 47 -7.41 -4.72 -5.97
C VAL A 47 -8.18 -3.40 -5.91
N ILE A 48 -7.48 -2.29 -5.96
CA ILE A 48 -8.16 -0.95 -5.93
C ILE A 48 -7.52 0.00 -6.95
N GLY A 49 -8.27 0.94 -7.47
CA GLY A 49 -7.75 1.87 -8.51
C GLY A 49 -7.56 3.26 -7.92
N ILE A 50 -6.50 3.93 -8.29
CA ILE A 50 -6.27 5.34 -7.83
C ILE A 50 -6.03 6.24 -9.07
N SER A 51 -6.61 7.41 -9.07
CA SER A 51 -6.29 8.43 -10.13
C SER A 51 -5.14 9.32 -9.68
N ILE A 52 -4.07 9.36 -10.44
CA ILE A 52 -2.90 10.23 -10.09
C ILE A 52 -2.49 11.06 -11.32
N LEU A 53 -2.39 12.37 -11.15
CA LEU A 53 -1.90 13.28 -12.25
C LEU A 53 -2.68 13.06 -13.56
N GLY A 54 -3.94 12.70 -13.46
CA GLY A 54 -4.78 12.51 -14.67
C GLY A 54 -4.47 11.17 -15.34
N LYS A 55 -3.94 10.21 -14.61
CA LYS A 55 -3.60 8.88 -15.22
C LYS A 55 -4.11 7.76 -14.31
N GLU A 56 -4.77 6.78 -14.88
CA GLU A 56 -5.33 5.65 -14.06
C GLU A 56 -4.24 4.62 -13.77
N VAL A 57 -4.06 4.28 -12.51
CA VAL A 57 -3.12 3.18 -12.14
C VAL A 57 -3.84 2.16 -11.23
N LYS A 58 -3.71 0.88 -11.55
CA LYS A 58 -4.29 -0.19 -10.69
C LYS A 58 -3.22 -0.74 -9.74
N PHE A 59 -3.55 -0.84 -8.47
CA PHE A 59 -2.59 -1.44 -7.47
C PHE A 59 -3.16 -2.74 -6.91
N LYS A 60 -2.35 -3.78 -6.89
CA LYS A 60 -2.78 -5.07 -6.27
C LYS A 60 -2.08 -5.26 -4.92
N VAL A 61 -2.77 -5.80 -3.95
CA VAL A 61 -2.16 -6.08 -2.62
C VAL A 61 -1.43 -7.42 -2.66
N VAL A 62 -0.13 -7.40 -2.50
CA VAL A 62 0.69 -8.65 -2.65
C VAL A 62 0.56 -9.49 -1.38
N GLN A 63 0.63 -8.84 -0.22
CA GLN A 63 0.48 -9.58 1.07
C GLN A 63 0.19 -8.61 2.21
N ALA A 64 -0.77 -8.95 3.07
CA ALA A 64 -1.00 -8.16 4.31
C ALA A 64 -0.39 -8.90 5.52
N TYR A 65 0.31 -8.18 6.36
CA TYR A 65 0.96 -8.82 7.55
C TYR A 65 0.59 -8.05 8.84
N PRO A 66 -0.13 -8.63 9.78
CA PRO A 66 -0.93 -9.89 9.57
C PRO A 66 -2.17 -9.60 8.71
N SER A 67 -2.79 -10.63 8.19
CA SER A 67 -4.02 -10.43 7.36
C SER A 67 -5.27 -10.80 8.19
N PRO A 68 -6.37 -10.07 8.04
CA PRO A 68 -6.39 -8.65 7.53
C PRO A 68 -5.81 -7.70 8.59
N LEU A 69 -5.46 -6.50 8.19
CA LEU A 69 -5.03 -5.45 9.17
C LEU A 69 -5.57 -4.07 8.75
N ARG A 70 -5.69 -3.18 9.70
CA ARG A 70 -6.03 -1.75 9.36
C ARG A 70 -4.75 -0.96 9.14
N VAL A 71 -4.77 -0.07 8.16
CA VAL A 71 -3.54 0.76 7.86
C VAL A 71 -3.49 1.94 8.83
N GLU A 72 -2.35 2.17 9.44
CA GLU A 72 -2.20 3.29 10.41
C GLU A 72 -0.95 4.11 10.09
N ASP A 73 -0.74 5.20 10.80
CA ASP A 73 0.57 5.94 10.72
C ASP A 73 1.73 5.05 11.18
N ARG A 74 1.47 4.11 12.07
CA ARG A 74 2.54 3.21 12.58
C ARG A 74 2.77 2.01 11.64
N THR A 75 1.81 1.68 10.79
CA THR A 75 1.99 0.57 9.80
C THR A 75 2.89 1.05 8.65
N LYS A 76 3.89 0.27 8.32
CA LYS A 76 4.81 0.64 7.19
C LYS A 76 4.26 0.10 5.87
N ILE A 77 4.44 0.82 4.78
CA ILE A 77 3.99 0.33 3.44
C ILE A 77 5.18 0.37 2.46
N THR A 78 5.38 -0.70 1.74
CA THR A 78 6.55 -0.80 0.81
C THR A 78 6.09 -1.05 -0.62
N LEU A 79 6.73 -0.43 -1.58
CA LEU A 79 6.39 -0.67 -3.02
C LEU A 79 7.40 -1.65 -3.64
N VAL A 80 6.91 -2.74 -4.19
CA VAL A 80 7.81 -3.76 -4.80
C VAL A 80 7.94 -3.49 -6.31
N THR A 81 9.14 -3.57 -6.82
CA THR A 81 9.36 -3.47 -8.30
C THR A 81 10.55 -4.32 -8.72
N HIS A 82 10.66 -4.62 -10.00
CA HIS A 82 11.80 -5.45 -10.50
C HIS A 82 12.48 -4.75 -11.69
N PRO A 83 13.56 -4.01 -11.42
CA PRO A 83 14.29 -3.32 -12.52
C PRO A 83 15.00 -4.35 -13.42
N GLU A 8 11.40 -2.26 23.53
CA GLU A 8 9.95 -2.22 23.86
C GLU A 8 9.19 -3.29 23.05
N GLY A 9 8.05 -3.73 23.55
CA GLY A 9 7.25 -4.77 22.83
C GLY A 9 6.37 -4.09 21.79
N VAL A 10 6.97 -3.55 20.75
CA VAL A 10 6.20 -2.87 19.67
C VAL A 10 5.83 -3.89 18.58
N ILE A 11 4.62 -3.84 18.08
CA ILE A 11 4.19 -4.78 17.00
C ILE A 11 4.36 -4.11 15.64
N MET A 12 5.19 -4.66 14.78
CA MET A 12 5.42 -4.07 13.43
C MET A 12 4.40 -4.64 12.42
N SER A 13 3.51 -3.81 11.93
CA SER A 13 2.59 -4.23 10.84
C SER A 13 3.02 -3.62 9.51
N GLU A 14 2.74 -4.28 8.42
CA GLU A 14 3.24 -3.82 7.08
C GLU A 14 2.29 -4.24 5.96
N LEU A 15 2.18 -3.43 4.94
CA LEU A 15 1.44 -3.84 3.70
C LEU A 15 2.37 -3.78 2.48
N LYS A 16 2.46 -4.87 1.75
CA LYS A 16 3.31 -4.88 0.52
C LYS A 16 2.42 -4.75 -0.73
N LEU A 17 2.63 -3.71 -1.49
CA LEU A 17 1.81 -3.45 -2.72
C LEU A 17 2.67 -3.53 -3.98
N LYS A 18 2.06 -3.83 -5.10
CA LYS A 18 2.78 -3.80 -6.41
C LYS A 18 1.91 -3.10 -7.47
N PRO A 19 2.50 -2.21 -8.26
CA PRO A 19 1.74 -1.57 -9.39
C PRO A 19 1.59 -2.56 -10.55
N LEU A 20 0.45 -2.56 -11.20
CA LEU A 20 0.25 -3.44 -12.39
C LEU A 20 0.96 -2.91 -13.68
N PRO A 21 0.82 -1.63 -14.08
CA PRO A 21 1.72 -1.11 -15.16
C PRO A 21 3.15 -0.98 -14.63
N LYS A 22 4.12 -0.87 -15.51
CA LYS A 22 5.55 -0.75 -15.08
C LYS A 22 5.87 0.70 -14.71
N VAL A 23 5.61 1.09 -13.48
CA VAL A 23 5.90 2.48 -13.02
C VAL A 23 6.29 2.48 -11.54
N GLU A 24 7.24 3.32 -11.17
CA GLU A 24 7.63 3.44 -9.72
C GLU A 24 7.49 4.91 -9.26
N LEU A 25 6.89 5.11 -8.11
CA LEU A 25 6.68 6.50 -7.60
C LEU A 25 7.83 6.90 -6.64
N PRO A 26 8.21 8.16 -6.63
CA PRO A 26 9.23 8.65 -5.66
C PRO A 26 8.78 8.42 -4.20
N PRO A 27 9.73 8.49 -3.26
CA PRO A 27 9.43 8.10 -1.85
C PRO A 27 8.43 9.04 -1.16
N ASP A 28 8.07 10.15 -1.77
CA ASP A 28 7.06 11.07 -1.16
C ASP A 28 5.64 10.52 -1.35
N PHE A 29 5.41 9.79 -2.43
CA PHE A 29 4.03 9.25 -2.71
C PHE A 29 3.57 8.32 -1.59
N VAL A 30 4.41 7.42 -1.14
CA VAL A 30 3.98 6.36 -0.17
C VAL A 30 3.40 6.99 1.11
N ASP A 31 3.92 8.14 1.50
CA ASP A 31 3.38 8.85 2.71
C ASP A 31 1.99 9.41 2.41
N VAL A 32 1.80 9.98 1.24
CA VAL A 32 0.48 10.60 0.90
C VAL A 32 -0.59 9.49 0.74
N ILE A 33 -0.22 8.39 0.15
CA ILE A 33 -1.18 7.22 -0.01
C ILE A 33 -1.56 6.68 1.39
N ARG A 34 -0.60 6.55 2.28
CA ARG A 34 -0.90 6.06 3.68
C ARG A 34 -1.90 6.98 4.38
N ILE A 35 -1.76 8.28 4.21
CA ILE A 35 -2.71 9.26 4.87
C ILE A 35 -4.13 9.08 4.28
N LYS A 36 -4.23 8.88 2.99
CA LYS A 36 -5.57 8.64 2.36
C LYS A 36 -6.18 7.31 2.83
N LEU A 37 -5.36 6.29 2.99
CA LEU A 37 -5.90 4.90 3.14
C LEU A 37 -6.18 4.55 4.61
N GLN A 38 -5.45 5.14 5.54
CA GLN A 38 -5.55 4.74 7.00
C GLN A 38 -7.00 4.70 7.50
N GLY A 39 -7.30 3.77 8.38
CA GLY A 39 -8.71 3.58 8.86
C GLY A 39 -9.42 2.48 8.04
N LYS A 40 -9.00 2.25 6.82
CA LYS A 40 -9.60 1.14 6.00
C LYS A 40 -8.82 -0.16 6.23
N THR A 41 -9.46 -1.29 6.04
CA THR A 41 -8.79 -2.60 6.26
C THR A 41 -8.35 -3.20 4.92
N VAL A 42 -7.26 -3.94 4.93
CA VAL A 42 -6.71 -4.53 3.66
C VAL A 42 -6.43 -6.03 3.85
N ARG A 43 -6.73 -6.82 2.85
CA ARG A 43 -6.40 -8.28 2.91
C ARG A 43 -5.79 -8.72 1.57
N THR A 44 -4.94 -9.72 1.60
CA THR A 44 -4.20 -10.16 0.35
C THR A 44 -5.17 -10.47 -0.80
N GLY A 45 -4.85 -10.03 -2.00
CA GLY A 45 -5.67 -10.36 -3.20
C GLY A 45 -6.64 -9.22 -3.56
N ASP A 46 -6.88 -8.29 -2.65
CA ASP A 46 -7.79 -7.13 -2.97
C ASP A 46 -7.17 -6.25 -4.07
N VAL A 47 -7.99 -5.57 -4.82
CA VAL A 47 -7.48 -4.66 -5.91
C VAL A 47 -8.23 -3.32 -5.83
N ILE A 48 -7.50 -2.23 -5.90
CA ILE A 48 -8.15 -0.87 -5.86
C ILE A 48 -7.51 0.05 -6.91
N GLY A 49 -8.25 1.03 -7.38
CA GLY A 49 -7.74 1.95 -8.45
C GLY A 49 -7.51 3.35 -7.86
N ILE A 50 -6.46 4.01 -8.29
CA ILE A 50 -6.20 5.42 -7.84
C ILE A 50 -5.98 6.31 -9.06
N SER A 51 -6.57 7.48 -9.07
CA SER A 51 -6.27 8.50 -10.12
C SER A 51 -5.12 9.40 -9.68
N ILE A 52 -4.05 9.44 -10.46
CA ILE A 52 -2.88 10.30 -10.10
C ILE A 52 -2.49 11.17 -11.32
N LEU A 53 -2.43 12.47 -11.14
CA LEU A 53 -1.95 13.42 -12.20
C LEU A 53 -2.67 13.19 -13.55
N GLY A 54 -3.92 12.80 -13.49
CA GLY A 54 -4.72 12.59 -14.74
C GLY A 54 -4.35 11.23 -15.39
N LYS A 55 -3.85 10.29 -14.63
CA LYS A 55 -3.47 8.96 -15.20
C LYS A 55 -4.00 7.84 -14.31
N GLU A 56 -4.69 6.88 -14.89
CA GLU A 56 -5.28 5.75 -14.09
C GLU A 56 -4.20 4.70 -13.80
N VAL A 57 -4.02 4.36 -12.54
CA VAL A 57 -3.09 3.24 -12.17
C VAL A 57 -3.82 2.21 -11.30
N LYS A 58 -3.69 0.94 -11.62
CA LYS A 58 -4.29 -0.14 -10.79
C LYS A 58 -3.24 -0.70 -9.81
N PHE A 59 -3.61 -0.85 -8.55
CA PHE A 59 -2.67 -1.41 -7.54
C PHE A 59 -3.22 -2.72 -6.97
N LYS A 60 -2.40 -3.75 -6.91
CA LYS A 60 -2.83 -5.04 -6.28
C LYS A 60 -2.15 -5.21 -4.92
N VAL A 61 -2.87 -5.75 -3.95
CA VAL A 61 -2.28 -6.01 -2.61
C VAL A 61 -1.54 -7.36 -2.63
N VAL A 62 -0.23 -7.33 -2.49
CA VAL A 62 0.58 -8.58 -2.67
C VAL A 62 0.47 -9.43 -1.40
N GLN A 63 0.55 -8.80 -0.25
CA GLN A 63 0.47 -9.56 1.05
C GLN A 63 0.21 -8.60 2.22
N ALA A 64 -0.70 -8.97 3.09
CA ALA A 64 -0.93 -8.17 4.34
C ALA A 64 -0.31 -8.88 5.54
N TYR A 65 0.38 -8.15 6.38
CA TYR A 65 0.99 -8.75 7.62
C TYR A 65 0.61 -7.92 8.86
N PRO A 66 -0.11 -8.48 9.83
CA PRO A 66 -0.89 -9.76 9.67
C PRO A 66 -2.11 -9.52 8.79
N SER A 67 -2.71 -10.58 8.28
CA SER A 67 -3.94 -10.44 7.43
C SER A 67 -5.19 -10.79 8.26
N PRO A 68 -6.31 -10.10 8.06
CA PRO A 68 -6.34 -8.70 7.54
C PRO A 68 -5.80 -7.72 8.59
N LEU A 69 -5.49 -6.51 8.19
CA LEU A 69 -5.08 -5.44 9.16
C LEU A 69 -5.65 -4.08 8.73
N ARG A 70 -5.82 -3.18 9.67
CA ARG A 70 -6.17 -1.78 9.32
C ARG A 70 -4.90 -0.94 9.15
N VAL A 71 -4.89 -0.04 8.19
CA VAL A 71 -3.66 0.78 7.92
C VAL A 71 -3.60 1.94 8.93
N GLU A 72 -2.48 2.09 9.60
CA GLU A 72 -2.33 3.17 10.61
C GLU A 72 -1.02 3.94 10.38
N ASP A 73 -0.86 5.07 11.00
CA ASP A 73 0.42 5.87 10.87
C ASP A 73 1.63 5.05 11.34
N ARG A 74 1.42 4.11 12.25
CA ARG A 74 2.53 3.23 12.71
C ARG A 74 2.77 2.07 11.73
N THR A 75 1.80 1.74 10.91
CA THR A 75 1.99 0.64 9.90
C THR A 75 2.82 1.14 8.71
N LYS A 76 3.84 0.42 8.35
CA LYS A 76 4.72 0.85 7.21
C LYS A 76 4.20 0.25 5.89
N ILE A 77 4.37 0.97 4.80
CA ILE A 77 3.93 0.45 3.47
C ILE A 77 5.11 0.50 2.49
N THR A 78 5.31 -0.54 1.72
CA THR A 78 6.48 -0.61 0.79
C THR A 78 6.00 -0.93 -0.63
N LEU A 79 6.61 -0.30 -1.61
CA LEU A 79 6.29 -0.61 -3.04
C LEU A 79 7.36 -1.54 -3.63
N VAL A 80 6.95 -2.62 -4.24
CA VAL A 80 7.92 -3.59 -4.84
C VAL A 80 8.16 -3.24 -6.31
N THR A 81 9.40 -3.04 -6.70
CA THR A 81 9.73 -2.86 -8.14
C THR A 81 11.13 -3.42 -8.42
N HIS A 82 11.53 -3.42 -9.68
CA HIS A 82 12.89 -3.93 -10.05
C HIS A 82 13.81 -2.74 -10.43
N PRO A 83 15.12 -2.94 -10.35
CA PRO A 83 16.07 -1.84 -10.70
C PRO A 83 15.95 -1.45 -12.18
N GLU A 8 2.84 -11.99 24.14
CA GLU A 8 1.72 -11.67 23.19
C GLU A 8 1.32 -10.19 23.26
N GLY A 9 1.74 -9.41 22.29
CA GLY A 9 1.42 -7.95 22.27
C GLY A 9 2.55 -7.18 21.56
N VAL A 10 2.41 -5.88 21.44
CA VAL A 10 3.43 -5.02 20.72
C VAL A 10 3.75 -5.60 19.32
N ILE A 11 2.95 -5.24 18.34
CA ILE A 11 3.15 -5.77 16.96
C ILE A 11 3.45 -4.61 16.00
N MET A 12 4.39 -4.80 15.11
CA MET A 12 4.51 -3.89 13.92
C MET A 12 3.68 -4.44 12.75
N SER A 13 2.97 -3.57 12.07
CA SER A 13 2.14 -4.01 10.90
C SER A 13 2.74 -3.50 9.60
N GLU A 14 2.51 -4.19 8.51
CA GLU A 14 3.11 -3.80 7.20
C GLU A 14 2.20 -4.22 6.04
N LEU A 15 2.18 -3.44 4.98
CA LEU A 15 1.43 -3.83 3.75
C LEU A 15 2.32 -3.68 2.52
N LYS A 16 2.44 -4.72 1.72
CA LYS A 16 3.27 -4.66 0.48
C LYS A 16 2.38 -4.62 -0.76
N LEU A 17 2.66 -3.71 -1.67
CA LEU A 17 1.83 -3.57 -2.90
C LEU A 17 2.70 -3.73 -4.15
N LYS A 18 2.11 -4.16 -5.24
CA LYS A 18 2.83 -4.19 -6.56
C LYS A 18 2.02 -3.41 -7.61
N PRO A 19 2.65 -2.48 -8.33
CA PRO A 19 1.93 -1.74 -9.40
C PRO A 19 1.72 -2.64 -10.63
N LEU A 20 0.56 -2.59 -11.22
CA LEU A 20 0.29 -3.38 -12.47
C LEU A 20 0.89 -2.72 -13.75
N PRO A 21 0.70 -1.42 -14.04
CA PRO A 21 1.52 -0.79 -15.13
C PRO A 21 2.98 -0.67 -14.68
N LYS A 22 3.88 -0.49 -15.62
CA LYS A 22 5.33 -0.37 -15.29
C LYS A 22 5.65 1.08 -14.87
N VAL A 23 5.62 1.35 -13.58
CA VAL A 23 5.93 2.74 -13.08
C VAL A 23 6.62 2.66 -11.71
N GLU A 24 7.60 3.49 -11.49
CA GLU A 24 8.26 3.57 -10.15
C GLU A 24 8.08 4.97 -9.55
N LEU A 25 7.39 5.05 -8.43
CA LEU A 25 7.09 6.40 -7.82
C LEU A 25 8.18 6.77 -6.80
N PRO A 26 8.58 8.04 -6.75
CA PRO A 26 9.57 8.50 -5.72
C PRO A 26 9.05 8.25 -4.29
N PRO A 27 9.94 8.35 -3.31
CA PRO A 27 9.58 7.98 -1.90
C PRO A 27 8.54 8.93 -1.28
N ASP A 28 8.21 10.04 -1.93
CA ASP A 28 7.17 10.96 -1.37
C ASP A 28 5.76 10.39 -1.59
N PHE A 29 5.56 9.63 -2.66
CA PHE A 29 4.20 9.07 -2.96
C PHE A 29 3.70 8.18 -1.82
N VAL A 30 4.55 7.31 -1.30
CA VAL A 30 4.07 6.27 -0.31
C VAL A 30 3.44 6.95 0.93
N ASP A 31 3.95 8.10 1.30
CA ASP A 31 3.36 8.84 2.47
C ASP A 31 1.98 9.39 2.09
N VAL A 32 1.84 9.91 0.89
CA VAL A 32 0.53 10.52 0.47
C VAL A 32 -0.53 9.41 0.32
N ILE A 33 -0.14 8.28 -0.22
CA ILE A 33 -1.09 7.12 -0.36
C ILE A 33 -1.52 6.63 1.03
N ARG A 34 -0.59 6.53 1.96
CA ARG A 34 -0.93 6.08 3.36
C ARG A 34 -1.96 7.02 4.01
N ILE A 35 -1.82 8.31 3.80
CA ILE A 35 -2.78 9.29 4.42
C ILE A 35 -4.18 9.11 3.80
N LYS A 36 -4.25 8.90 2.51
CA LYS A 36 -5.58 8.67 1.84
C LYS A 36 -6.23 7.37 2.33
N LEU A 37 -5.45 6.31 2.43
CA LEU A 37 -6.04 4.95 2.59
C LEU A 37 -6.24 4.59 4.07
N GLN A 38 -5.43 5.12 4.96
CA GLN A 38 -5.46 4.72 6.41
C GLN A 38 -6.88 4.76 7.00
N GLY A 39 -7.16 3.88 7.94
CA GLY A 39 -8.55 3.75 8.49
C GLY A 39 -9.30 2.61 7.78
N LYS A 40 -8.94 2.30 6.55
CA LYS A 40 -9.56 1.14 5.84
C LYS A 40 -8.77 -0.13 6.11
N THR A 41 -9.41 -1.28 6.02
CA THR A 41 -8.72 -2.58 6.25
C THR A 41 -8.34 -3.23 4.92
N VAL A 42 -7.27 -4.00 4.91
CA VAL A 42 -6.77 -4.60 3.64
C VAL A 42 -6.49 -6.09 3.83
N ARG A 43 -6.75 -6.88 2.80
CA ARG A 43 -6.39 -8.32 2.83
C ARG A 43 -5.69 -8.72 1.51
N THR A 44 -4.78 -9.66 1.57
CA THR A 44 -4.01 -10.07 0.34
C THR A 44 -4.96 -10.50 -0.80
N GLY A 45 -4.65 -10.09 -2.02
CA GLY A 45 -5.47 -10.51 -3.20
C GLY A 45 -6.47 -9.41 -3.60
N ASP A 46 -6.76 -8.46 -2.73
CA ASP A 46 -7.67 -7.33 -3.10
C ASP A 46 -7.05 -6.48 -4.22
N VAL A 47 -7.88 -5.84 -5.02
CA VAL A 47 -7.37 -4.94 -6.09
C VAL A 47 -8.15 -3.61 -6.04
N ILE A 48 -7.44 -2.51 -6.03
CA ILE A 48 -8.11 -1.17 -5.96
C ILE A 48 -7.43 -0.19 -6.92
N GLY A 49 -8.19 0.72 -7.50
CA GLY A 49 -7.62 1.71 -8.46
C GLY A 49 -7.60 3.10 -7.82
N ILE A 50 -6.54 3.84 -8.00
CA ILE A 50 -6.45 5.23 -7.46
C ILE A 50 -6.08 6.19 -8.59
N SER A 51 -6.78 7.31 -8.68
CA SER A 51 -6.42 8.37 -9.68
C SER A 51 -5.39 9.33 -9.08
N ILE A 52 -4.25 9.47 -9.72
CA ILE A 52 -3.19 10.42 -9.22
C ILE A 52 -2.73 11.31 -10.38
N LEU A 53 -2.70 12.62 -10.16
CA LEU A 53 -2.20 13.60 -11.19
C LEU A 53 -2.89 13.39 -12.55
N GLY A 54 -4.13 12.98 -12.53
CA GLY A 54 -4.91 12.82 -13.81
C GLY A 54 -4.52 11.52 -14.53
N LYS A 55 -4.00 10.54 -13.81
CA LYS A 55 -3.62 9.25 -14.45
C LYS A 55 -4.05 8.08 -13.56
N GLU A 56 -4.76 7.11 -14.12
CA GLU A 56 -5.24 5.95 -13.30
C GLU A 56 -4.12 4.93 -13.13
N VAL A 57 -3.91 4.48 -11.91
CA VAL A 57 -2.95 3.36 -11.65
C VAL A 57 -3.64 2.25 -10.85
N LYS A 58 -3.51 1.01 -11.29
CA LYS A 58 -4.10 -0.13 -10.53
C LYS A 58 -3.05 -0.74 -9.59
N PHE A 59 -3.40 -0.91 -8.34
CA PHE A 59 -2.47 -1.54 -7.36
C PHE A 59 -3.04 -2.87 -6.86
N LYS A 60 -2.25 -3.92 -6.87
CA LYS A 60 -2.69 -5.22 -6.28
C LYS A 60 -2.04 -5.42 -4.91
N VAL A 61 -2.80 -5.92 -3.96
CA VAL A 61 -2.24 -6.17 -2.59
C VAL A 61 -1.46 -7.50 -2.60
N VAL A 62 -0.16 -7.43 -2.45
CA VAL A 62 0.69 -8.66 -2.58
C VAL A 62 0.60 -9.47 -1.29
N GLN A 63 0.67 -8.81 -0.15
CA GLN A 63 0.58 -9.52 1.16
C GLN A 63 0.24 -8.54 2.29
N ALA A 64 -0.67 -8.92 3.15
CA ALA A 64 -0.95 -8.12 4.38
C ALA A 64 -0.38 -8.84 5.61
N TYR A 65 0.32 -8.13 6.45
CA TYR A 65 0.94 -8.74 7.67
C TYR A 65 0.57 -7.94 8.93
N PRO A 66 -0.15 -8.50 9.88
CA PRO A 66 -0.95 -9.76 9.71
C PRO A 66 -2.21 -9.46 8.88
N SER A 67 -2.84 -10.49 8.36
CA SER A 67 -4.12 -10.29 7.60
C SER A 67 -5.32 -10.70 8.48
N PRO A 68 -6.42 -9.97 8.45
CA PRO A 68 -6.50 -8.57 7.90
C PRO A 68 -5.80 -7.58 8.84
N LEU A 69 -5.47 -6.41 8.34
CA LEU A 69 -5.02 -5.30 9.23
C LEU A 69 -5.57 -3.95 8.73
N ARG A 70 -5.69 -2.99 9.62
CA ARG A 70 -6.03 -1.60 9.18
C ARG A 70 -4.74 -0.79 8.97
N VAL A 71 -4.73 0.06 7.97
CA VAL A 71 -3.52 0.88 7.67
C VAL A 71 -3.50 2.13 8.56
N GLU A 72 -2.42 2.37 9.25
CA GLU A 72 -2.31 3.56 10.15
C GLU A 72 -1.00 4.31 9.87
N ASP A 73 -0.78 5.40 10.58
CA ASP A 73 0.57 6.07 10.56
C ASP A 73 1.65 5.13 11.10
N ARG A 74 1.29 4.20 11.96
CA ARG A 74 2.30 3.25 12.54
C ARG A 74 2.55 2.06 11.60
N THR A 75 1.64 1.78 10.69
CA THR A 75 1.85 0.68 9.70
C THR A 75 2.77 1.15 8.57
N LYS A 76 3.82 0.41 8.29
CA LYS A 76 4.77 0.78 7.20
C LYS A 76 4.30 0.16 5.87
N ILE A 77 4.48 0.87 4.78
CA ILE A 77 4.06 0.34 3.44
C ILE A 77 5.26 0.38 2.48
N THR A 78 5.40 -0.65 1.68
CA THR A 78 6.58 -0.74 0.75
C THR A 78 6.11 -1.05 -0.68
N LEU A 79 6.75 -0.46 -1.66
CA LEU A 79 6.42 -0.75 -3.09
C LEU A 79 7.43 -1.74 -3.67
N VAL A 80 6.95 -2.82 -4.25
CA VAL A 80 7.86 -3.84 -4.85
C VAL A 80 8.04 -3.57 -6.35
N THR A 81 9.25 -3.66 -6.84
CA THR A 81 9.49 -3.56 -8.31
C THR A 81 10.69 -4.44 -8.72
N HIS A 82 10.42 -5.64 -9.19
CA HIS A 82 11.51 -6.56 -9.61
C HIS A 82 11.09 -7.34 -10.87
N PRO A 83 11.50 -6.87 -12.05
CA PRO A 83 11.15 -7.59 -13.32
C PRO A 83 11.84 -8.97 -13.36
N GLU A 8 6.01 -1.07 26.63
CA GLU A 8 6.98 -2.22 26.63
C GLU A 8 6.65 -3.18 25.48
N GLY A 9 5.38 -3.34 25.18
CA GLY A 9 4.97 -4.26 24.07
C GLY A 9 5.13 -3.54 22.73
N VAL A 10 5.13 -4.29 21.65
CA VAL A 10 5.29 -3.67 20.29
C VAL A 10 4.47 -4.49 19.27
N ILE A 11 3.74 -3.83 18.40
CA ILE A 11 2.95 -4.54 17.35
C ILE A 11 3.52 -4.19 15.97
N MET A 12 4.09 -5.16 15.29
CA MET A 12 4.61 -4.92 13.90
C MET A 12 3.50 -5.14 12.85
N SER A 13 3.12 -4.10 12.15
CA SER A 13 2.15 -4.25 11.01
C SER A 13 2.74 -3.69 9.73
N GLU A 14 2.50 -4.34 8.62
CA GLU A 14 3.10 -3.91 7.32
C GLU A 14 2.25 -4.37 6.14
N LEU A 15 2.21 -3.57 5.09
CA LEU A 15 1.50 -3.98 3.83
C LEU A 15 2.47 -3.97 2.65
N LYS A 16 2.50 -5.04 1.89
CA LYS A 16 3.34 -5.10 0.65
C LYS A 16 2.45 -4.89 -0.58
N LEU A 17 2.71 -3.84 -1.33
CA LEU A 17 1.88 -3.53 -2.53
C LEU A 17 2.72 -3.61 -3.80
N LYS A 18 2.09 -3.91 -4.92
CA LYS A 18 2.81 -3.91 -6.23
C LYS A 18 2.02 -3.08 -7.27
N PRO A 19 2.68 -2.14 -7.94
CA PRO A 19 2.01 -1.41 -9.05
C PRO A 19 1.88 -2.30 -10.28
N LEU A 20 0.75 -2.24 -10.96
CA LEU A 20 0.54 -3.06 -12.20
C LEU A 20 1.23 -2.44 -13.46
N PRO A 21 1.07 -1.15 -13.79
CA PRO A 21 1.95 -0.56 -14.85
C PRO A 21 3.39 -0.46 -14.34
N LYS A 22 4.36 -0.52 -15.23
CA LYS A 22 5.79 -0.42 -14.83
C LYS A 22 6.22 1.04 -14.69
N VAL A 23 6.24 1.55 -13.49
CA VAL A 23 6.66 2.98 -13.26
C VAL A 23 7.39 3.10 -11.91
N GLU A 24 8.40 3.93 -11.85
CA GLU A 24 9.14 4.15 -10.57
C GLU A 24 8.63 5.43 -9.88
N LEU A 25 8.04 5.29 -8.72
CA LEU A 25 7.46 6.47 -8.02
C LEU A 25 8.47 7.05 -7.01
N PRO A 26 8.64 8.37 -6.97
CA PRO A 26 9.49 9.01 -5.93
C PRO A 26 8.95 8.71 -4.50
N PRO A 27 9.77 8.96 -3.49
CA PRO A 27 9.39 8.58 -2.09
C PRO A 27 8.14 9.33 -1.60
N ASP A 28 7.77 10.41 -2.24
CA ASP A 28 6.62 11.25 -1.73
C ASP A 28 5.28 10.53 -1.95
N PHE A 29 5.19 9.68 -2.95
CA PHE A 29 3.91 8.94 -3.23
C PHE A 29 3.49 8.10 -2.01
N VAL A 30 4.37 7.25 -1.53
CA VAL A 30 4.01 6.25 -0.45
C VAL A 30 3.40 6.97 0.77
N ASP A 31 3.96 8.10 1.16
CA ASP A 31 3.40 8.90 2.29
C ASP A 31 2.00 9.43 1.94
N VAL A 32 1.80 9.86 0.71
CA VAL A 32 0.47 10.42 0.29
C VAL A 32 -0.57 9.29 0.25
N ILE A 33 -0.19 8.14 -0.25
CA ILE A 33 -1.14 6.96 -0.30
C ILE A 33 -1.53 6.54 1.13
N ARG A 34 -0.57 6.48 2.02
CA ARG A 34 -0.86 6.06 3.44
C ARG A 34 -1.86 7.03 4.10
N ILE A 35 -1.69 8.32 3.89
CA ILE A 35 -2.60 9.33 4.52
C ILE A 35 -4.04 9.18 3.98
N LYS A 36 -4.17 8.98 2.69
CA LYS A 36 -5.53 8.80 2.07
C LYS A 36 -6.19 7.51 2.56
N LEU A 37 -5.43 6.43 2.61
CA LEU A 37 -6.05 5.07 2.76
C LEU A 37 -6.21 4.67 4.24
N GLN A 38 -5.37 5.20 5.11
CA GLN A 38 -5.39 4.75 6.57
C GLN A 38 -6.80 4.80 7.18
N GLY A 39 -7.08 3.88 8.08
CA GLY A 39 -8.46 3.74 8.64
C GLY A 39 -9.23 2.63 7.89
N LYS A 40 -8.87 2.36 6.65
CA LYS A 40 -9.51 1.23 5.90
C LYS A 40 -8.73 -0.06 6.14
N THR A 41 -9.39 -1.19 6.00
CA THR A 41 -8.72 -2.52 6.24
C THR A 41 -8.30 -3.14 4.91
N VAL A 42 -7.21 -3.88 4.91
CA VAL A 42 -6.68 -4.49 3.65
C VAL A 42 -6.40 -5.98 3.86
N ARG A 43 -6.69 -6.79 2.86
CA ARG A 43 -6.36 -8.24 2.92
C ARG A 43 -5.74 -8.69 1.60
N THR A 44 -4.87 -9.69 1.64
CA THR A 44 -4.12 -10.12 0.41
C THR A 44 -5.07 -10.47 -0.75
N GLY A 45 -4.73 -10.06 -1.95
CA GLY A 45 -5.54 -10.44 -3.15
C GLY A 45 -6.50 -9.31 -3.55
N ASP A 46 -6.78 -8.36 -2.67
CA ASP A 46 -7.69 -7.22 -3.04
C ASP A 46 -7.07 -6.36 -4.16
N VAL A 47 -7.90 -5.74 -4.96
CA VAL A 47 -7.40 -4.83 -6.05
C VAL A 47 -8.20 -3.53 -6.02
N ILE A 48 -7.52 -2.40 -6.06
CA ILE A 48 -8.21 -1.08 -6.04
C ILE A 48 -7.56 -0.12 -7.04
N GLY A 49 -8.32 0.81 -7.57
CA GLY A 49 -7.77 1.78 -8.56
C GLY A 49 -7.67 3.17 -7.92
N ILE A 50 -6.61 3.90 -8.20
CA ILE A 50 -6.46 5.29 -7.67
C ILE A 50 -6.24 6.25 -8.84
N SER A 51 -6.91 7.39 -8.83
CA SER A 51 -6.62 8.46 -9.83
C SER A 51 -5.54 9.41 -9.28
N ILE A 52 -4.43 9.51 -9.99
CA ILE A 52 -3.33 10.43 -9.54
C ILE A 52 -2.90 11.32 -10.72
N LEU A 53 -2.86 12.62 -10.51
CA LEU A 53 -2.36 13.59 -11.56
C LEU A 53 -3.06 13.37 -12.91
N GLY A 54 -4.30 12.97 -12.88
CA GLY A 54 -5.08 12.78 -14.15
C GLY A 54 -4.67 11.48 -14.86
N LYS A 55 -4.14 10.52 -14.13
CA LYS A 55 -3.71 9.23 -14.75
C LYS A 55 -4.20 8.05 -13.91
N GLU A 56 -4.81 7.07 -14.55
CA GLU A 56 -5.34 5.88 -13.81
C GLU A 56 -4.21 4.88 -13.51
N VAL A 57 -4.05 4.50 -12.27
CA VAL A 57 -3.06 3.44 -11.90
C VAL A 57 -3.76 2.34 -11.08
N LYS A 58 -3.52 1.09 -11.43
CA LYS A 58 -4.09 -0.05 -10.65
C LYS A 58 -3.06 -0.58 -9.64
N PHE A 59 -3.47 -0.81 -8.41
CA PHE A 59 -2.55 -1.41 -7.39
C PHE A 59 -3.12 -2.74 -6.89
N LYS A 60 -2.30 -3.75 -6.84
CA LYS A 60 -2.72 -5.05 -6.24
C LYS A 60 -2.06 -5.23 -4.86
N VAL A 61 -2.78 -5.82 -3.93
CA VAL A 61 -2.19 -6.09 -2.57
C VAL A 61 -1.48 -7.45 -2.59
N VAL A 62 -0.18 -7.45 -2.40
CA VAL A 62 0.61 -8.71 -2.55
C VAL A 62 0.46 -9.54 -1.26
N GLN A 63 0.54 -8.91 -0.12
CA GLN A 63 0.43 -9.64 1.18
C GLN A 63 0.11 -8.67 2.32
N ALA A 64 -0.80 -9.04 3.18
CA ALA A 64 -1.06 -8.24 4.43
C ALA A 64 -0.47 -8.96 5.65
N TYR A 65 0.25 -8.25 6.49
CA TYR A 65 0.87 -8.87 7.69
C TYR A 65 0.52 -8.06 8.95
N PRO A 66 -0.23 -8.63 9.90
CA PRO A 66 -1.05 -9.88 9.72
C PRO A 66 -2.27 -9.59 8.85
N SER A 67 -2.90 -10.62 8.33
CA SER A 67 -4.12 -10.42 7.49
C SER A 67 -5.38 -10.74 8.31
N PRO A 68 -6.47 -9.99 8.13
CA PRO A 68 -6.45 -8.60 7.59
C PRO A 68 -5.87 -7.63 8.62
N LEU A 69 -5.50 -6.44 8.19
CA LEU A 69 -5.06 -5.38 9.15
C LEU A 69 -5.56 -3.99 8.69
N ARG A 70 -5.70 -3.07 9.61
CA ARG A 70 -6.02 -1.66 9.22
C ARG A 70 -4.72 -0.86 9.01
N VAL A 71 -4.70 0.01 8.05
CA VAL A 71 -3.47 0.82 7.75
C VAL A 71 -3.41 2.03 8.68
N GLU A 72 -2.28 2.27 9.28
CA GLU A 72 -2.12 3.45 10.20
C GLU A 72 -0.86 4.24 9.83
N ASP A 73 -0.64 5.35 10.49
CA ASP A 73 0.68 6.07 10.38
C ASP A 73 1.83 5.19 10.90
N ARG A 74 1.54 4.32 11.84
CA ARG A 74 2.60 3.43 12.43
C ARG A 74 2.82 2.19 11.55
N THR A 75 1.87 1.82 10.73
CA THR A 75 2.05 0.66 9.80
C THR A 75 3.01 1.02 8.67
N LYS A 76 3.97 0.17 8.40
CA LYS A 76 4.97 0.44 7.31
C LYS A 76 4.44 -0.07 5.97
N ILE A 77 4.67 0.65 4.90
CA ILE A 77 4.23 0.20 3.54
C ILE A 77 5.43 0.19 2.59
N THR A 78 5.59 -0.88 1.84
CA THR A 78 6.76 -1.00 0.91
C THR A 78 6.29 -1.28 -0.51
N LEU A 79 6.96 -0.72 -1.49
CA LEU A 79 6.61 -0.98 -2.92
C LEU A 79 7.56 -2.03 -3.50
N VAL A 80 7.00 -3.10 -4.04
CA VAL A 80 7.85 -4.19 -4.64
C VAL A 80 7.95 -3.96 -6.15
N THR A 81 9.11 -4.21 -6.71
CA THR A 81 9.27 -4.16 -8.20
C THR A 81 10.32 -5.18 -8.66
N HIS A 82 9.93 -6.12 -9.49
CA HIS A 82 10.88 -7.16 -9.98
C HIS A 82 10.46 -7.65 -11.39
N PRO A 83 11.07 -7.09 -12.43
CA PRO A 83 10.74 -7.53 -13.82
C PRO A 83 11.16 -8.99 -14.04
N GLU A 8 15.62 -7.18 19.92
CA GLU A 8 14.37 -6.70 19.24
C GLU A 8 13.14 -7.32 19.87
N GLY A 9 12.22 -6.51 20.36
CA GLY A 9 10.96 -7.04 20.96
C GLY A 9 9.83 -6.03 20.74
N VAL A 10 9.38 -5.90 19.50
CA VAL A 10 8.33 -4.89 19.17
C VAL A 10 7.45 -5.44 18.04
N ILE A 11 6.20 -5.04 17.99
CA ILE A 11 5.27 -5.50 16.91
C ILE A 11 5.37 -4.54 15.72
N MET A 12 5.24 -5.05 14.51
CA MET A 12 5.33 -4.20 13.30
C MET A 12 4.39 -4.71 12.21
N SER A 13 3.46 -3.88 11.78
CA SER A 13 2.52 -4.25 10.68
C SER A 13 3.00 -3.65 9.35
N GLU A 14 2.67 -4.29 8.25
CA GLU A 14 3.20 -3.84 6.92
C GLU A 14 2.21 -4.17 5.80
N LEU A 15 2.17 -3.33 4.78
CA LEU A 15 1.36 -3.64 3.56
C LEU A 15 2.25 -3.57 2.32
N LYS A 16 2.36 -4.66 1.59
CA LYS A 16 3.20 -4.67 0.34
C LYS A 16 2.31 -4.61 -0.90
N LEU A 17 2.53 -3.62 -1.74
CA LEU A 17 1.72 -3.48 -2.99
C LEU A 17 2.62 -3.68 -4.22
N LYS A 18 2.05 -4.09 -5.32
CA LYS A 18 2.79 -4.12 -6.62
C LYS A 18 1.95 -3.39 -7.70
N PRO A 19 2.57 -2.47 -8.45
CA PRO A 19 1.85 -1.81 -9.57
C PRO A 19 1.72 -2.76 -10.76
N LEU A 20 0.56 -2.79 -11.37
CA LEU A 20 0.37 -3.64 -12.60
C LEU A 20 1.03 -3.02 -13.88
N PRO A 21 0.82 -1.73 -14.22
CA PRO A 21 1.69 -1.11 -15.28
C PRO A 21 3.11 -0.93 -14.74
N LYS A 22 4.06 -0.72 -15.62
CA LYS A 22 5.49 -0.51 -15.19
C LYS A 22 5.70 0.97 -14.83
N VAL A 23 5.50 1.32 -13.58
CA VAL A 23 5.68 2.74 -13.13
C VAL A 23 6.20 2.77 -11.68
N GLU A 24 7.05 3.73 -11.37
CA GLU A 24 7.57 3.88 -9.98
C GLU A 24 7.28 5.30 -9.46
N LEU A 25 6.66 5.40 -8.30
CA LEU A 25 6.31 6.74 -7.74
C LEU A 25 7.42 7.24 -6.80
N PRO A 26 7.70 8.53 -6.81
CA PRO A 26 8.73 9.11 -5.88
C PRO A 26 8.39 8.82 -4.40
N PRO A 27 9.38 8.95 -3.52
CA PRO A 27 9.20 8.53 -2.09
C PRO A 27 8.18 9.41 -1.34
N ASP A 28 7.73 10.52 -1.92
CA ASP A 28 6.71 11.37 -1.22
C ASP A 28 5.31 10.75 -1.35
N PHE A 29 5.05 10.01 -2.41
CA PHE A 29 3.69 9.40 -2.62
C PHE A 29 3.33 8.46 -1.46
N VAL A 30 4.26 7.63 -1.04
CA VAL A 30 3.93 6.56 -0.04
C VAL A 30 3.36 7.16 1.25
N ASP A 31 3.83 8.34 1.63
CA ASP A 31 3.29 9.03 2.85
C ASP A 31 1.86 9.50 2.60
N VAL A 32 1.61 10.05 1.42
CA VAL A 32 0.24 10.59 1.11
C VAL A 32 -0.77 9.43 1.02
N ILE A 33 -0.36 8.33 0.42
CA ILE A 33 -1.26 7.13 0.33
C ILE A 33 -1.56 6.58 1.73
N ARG A 34 -0.59 6.58 2.61
CA ARG A 34 -0.82 6.16 4.04
C ARG A 34 -1.89 7.03 4.72
N ILE A 35 -1.83 8.32 4.50
CA ILE A 35 -2.81 9.25 5.17
C ILE A 35 -4.23 9.00 4.64
N LYS A 36 -4.38 8.88 3.33
CA LYS A 36 -5.75 8.69 2.73
C LYS A 36 -6.33 7.32 3.11
N LEU A 37 -5.49 6.31 3.23
CA LEU A 37 -5.99 4.90 3.37
C LEU A 37 -6.23 4.53 4.84
N GLN A 38 -5.39 5.02 5.74
CA GLN A 38 -5.43 4.57 7.18
C GLN A 38 -6.85 4.65 7.78
N GLY A 39 -7.18 3.71 8.66
CA GLY A 39 -8.57 3.60 9.19
C GLY A 39 -9.34 2.52 8.40
N LYS A 40 -8.98 2.29 7.16
CA LYS A 40 -9.64 1.20 6.37
C LYS A 40 -8.88 -0.12 6.55
N THR A 41 -9.56 -1.23 6.35
CA THR A 41 -8.90 -2.57 6.53
C THR A 41 -8.49 -3.14 5.17
N VAL A 42 -7.43 -3.92 5.15
CA VAL A 42 -6.89 -4.48 3.87
C VAL A 42 -6.64 -5.98 4.01
N ARG A 43 -6.92 -6.74 2.97
CA ARG A 43 -6.60 -8.20 2.96
C ARG A 43 -5.96 -8.58 1.62
N THR A 44 -5.04 -9.52 1.63
CA THR A 44 -4.30 -9.90 0.38
C THR A 44 -5.26 -10.30 -0.76
N GLY A 45 -4.96 -9.89 -1.97
CA GLY A 45 -5.82 -10.26 -3.14
C GLY A 45 -6.76 -9.10 -3.52
N ASP A 46 -6.99 -8.15 -2.63
CA ASP A 46 -7.85 -6.96 -3.00
C ASP A 46 -7.19 -6.14 -4.10
N VAL A 47 -7.98 -5.47 -4.91
CA VAL A 47 -7.43 -4.61 -6.01
C VAL A 47 -8.15 -3.25 -6.00
N ILE A 48 -7.40 -2.17 -6.05
CA ILE A 48 -8.02 -0.81 -6.04
C ILE A 48 -7.32 0.10 -7.05
N GLY A 49 -8.05 1.03 -7.64
CA GLY A 49 -7.46 1.93 -8.68
C GLY A 49 -7.33 3.35 -8.10
N ILE A 50 -6.22 4.00 -8.39
CA ILE A 50 -6.03 5.42 -7.93
C ILE A 50 -5.63 6.29 -9.13
N SER A 51 -6.16 7.48 -9.20
CA SER A 51 -5.77 8.45 -10.29
C SER A 51 -4.56 9.28 -9.85
N ILE A 52 -3.54 9.34 -10.67
CA ILE A 52 -2.35 10.20 -10.37
C ILE A 52 -2.05 11.09 -11.58
N LEU A 53 -2.06 12.40 -11.40
CA LEU A 53 -1.72 13.38 -12.49
C LEU A 53 -2.52 13.10 -13.77
N GLY A 54 -3.74 12.62 -13.62
CA GLY A 54 -4.61 12.35 -14.81
C GLY A 54 -4.22 11.01 -15.47
N LYS A 55 -3.61 10.10 -14.72
CA LYS A 55 -3.27 8.76 -15.29
C LYS A 55 -3.73 7.66 -14.32
N GLU A 56 -4.50 6.72 -14.80
CA GLU A 56 -5.03 5.64 -13.89
C GLU A 56 -3.96 4.56 -13.67
N VAL A 57 -3.72 4.21 -12.43
CA VAL A 57 -2.83 3.05 -12.12
C VAL A 57 -3.56 2.03 -11.24
N LYS A 58 -3.49 0.76 -11.59
CA LYS A 58 -4.12 -0.30 -10.76
C LYS A 58 -3.08 -0.89 -9.80
N PHE A 59 -3.38 -0.92 -8.52
CA PHE A 59 -2.46 -1.53 -7.51
C PHE A 59 -3.08 -2.81 -6.93
N LYS A 60 -2.33 -3.88 -6.89
CA LYS A 60 -2.80 -5.13 -6.24
C LYS A 60 -2.12 -5.31 -4.88
N VAL A 61 -2.87 -5.75 -3.88
CA VAL A 61 -2.26 -6.03 -2.54
C VAL A 61 -1.58 -7.41 -2.58
N VAL A 62 -0.26 -7.41 -2.50
CA VAL A 62 0.50 -8.69 -2.64
C VAL A 62 0.43 -9.48 -1.33
N GLN A 63 0.54 -8.79 -0.21
CA GLN A 63 0.51 -9.48 1.12
C GLN A 63 0.24 -8.48 2.24
N ALA A 64 -0.71 -8.78 3.09
CA ALA A 64 -0.91 -7.97 4.34
C ALA A 64 -0.33 -8.73 5.55
N TYR A 65 0.35 -8.03 6.42
CA TYR A 65 0.96 -8.69 7.62
C TYR A 65 0.57 -7.92 8.90
N PRO A 66 -0.12 -8.55 9.85
CA PRO A 66 -0.88 -9.83 9.66
C PRO A 66 -2.14 -9.58 8.83
N SER A 67 -2.74 -10.63 8.30
CA SER A 67 -3.99 -10.46 7.49
C SER A 67 -5.22 -10.86 8.34
N PRO A 68 -6.35 -10.18 8.19
CA PRO A 68 -6.42 -8.77 7.69
C PRO A 68 -5.87 -7.80 8.75
N LEU A 69 -5.59 -6.58 8.35
CA LEU A 69 -5.17 -5.52 9.34
C LEU A 69 -5.73 -4.16 8.93
N ARG A 70 -5.88 -3.26 9.88
CA ARG A 70 -6.21 -1.84 9.54
C ARG A 70 -4.91 -1.04 9.36
N VAL A 71 -4.88 -0.15 8.40
CA VAL A 71 -3.64 0.63 8.11
C VAL A 71 -3.55 1.82 9.08
N GLU A 72 -2.39 2.06 9.63
CA GLU A 72 -2.21 3.17 10.62
C GLU A 72 -0.98 4.01 10.25
N ASP A 73 -0.75 5.08 10.97
CA ASP A 73 0.57 5.81 10.86
C ASP A 73 1.74 4.92 11.24
N ARG A 74 1.52 3.96 12.13
CA ARG A 74 2.62 3.06 12.58
C ARG A 74 2.84 1.89 11.60
N THR A 75 1.85 1.58 10.80
CA THR A 75 2.02 0.50 9.75
C THR A 75 2.87 1.03 8.59
N LYS A 76 3.90 0.30 8.21
CA LYS A 76 4.78 0.75 7.08
C LYS A 76 4.23 0.21 5.75
N ILE A 77 4.38 0.97 4.69
CA ILE A 77 3.92 0.50 3.34
C ILE A 77 5.08 0.59 2.34
N THR A 78 5.23 -0.42 1.52
CA THR A 78 6.40 -0.48 0.58
C THR A 78 5.93 -0.77 -0.84
N LEU A 79 6.57 -0.17 -1.82
CA LEU A 79 6.26 -0.48 -3.25
C LEU A 79 7.28 -1.47 -3.81
N VAL A 80 6.83 -2.62 -4.29
CA VAL A 80 7.76 -3.65 -4.83
C VAL A 80 7.89 -3.47 -6.35
N THR A 81 9.09 -3.69 -6.88
CA THR A 81 9.28 -3.70 -8.36
C THR A 81 10.36 -4.71 -8.74
N HIS A 82 10.40 -5.09 -10.00
CA HIS A 82 11.41 -6.10 -10.46
C HIS A 82 12.28 -5.50 -11.59
N PRO A 83 13.45 -4.98 -11.26
CA PRO A 83 14.37 -4.43 -12.29
C PRO A 83 14.86 -5.54 -13.24
N GLU A 8 2.61 -0.35 25.68
CA GLU A 8 3.91 -1.08 25.78
C GLU A 8 3.90 -2.33 24.91
N GLY A 9 5.00 -2.65 24.27
CA GLY A 9 5.07 -3.83 23.36
C GLY A 9 5.14 -3.34 21.91
N VAL A 10 6.09 -3.86 21.15
CA VAL A 10 6.27 -3.42 19.73
C VAL A 10 5.44 -4.32 18.81
N ILE A 11 4.66 -3.73 17.94
CA ILE A 11 3.87 -4.53 16.94
C ILE A 11 4.27 -4.10 15.52
N MET A 12 4.88 -4.99 14.78
CA MET A 12 5.27 -4.67 13.36
C MET A 12 4.11 -4.97 12.40
N SER A 13 3.57 -3.93 11.78
CA SER A 13 2.52 -4.14 10.73
C SER A 13 3.00 -3.57 9.40
N GLU A 14 2.69 -4.23 8.31
CA GLU A 14 3.22 -3.81 6.97
C GLU A 14 2.25 -4.20 5.86
N LEU A 15 2.15 -3.38 4.84
CA LEU A 15 1.37 -3.75 3.61
C LEU A 15 2.29 -3.75 2.39
N LYS A 16 2.33 -4.85 1.66
CA LYS A 16 3.15 -4.92 0.42
C LYS A 16 2.27 -4.74 -0.81
N LEU A 17 2.48 -3.68 -1.55
CA LEU A 17 1.64 -3.40 -2.76
C LEU A 17 2.50 -3.48 -4.03
N LYS A 18 1.89 -3.82 -5.14
CA LYS A 18 2.60 -3.79 -6.46
C LYS A 18 1.75 -3.05 -7.50
N PRO A 19 2.33 -2.06 -8.18
CA PRO A 19 1.59 -1.40 -9.30
C PRO A 19 1.61 -2.29 -10.54
N LEU A 20 0.49 -2.40 -11.23
CA LEU A 20 0.44 -3.21 -12.50
C LEU A 20 1.16 -2.52 -13.69
N PRO A 21 0.94 -1.23 -14.01
CA PRO A 21 1.85 -0.55 -14.98
C PRO A 21 3.25 -0.37 -14.37
N LYS A 22 4.27 -0.36 -15.19
CA LYS A 22 5.67 -0.26 -14.67
C LYS A 22 6.05 1.20 -14.43
N VAL A 23 5.97 1.65 -13.19
CA VAL A 23 6.34 3.06 -12.87
C VAL A 23 6.97 3.12 -11.46
N GLU A 24 7.99 3.93 -11.28
CA GLU A 24 8.63 4.10 -9.94
C GLU A 24 8.42 5.54 -9.44
N LEU A 25 7.67 5.71 -8.38
CA LEU A 25 7.37 7.08 -7.87
C LEU A 25 8.37 7.46 -6.74
N PRO A 26 8.64 8.75 -6.59
CA PRO A 26 9.54 9.21 -5.48
C PRO A 26 8.99 8.79 -4.10
N PRO A 27 9.85 8.82 -3.08
CA PRO A 27 9.45 8.30 -1.74
C PRO A 27 8.29 9.10 -1.11
N ASP A 28 8.02 10.29 -1.60
CA ASP A 28 6.96 11.16 -0.96
C ASP A 28 5.55 10.61 -1.27
N PHE A 29 5.39 9.92 -2.37
CA PHE A 29 4.05 9.34 -2.74
C PHE A 29 3.55 8.38 -1.65
N VAL A 30 4.38 7.44 -1.25
CA VAL A 30 3.93 6.36 -0.29
C VAL A 30 3.34 6.97 0.99
N ASP A 31 3.95 8.01 1.50
CA ASP A 31 3.39 8.72 2.71
C ASP A 31 2.03 9.35 2.40
N VAL A 32 1.90 9.93 1.23
CA VAL A 32 0.59 10.61 0.87
C VAL A 32 -0.50 9.56 0.66
N ILE A 33 -0.17 8.45 0.04
CA ILE A 33 -1.16 7.33 -0.16
C ILE A 33 -1.59 6.77 1.22
N ARG A 34 -0.65 6.60 2.12
CA ARG A 34 -0.97 6.08 3.50
C ARG A 34 -1.98 6.99 4.21
N ILE A 35 -1.83 8.29 4.07
CA ILE A 35 -2.78 9.27 4.73
C ILE A 35 -4.19 9.11 4.11
N LYS A 36 -4.26 8.98 2.82
CA LYS A 36 -5.60 8.80 2.13
C LYS A 36 -6.25 7.47 2.54
N LEU A 37 -5.47 6.41 2.61
CA LEU A 37 -6.06 5.04 2.74
C LEU A 37 -6.26 4.63 4.21
N GLN A 38 -5.43 5.13 5.11
CA GLN A 38 -5.47 4.68 6.55
C GLN A 38 -6.89 4.73 7.15
N GLY A 39 -7.17 3.85 8.07
CA GLY A 39 -8.55 3.72 8.62
C GLY A 39 -9.31 2.59 7.91
N LYS A 40 -8.97 2.30 6.68
CA LYS A 40 -9.60 1.13 5.96
C LYS A 40 -8.80 -0.14 6.22
N THR A 41 -9.44 -1.28 6.11
CA THR A 41 -8.74 -2.59 6.34
C THR A 41 -8.37 -3.23 5.00
N VAL A 42 -7.30 -3.98 4.98
CA VAL A 42 -6.81 -4.60 3.71
C VAL A 42 -6.49 -6.09 3.91
N ARG A 43 -6.71 -6.89 2.89
CA ARG A 43 -6.32 -8.33 2.94
C ARG A 43 -5.66 -8.73 1.62
N THR A 44 -4.73 -9.66 1.66
CA THR A 44 -3.98 -10.08 0.42
C THR A 44 -4.94 -10.51 -0.70
N GLY A 45 -4.66 -10.12 -1.93
CA GLY A 45 -5.50 -10.54 -3.09
C GLY A 45 -6.52 -9.46 -3.48
N ASP A 46 -6.79 -8.52 -2.60
CA ASP A 46 -7.74 -7.39 -2.96
C ASP A 46 -7.15 -6.54 -4.10
N VAL A 47 -8.01 -5.90 -4.87
CA VAL A 47 -7.54 -4.99 -5.95
C VAL A 47 -8.32 -3.67 -5.87
N ILE A 48 -7.62 -2.55 -5.92
CA ILE A 48 -8.30 -1.22 -5.82
C ILE A 48 -7.70 -0.25 -6.85
N GLY A 49 -8.47 0.74 -7.26
CA GLY A 49 -7.98 1.71 -8.30
C GLY A 49 -7.74 3.07 -7.66
N ILE A 50 -6.67 3.72 -8.03
CA ILE A 50 -6.41 5.12 -7.55
C ILE A 50 -6.09 6.02 -8.75
N SER A 51 -6.57 7.25 -8.73
CA SER A 51 -6.16 8.24 -9.76
C SER A 51 -4.89 8.99 -9.31
N ILE A 52 -3.83 8.88 -10.06
CA ILE A 52 -2.52 9.51 -9.66
C ILE A 52 -2.01 10.41 -10.79
N LEU A 53 -1.72 11.67 -10.48
CA LEU A 53 -1.06 12.61 -11.44
C LEU A 53 -1.82 12.66 -12.79
N GLY A 54 -3.13 12.57 -12.74
CA GLY A 54 -3.95 12.69 -13.98
C GLY A 54 -3.90 11.39 -14.81
N LYS A 55 -3.59 10.27 -14.18
CA LYS A 55 -3.55 8.97 -14.92
C LYS A 55 -4.07 7.85 -14.03
N GLU A 56 -4.91 6.99 -14.57
CA GLU A 56 -5.52 5.90 -13.74
C GLU A 56 -4.50 4.75 -13.55
N VAL A 57 -4.26 4.36 -12.32
CA VAL A 57 -3.33 3.23 -12.03
C VAL A 57 -4.05 2.16 -11.18
N LYS A 58 -3.91 0.91 -11.56
CA LYS A 58 -4.50 -0.21 -10.76
C LYS A 58 -3.44 -0.80 -9.82
N PHE A 59 -3.80 -1.00 -8.57
CA PHE A 59 -2.82 -1.56 -7.57
C PHE A 59 -3.34 -2.89 -7.02
N LYS A 60 -2.51 -3.91 -7.00
CA LYS A 60 -2.89 -5.20 -6.35
C LYS A 60 -2.19 -5.34 -5.00
N VAL A 61 -2.87 -5.89 -4.02
CA VAL A 61 -2.24 -6.12 -2.68
C VAL A 61 -1.48 -7.45 -2.71
N VAL A 62 -0.17 -7.39 -2.56
CA VAL A 62 0.68 -8.63 -2.70
C VAL A 62 0.56 -9.45 -1.41
N GLN A 63 0.64 -8.79 -0.26
CA GLN A 63 0.54 -9.52 1.04
C GLN A 63 0.18 -8.55 2.16
N ALA A 64 -0.72 -8.94 3.03
CA ALA A 64 -1.01 -8.15 4.27
C ALA A 64 -0.41 -8.86 5.49
N TYR A 65 0.31 -8.13 6.31
CA TYR A 65 0.94 -8.74 7.53
C TYR A 65 0.61 -7.90 8.77
N PRO A 66 -0.04 -8.46 9.79
CA PRO A 66 -0.84 -9.73 9.69
C PRO A 66 -2.15 -9.49 8.95
N SER A 67 -2.80 -10.53 8.49
CA SER A 67 -4.12 -10.38 7.78
C SER A 67 -5.27 -10.74 8.74
N PRO A 68 -6.40 -10.05 8.67
CA PRO A 68 -6.51 -8.68 8.09
C PRO A 68 -5.85 -7.64 9.00
N LEU A 69 -5.55 -6.48 8.48
CA LEU A 69 -5.07 -5.34 9.33
C LEU A 69 -5.64 -4.01 8.84
N ARG A 70 -5.74 -3.04 9.72
CA ARG A 70 -6.06 -1.65 9.29
C ARG A 70 -4.77 -0.85 9.07
N VAL A 71 -4.76 0.01 8.08
CA VAL A 71 -3.53 0.82 7.77
C VAL A 71 -3.51 2.07 8.67
N GLU A 72 -2.38 2.32 9.29
CA GLU A 72 -2.25 3.51 10.19
C GLU A 72 -0.98 4.29 9.85
N ASP A 73 -0.76 5.40 10.54
CA ASP A 73 0.58 6.10 10.45
C ASP A 73 1.70 5.19 10.97
N ARG A 74 1.38 4.28 11.87
CA ARG A 74 2.43 3.36 12.44
C ARG A 74 2.68 2.16 11.50
N THR A 75 1.75 1.85 10.63
CA THR A 75 1.96 0.72 9.65
C THR A 75 2.84 1.18 8.48
N LYS A 76 3.86 0.43 8.16
CA LYS A 76 4.77 0.80 7.02
C LYS A 76 4.24 0.23 5.71
N ILE A 77 4.40 0.94 4.62
CA ILE A 77 3.95 0.44 3.29
C ILE A 77 5.12 0.48 2.29
N THR A 78 5.29 -0.57 1.53
CA THR A 78 6.45 -0.65 0.57
C THR A 78 5.93 -0.92 -0.85
N LEU A 79 6.54 -0.30 -1.83
CA LEU A 79 6.18 -0.56 -3.25
C LEU A 79 7.21 -1.51 -3.89
N VAL A 80 6.73 -2.59 -4.47
CA VAL A 80 7.65 -3.55 -5.16
C VAL A 80 7.71 -3.21 -6.65
N THR A 81 8.90 -3.14 -7.22
CA THR A 81 9.05 -2.97 -8.69
C THR A 81 10.32 -3.67 -9.18
N HIS A 82 10.68 -4.78 -8.56
CA HIS A 82 11.92 -5.52 -8.96
C HIS A 82 11.57 -6.96 -9.36
N PRO A 83 11.41 -7.22 -10.65
CA PRO A 83 11.09 -8.60 -11.12
C PRO A 83 12.31 -9.51 -10.90
N GLU A 8 7.24 -0.38 27.43
CA GLU A 8 5.93 -1.07 27.16
C GLU A 8 6.04 -2.08 26.00
N GLY A 9 4.93 -2.62 25.55
CA GLY A 9 4.94 -3.59 24.42
C GLY A 9 5.16 -2.84 23.10
N VAL A 10 5.22 -3.57 22.01
CA VAL A 10 5.46 -2.92 20.68
C VAL A 10 4.70 -3.70 19.60
N ILE A 11 4.04 -3.01 18.70
CA ILE A 11 3.30 -3.68 17.58
C ILE A 11 3.95 -3.31 16.25
N MET A 12 3.85 -4.19 15.27
CA MET A 12 4.49 -3.92 13.94
C MET A 12 3.64 -4.51 12.81
N SER A 13 3.17 -3.67 11.92
CA SER A 13 2.36 -4.14 10.76
C SER A 13 2.93 -3.60 9.45
N GLU A 14 2.71 -4.29 8.35
CA GLU A 14 3.29 -3.87 7.04
C GLU A 14 2.39 -4.30 5.88
N LEU A 15 2.44 -3.59 4.78
CA LEU A 15 1.67 -3.99 3.56
C LEU A 15 2.58 -3.97 2.33
N LYS A 16 2.61 -5.06 1.60
CA LYS A 16 3.39 -5.11 0.32
C LYS A 16 2.46 -4.88 -0.87
N LEU A 17 2.65 -3.81 -1.59
CA LEU A 17 1.79 -3.50 -2.77
C LEU A 17 2.61 -3.55 -4.06
N LYS A 18 1.99 -3.90 -5.16
CA LYS A 18 2.69 -3.91 -6.48
C LYS A 18 1.84 -3.17 -7.53
N PRO A 19 2.44 -2.22 -8.25
CA PRO A 19 1.71 -1.56 -9.37
C PRO A 19 1.68 -2.48 -10.59
N LEU A 20 0.57 -2.51 -11.29
CA LEU A 20 0.47 -3.32 -12.55
C LEU A 20 1.16 -2.65 -13.78
N PRO A 21 0.92 -1.35 -14.10
CA PRO A 21 1.79 -0.68 -15.10
C PRO A 21 3.20 -0.48 -14.53
N LYS A 22 4.19 -0.30 -15.38
CA LYS A 22 5.59 -0.10 -14.91
C LYS A 22 5.82 1.38 -14.56
N VAL A 23 5.78 1.72 -13.29
CA VAL A 23 5.99 3.13 -12.86
C VAL A 23 6.73 3.18 -11.52
N GLU A 24 7.64 4.11 -11.36
CA GLU A 24 8.38 4.26 -10.07
C GLU A 24 7.98 5.57 -9.38
N LEU A 25 7.38 5.47 -8.21
CA LEU A 25 6.91 6.70 -7.49
C LEU A 25 7.97 7.15 -6.47
N PRO A 26 8.37 8.42 -6.53
CA PRO A 26 9.38 8.95 -5.55
C PRO A 26 8.93 8.75 -4.08
N PRO A 27 9.85 8.92 -3.14
CA PRO A 27 9.58 8.57 -1.72
C PRO A 27 8.51 9.47 -1.07
N ASP A 28 8.09 10.53 -1.72
CA ASP A 28 7.01 11.41 -1.14
C ASP A 28 5.64 10.74 -1.28
N PHE A 29 5.44 9.95 -2.32
CA PHE A 29 4.10 9.30 -2.56
C PHE A 29 3.70 8.42 -1.38
N VAL A 30 4.62 7.63 -0.86
CA VAL A 30 4.25 6.59 0.18
C VAL A 30 3.60 7.27 1.41
N ASP A 31 4.03 8.46 1.74
CA ASP A 31 3.41 9.22 2.89
C ASP A 31 1.99 9.65 2.53
N VAL A 32 1.80 10.12 1.31
CA VAL A 32 0.44 10.61 0.89
C VAL A 32 -0.53 9.43 0.80
N ILE A 33 -0.08 8.31 0.28
CA ILE A 33 -0.96 7.09 0.19
C ILE A 33 -1.33 6.60 1.61
N ARG A 34 -0.39 6.63 2.52
CA ARG A 34 -0.67 6.23 3.95
C ARG A 34 -1.79 7.10 4.56
N ILE A 35 -1.74 8.39 4.34
CA ILE A 35 -2.76 9.31 4.95
C ILE A 35 -4.15 9.05 4.34
N LYS A 36 -4.22 8.92 3.02
CA LYS A 36 -5.54 8.71 2.36
C LYS A 36 -6.14 7.33 2.72
N LEU A 37 -5.30 6.34 2.93
CA LEU A 37 -5.80 4.94 3.09
C LEU A 37 -6.08 4.61 4.56
N GLN A 38 -5.28 5.12 5.48
CA GLN A 38 -5.36 4.69 6.92
C GLN A 38 -6.79 4.76 7.49
N GLY A 39 -7.13 3.84 8.37
CA GLY A 39 -8.53 3.72 8.86
C GLY A 39 -9.29 2.64 8.07
N LYS A 40 -8.91 2.40 6.83
CA LYS A 40 -9.53 1.29 6.04
C LYS A 40 -8.75 -0.01 6.25
N THR A 41 -9.40 -1.13 6.06
CA THR A 41 -8.74 -2.46 6.29
C THR A 41 -8.31 -3.06 4.95
N VAL A 42 -7.24 -3.82 4.95
CA VAL A 42 -6.71 -4.45 3.69
C VAL A 42 -6.41 -5.93 3.92
N ARG A 43 -6.71 -6.76 2.93
CA ARG A 43 -6.34 -8.20 2.99
C ARG A 43 -5.78 -8.64 1.64
N THR A 44 -4.86 -9.60 1.64
CA THR A 44 -4.19 -10.04 0.38
C THR A 44 -5.21 -10.46 -0.69
N GLY A 45 -4.96 -10.09 -1.94
CA GLY A 45 -5.87 -10.49 -3.05
C GLY A 45 -6.83 -9.34 -3.43
N ASP A 46 -7.00 -8.35 -2.57
CA ASP A 46 -7.86 -7.17 -2.93
C ASP A 46 -7.25 -6.38 -4.10
N VAL A 47 -8.07 -5.74 -4.88
CA VAL A 47 -7.58 -4.88 -6.00
C VAL A 47 -8.31 -3.54 -5.98
N ILE A 48 -7.58 -2.45 -6.06
CA ILE A 48 -8.22 -1.09 -6.03
C ILE A 48 -7.57 -0.17 -7.06
N GLY A 49 -8.31 0.82 -7.53
CA GLY A 49 -7.78 1.75 -8.57
C GLY A 49 -7.57 3.15 -7.96
N ILE A 50 -6.52 3.82 -8.36
CA ILE A 50 -6.28 5.22 -7.88
C ILE A 50 -6.05 6.15 -9.09
N SER A 51 -6.63 7.33 -9.05
CA SER A 51 -6.31 8.36 -10.09
C SER A 51 -5.13 9.23 -9.62
N ILE A 52 -4.08 9.28 -10.41
CA ILE A 52 -2.89 10.13 -10.05
C ILE A 52 -2.52 11.03 -11.23
N LEU A 53 -2.51 12.34 -11.03
CA LEU A 53 -2.08 13.32 -12.09
C LEU A 53 -2.82 13.08 -13.42
N GLY A 54 -4.06 12.63 -13.35
CA GLY A 54 -4.87 12.41 -14.58
C GLY A 54 -4.46 11.09 -15.27
N LYS A 55 -3.91 10.15 -14.53
CA LYS A 55 -3.53 8.83 -15.13
C LYS A 55 -4.06 7.69 -14.26
N GLU A 56 -4.75 6.74 -14.85
CA GLU A 56 -5.33 5.60 -14.07
C GLU A 56 -4.25 4.55 -13.80
N VAL A 57 -4.08 4.17 -12.55
CA VAL A 57 -3.15 3.05 -12.20
C VAL A 57 -3.91 1.99 -11.37
N LYS A 58 -3.76 0.73 -11.73
CA LYS A 58 -4.35 -0.37 -10.92
C LYS A 58 -3.31 -0.92 -9.93
N PHE A 59 -3.68 -1.08 -8.68
CA PHE A 59 -2.73 -1.60 -7.66
C PHE A 59 -3.23 -2.94 -7.10
N LYS A 60 -2.37 -3.93 -7.05
CA LYS A 60 -2.73 -5.24 -6.44
C LYS A 60 -2.13 -5.34 -5.03
N VAL A 61 -2.89 -5.86 -4.08
CA VAL A 61 -2.34 -6.13 -2.72
C VAL A 61 -1.64 -7.49 -2.71
N VAL A 62 -0.34 -7.50 -2.59
CA VAL A 62 0.44 -8.77 -2.74
C VAL A 62 0.36 -9.57 -1.44
N GLN A 63 0.49 -8.90 -0.32
CA GLN A 63 0.44 -9.61 1.00
C GLN A 63 0.21 -8.61 2.14
N ALA A 64 -0.75 -8.88 2.99
CA ALA A 64 -0.95 -8.07 4.23
C ALA A 64 -0.38 -8.80 5.44
N TYR A 65 0.34 -8.10 6.29
CA TYR A 65 0.94 -8.74 7.51
C TYR A 65 0.59 -7.91 8.76
N PRO A 66 -0.10 -8.47 9.75
CA PRO A 66 -0.89 -9.74 9.63
C PRO A 66 -2.16 -9.50 8.81
N SER A 67 -2.79 -10.55 8.33
CA SER A 67 -4.05 -10.39 7.54
C SER A 67 -5.27 -10.73 8.42
N PRO A 68 -6.39 -10.04 8.26
CA PRO A 68 -6.45 -8.64 7.72
C PRO A 68 -5.86 -7.65 8.74
N LEU A 69 -5.54 -6.46 8.30
CA LEU A 69 -5.10 -5.38 9.24
C LEU A 69 -5.66 -4.02 8.81
N ARG A 70 -5.79 -3.11 9.74
CA ARG A 70 -6.13 -1.69 9.38
C ARG A 70 -4.84 -0.89 9.18
N VAL A 71 -4.81 -0.03 8.18
CA VAL A 71 -3.58 0.76 7.88
C VAL A 71 -3.51 1.96 8.84
N GLU A 72 -2.36 2.17 9.45
CA GLU A 72 -2.20 3.29 10.43
C GLU A 72 -0.93 4.09 10.11
N ASP A 73 -0.67 5.14 10.87
CA ASP A 73 0.66 5.83 10.78
C ASP A 73 1.80 4.88 11.19
N ARG A 74 1.52 3.93 12.05
CA ARG A 74 2.59 2.98 12.52
C ARG A 74 2.78 1.82 11.53
N THR A 75 1.80 1.54 10.70
CA THR A 75 1.97 0.48 9.64
C THR A 75 2.84 1.03 8.49
N LYS A 76 3.90 0.33 8.16
CA LYS A 76 4.82 0.79 7.06
C LYS A 76 4.35 0.22 5.72
N ILE A 77 4.44 1.00 4.67
CA ILE A 77 4.03 0.53 3.31
C ILE A 77 5.26 0.43 2.40
N THR A 78 5.41 -0.67 1.70
CA THR A 78 6.59 -0.87 0.80
C THR A 78 6.14 -1.10 -0.64
N LEU A 79 6.82 -0.51 -1.59
CA LEU A 79 6.48 -0.70 -3.03
C LEU A 79 7.43 -1.73 -3.66
N VAL A 80 6.87 -2.76 -4.26
CA VAL A 80 7.71 -3.80 -4.94
C VAL A 80 7.83 -3.46 -6.44
N THR A 81 9.00 -3.66 -7.00
CA THR A 81 9.18 -3.50 -8.48
C THR A 81 10.22 -4.49 -8.99
N HIS A 82 10.31 -4.64 -10.30
CA HIS A 82 11.30 -5.59 -10.90
C HIS A 82 12.32 -4.82 -11.76
N PRO A 83 13.46 -4.46 -11.17
CA PRO A 83 14.51 -3.73 -11.93
C PRO A 83 15.15 -4.65 -12.98
#